data_8JJ6
#
_entry.id   8JJ6
#
_cell.length_a   156.614
_cell.length_b   166.709
_cell.length_c   75.025
_cell.angle_alpha   90.000
_cell.angle_beta   90.000
_cell.angle_gamma   90.000
#
_symmetry.space_group_name_H-M   'P 21 21 2'
#
loop_
_entity.id
_entity.type
_entity.pdbx_description
1 polymer 'Negative elongation factor B'
2 polymer 'Negative elongation factor complex member C/D'
3 polymer NELF-E
4 water water
#
loop_
_entity_poly.entity_id
_entity_poly.type
_entity_poly.pdbx_seq_one_letter_code
_entity_poly.pdbx_strand_id
1 'polypeptide(L)'
;MFAGLQDLGVANGEDLKETLTNCTEPLKAIEQFQTENGVLLPSLQSALPFLDLHGTPRLEFHQSVFDELRDKLLERVSAI
ASEGKAEERYKKLEDLLEKSFSLVKMPSLQPVVMCVMKHLPKVPEKKLKLVMADKELYRACAVEVKRQIWQDNQALFGDE
VSPLLKQYILEKESALFSTELSVLHNFFSPSPKTRRQGEVVQRLTRMVGKNVKLYDMVLQFLRTLFLRTRNVHYCTLRAE
LLMSLHDLDVGEICTVDPCHKFTWCLDACIRERFVDSKRARELQGFLDGVKKGQEQVLGDLSMILCDPFAINTLALSTVR
HLQELVGQETLPRDSPDLLLLLRLLALGQGAWDMIDSQVFKEPKMEVELITRFLPMLMSFLVDDYTFNVDQKLPAEEKAP
VSYPNTLPESFTKFLQEQRMACEVGLYYVLHITKQRNKNALLRLLPGLVETFGDLAFGDIFLHLLTGNLALLADEFALED
FCSSLFDGFFLTASPRKENVHRHALRLLIHLHPRVAPSKLEALQKALEPTGQSGEAVKELYSQLGEKLEQLDHRKPSPAQ
;
A,B
2 'polypeptide(L)'
;EGEDDAEVQQECLHKFSTRDYIMEPSIFNTLKRYFQAGGSPENVIQLLSENYTAVAQTVNLLAEWLIQTGVEPVQVQETV
ENHLKSLLIKHFDPRKADSIFTEEGETPAWLEQMIAHTTWRDLFYKLAEAHPDCLMLNFTVKLISDA
;
D,C
3 'polypeptide(L)' MLVIPPGMSEEEEALQKKFMKLKKKKKALMALKKQSSSSTTSQGGVKRSLY E,F
#
# COMPACT_ATOMS: atom_id res chain seq x y z
N MET A 1 31.33 18.57 41.96
CA MET A 1 30.68 17.91 43.08
C MET A 1 30.18 16.55 42.70
N PHE A 2 30.97 15.75 41.97
CA PHE A 2 30.43 14.61 41.23
C PHE A 2 31.47 13.49 41.11
N ALA A 3 31.04 12.40 40.49
CA ALA A 3 31.84 11.18 40.41
C ALA A 3 33.05 11.32 39.49
N GLY A 4 32.95 12.14 38.44
CA GLY A 4 34.02 12.20 37.45
C GLY A 4 35.37 12.62 38.01
N LEU A 5 35.39 13.26 39.18
CA LEU A 5 36.64 13.63 39.81
C LEU A 5 37.55 12.42 40.04
N GLN A 6 36.97 11.27 40.39
CA GLN A 6 37.80 10.11 40.67
C GLN A 6 38.53 9.63 39.44
N ASP A 7 37.90 9.77 38.27
CA ASP A 7 38.55 9.42 37.02
C ASP A 7 39.91 10.10 36.86
N LEU A 8 40.13 11.28 37.47
CA LEU A 8 41.40 12.00 37.38
C LEU A 8 42.22 11.92 38.67
N GLY A 9 41.95 10.93 39.52
CA GLY A 9 42.71 10.81 40.75
C GLY A 9 42.43 11.86 41.79
N VAL A 10 41.27 12.52 41.76
CA VAL A 10 40.94 13.59 42.68
C VAL A 10 39.81 13.14 43.58
N ALA A 11 40.00 13.25 44.88
CA ALA A 11 38.96 12.82 45.82
C ALA A 11 37.70 13.67 45.66
N ASN A 12 36.55 13.04 45.89
CA ASN A 12 35.30 13.75 46.00
C ASN A 12 34.64 13.43 47.34
N GLY A 13 33.36 13.81 47.46
CA GLY A 13 32.67 13.73 48.75
C GLY A 13 32.62 12.33 49.31
N GLU A 14 32.47 11.32 48.44
CA GLU A 14 32.46 9.96 48.95
C GLU A 14 33.86 9.54 49.42
N ASP A 15 34.89 9.99 48.72
CA ASP A 15 36.25 9.79 49.21
C ASP A 15 36.44 10.46 50.58
N LEU A 16 35.88 11.66 50.75
CA LEU A 16 36.01 12.35 52.03
C LEU A 16 35.33 11.56 53.12
N LYS A 17 34.11 11.07 52.84
CA LYS A 17 33.32 10.33 53.83
C LYS A 17 34.04 9.07 54.28
N GLU A 18 34.56 8.30 53.33
CA GLU A 18 35.29 7.10 53.69
C GLU A 18 36.57 7.45 54.46
N THR A 19 37.15 8.64 54.21
CA THR A 19 38.35 9.03 54.94
C THR A 19 38.03 9.39 56.39
N LEU A 20 36.93 10.09 56.63
CA LEU A 20 36.60 10.55 57.96
C LEU A 20 35.95 9.47 58.83
N THR A 21 35.15 8.59 58.23
CA THR A 21 34.44 7.54 58.98
C THR A 21 35.43 6.57 59.61
N ASN A 22 35.25 6.31 60.91
CA ASN A 22 36.10 5.39 61.65
C ASN A 22 37.57 5.80 61.60
N CYS A 23 37.85 7.10 61.44
CA CYS A 23 39.23 7.56 61.45
C CYS A 23 39.77 7.56 62.87
N THR A 24 40.96 6.98 63.07
CA THR A 24 41.51 6.99 64.42
C THR A 24 42.01 8.39 64.82
N GLU A 25 42.27 9.28 63.87
CA GLU A 25 42.75 10.63 64.16
C GLU A 25 42.06 11.62 63.23
N PRO A 26 40.78 11.90 63.47
CA PRO A 26 40.00 12.69 62.49
C PRO A 26 40.58 14.07 62.21
N LEU A 27 40.99 14.81 63.24
CA LEU A 27 41.43 16.18 62.99
C LEU A 27 42.70 16.21 62.14
N LYS A 28 43.65 15.32 62.43
CA LYS A 28 44.80 15.17 61.55
C LYS A 28 44.36 14.84 60.12
N ALA A 29 43.39 13.92 59.97
CA ALA A 29 42.87 13.63 58.64
C ALA A 29 42.34 14.88 57.95
N ILE A 30 41.62 15.72 58.70
CA ILE A 30 41.06 16.92 58.11
C ILE A 30 42.17 17.84 57.63
N GLU A 31 43.15 18.10 58.49
CA GLU A 31 44.20 19.05 58.13
C GLU A 31 44.98 18.56 56.93
N GLN A 32 45.13 17.25 56.79
CA GLN A 32 45.83 16.72 55.62
C GLN A 32 45.00 16.89 54.35
N PHE A 33 43.72 16.51 54.42
CA PHE A 33 42.80 16.82 53.34
C PHE A 33 42.88 18.28 52.93
N GLN A 34 42.94 19.19 53.90
CA GLN A 34 43.01 20.60 53.56
C GLN A 34 44.23 20.92 52.71
N THR A 35 45.38 20.31 53.01
CA THR A 35 46.57 20.67 52.25
C THR A 35 46.62 19.90 50.93
N GLU A 36 46.13 18.67 50.91
CA GLU A 36 46.23 17.87 49.69
C GLU A 36 45.25 18.32 48.60
N ASN A 37 44.19 19.04 48.97
CA ASN A 37 43.13 19.37 48.02
C ASN A 37 42.89 20.86 47.87
N GLY A 38 43.81 21.70 48.35
CA GLY A 38 43.77 23.13 48.06
C GLY A 38 44.46 23.47 46.76
N VAL A 39 44.49 24.76 46.45
CA VAL A 39 45.24 25.21 45.28
C VAL A 39 46.71 24.88 45.48
N LEU A 40 47.29 24.12 44.56
CA LEU A 40 48.63 23.55 44.72
C LEU A 40 49.70 24.51 44.20
N LEU A 41 49.73 25.69 44.81
CA LEU A 41 50.67 26.75 44.46
C LEU A 41 51.51 27.04 45.69
N PRO A 42 52.79 26.67 45.71
CA PRO A 42 53.56 26.79 46.96
C PRO A 42 53.61 28.20 47.51
N SER A 43 53.66 29.22 46.64
CA SER A 43 53.73 30.61 47.09
C SER A 43 52.48 31.06 47.84
N LEU A 44 51.35 30.36 47.66
CA LEU A 44 50.17 30.66 48.46
C LEU A 44 50.30 30.22 49.93
N GLN A 45 51.12 29.22 50.24
CA GLN A 45 51.07 28.66 51.58
C GLN A 45 51.48 29.69 52.64
N SER A 46 52.37 30.62 52.30
CA SER A 46 52.80 31.63 53.25
C SER A 46 51.82 32.80 53.35
N ALA A 47 51.06 33.08 52.30
CA ALA A 47 50.17 34.22 52.27
C ALA A 47 48.74 33.90 52.67
N LEU A 48 48.29 32.65 52.53
CA LEU A 48 46.94 32.29 52.96
C LEU A 48 46.67 32.61 54.44
N PRO A 49 47.61 32.42 55.37
CA PRO A 49 47.38 32.95 56.73
C PRO A 49 46.95 34.40 56.75
N PHE A 50 47.56 35.25 55.92
CA PHE A 50 47.23 36.67 55.92
C PHE A 50 45.77 36.88 55.55
N LEU A 51 45.26 36.10 54.61
CA LEU A 51 43.83 36.11 54.31
C LEU A 51 43.01 35.54 55.46
N ASP A 52 43.46 34.42 56.04
CA ASP A 52 42.71 33.84 57.15
C ASP A 52 42.58 34.81 58.30
N LEU A 53 43.60 35.64 58.49
CA LEU A 53 43.61 36.59 59.60
C LEU A 53 42.53 37.65 59.45
N HIS A 54 42.12 37.96 58.22
CA HIS A 54 41.06 38.94 57.98
C HIS A 54 39.67 38.30 57.91
N GLY A 55 39.54 37.03 58.26
CA GLY A 55 38.24 36.40 58.24
C GLY A 55 37.65 36.14 56.87
N THR A 56 38.38 36.42 55.80
CA THR A 56 37.86 36.11 54.48
C THR A 56 37.87 34.60 54.23
N PRO A 57 36.74 34.01 53.85
CA PRO A 57 36.70 32.56 53.69
C PRO A 57 37.57 32.10 52.52
N ARG A 58 38.12 30.91 52.66
CA ARG A 58 38.87 30.37 51.53
C ARG A 58 37.96 30.14 50.33
N LEU A 59 36.68 29.90 50.57
CA LEU A 59 35.76 29.67 49.47
C LEU A 59 35.68 30.88 48.53
N GLU A 60 35.74 32.09 49.09
CA GLU A 60 35.66 33.29 48.26
C GLU A 60 36.94 33.49 47.46
N PHE A 61 38.09 33.13 48.02
CA PHE A 61 39.32 33.14 47.23
C PHE A 61 39.26 32.08 46.12
N HIS A 62 38.93 30.84 46.47
CA HIS A 62 38.92 29.78 45.47
C HIS A 62 37.89 30.04 44.38
N GLN A 63 36.70 30.51 44.76
CA GLN A 63 35.67 30.74 43.76
C GLN A 63 36.07 31.83 42.78
N SER A 64 36.67 32.92 43.26
CA SER A 64 36.94 34.02 42.35
C SER A 64 38.10 33.69 41.43
N VAL A 65 39.09 32.94 41.92
CA VAL A 65 40.09 32.37 41.02
C VAL A 65 39.41 31.52 39.96
N PHE A 66 38.47 30.66 40.38
CA PHE A 66 37.84 29.73 39.46
C PHE A 66 37.09 30.46 38.36
N ASP A 67 36.43 31.58 38.69
CA ASP A 67 35.68 32.28 37.65
C ASP A 67 36.61 32.86 36.58
N GLU A 68 37.70 33.48 36.99
CA GLU A 68 38.63 34.06 36.04
C GLU A 68 39.25 32.98 35.17
N LEU A 69 39.92 32.03 35.80
CA LEU A 69 40.57 30.95 35.08
C LEU A 69 39.61 30.24 34.13
N ARG A 70 38.34 30.08 34.54
CA ARG A 70 37.40 29.39 33.64
C ARG A 70 37.12 30.24 32.42
N ASP A 71 36.87 31.53 32.63
CA ASP A 71 36.64 32.42 31.49
C ASP A 71 37.87 32.49 30.60
N LYS A 72 39.06 32.59 31.19
CA LYS A 72 40.26 32.62 30.36
C LYS A 72 40.37 31.34 29.52
N LEU A 73 40.07 30.18 30.11
CA LEU A 73 40.15 28.95 29.34
C LEU A 73 39.07 28.89 28.26
N LEU A 74 37.86 29.40 28.53
CA LEU A 74 36.87 29.46 27.46
C LEU A 74 37.41 30.29 26.29
N GLU A 75 37.94 31.49 26.59
CA GLU A 75 38.53 32.34 25.57
C GLU A 75 39.64 31.62 24.83
N ARG A 76 40.49 30.89 25.56
CA ARG A 76 41.60 30.19 24.91
C ARG A 76 41.10 29.12 23.94
N VAL A 77 39.99 28.47 24.24
CA VAL A 77 39.49 27.46 23.32
C VAL A 77 39.05 28.11 22.01
N SER A 78 38.33 29.24 22.07
CA SER A 78 38.01 29.99 20.86
C SER A 78 39.26 30.44 20.14
N ALA A 79 40.26 30.90 20.89
CA ALA A 79 41.51 31.32 20.26
C ALA A 79 42.20 30.17 19.55
N ILE A 80 42.18 28.97 20.14
CA ILE A 80 42.90 27.86 19.52
C ILE A 80 42.18 27.37 18.27
N ALA A 81 40.84 27.46 18.24
CA ALA A 81 40.09 27.01 17.08
C ALA A 81 40.19 27.96 15.89
N SER A 82 40.59 29.22 16.10
CA SER A 82 40.81 30.18 15.00
C SER A 82 42.25 30.69 15.05
N GLU A 83 43.21 29.78 14.82
CA GLU A 83 44.63 30.04 14.97
C GLU A 83 45.40 28.91 14.31
N GLY A 84 46.58 29.23 13.79
CA GLY A 84 47.59 28.25 13.43
C GLY A 84 47.18 27.14 12.48
N LYS A 85 48.03 26.10 12.43
CA LYS A 85 47.83 25.00 11.49
C LYS A 85 46.83 23.99 12.04
N ALA A 86 46.09 23.35 11.13
CA ALA A 86 44.89 22.60 11.50
C ALA A 86 45.18 21.50 12.54
N GLU A 87 46.20 20.68 12.28
CA GLU A 87 46.36 19.51 13.15
C GLU A 87 46.86 19.91 14.54
N GLU A 88 47.72 20.92 14.65
CA GLU A 88 48.01 21.50 15.96
C GLU A 88 46.74 22.07 16.60
N ARG A 89 45.89 22.69 15.78
CA ARG A 89 44.65 23.29 16.25
C ARG A 89 43.78 22.26 16.95
N TYR A 90 43.36 21.23 16.20
CA TYR A 90 42.42 20.27 16.76
C TYR A 90 43.09 19.26 17.68
N LYS A 91 44.41 19.04 17.56
CA LYS A 91 45.09 18.17 18.52
C LYS A 91 44.99 18.73 19.93
N LYS A 92 45.29 20.03 20.08
CA LYS A 92 45.15 20.66 21.38
C LYS A 92 43.72 20.52 21.91
N LEU A 93 42.72 20.73 21.06
CA LEU A 93 41.34 20.68 21.52
C LEU A 93 40.88 19.25 21.77
N GLU A 94 41.37 18.28 21.00
CA GLU A 94 41.05 16.88 21.28
C GLU A 94 41.68 16.43 22.59
N ASP A 95 42.95 16.76 22.81
CA ASP A 95 43.59 16.44 24.08
C ASP A 95 42.79 17.00 25.25
N LEU A 96 42.39 18.27 25.16
CA LEU A 96 41.63 18.85 26.25
C LEU A 96 40.28 18.16 26.42
N LEU A 97 39.69 17.64 25.33
CA LEU A 97 38.44 16.90 25.44
C LEU A 97 38.63 15.58 26.20
N GLU A 98 39.67 14.82 25.85
CA GLU A 98 39.96 13.58 26.56
C GLU A 98 40.20 13.83 28.06
N LYS A 99 40.86 14.92 28.42
CA LYS A 99 41.08 15.22 29.83
C LYS A 99 39.75 15.54 30.53
N SER A 100 39.04 16.54 30.03
CA SER A 100 37.94 17.18 30.76
C SER A 100 36.59 16.49 30.61
N PHE A 101 36.43 15.58 29.66
CA PHE A 101 35.10 15.05 29.38
C PHE A 101 34.52 14.27 30.55
N SER A 102 35.36 13.61 31.37
CA SER A 102 34.82 12.87 32.52
C SER A 102 34.26 13.79 33.60
N LEU A 103 34.41 15.09 33.44
CA LEU A 103 33.85 16.07 34.36
C LEU A 103 32.61 16.76 33.78
N VAL A 104 32.09 16.27 32.66
CA VAL A 104 31.00 16.93 31.93
C VAL A 104 29.73 17.10 32.76
N LYS A 105 29.52 16.30 33.81
CA LYS A 105 28.29 16.48 34.57
C LYS A 105 28.46 17.35 35.80
N MET A 106 29.67 17.84 36.08
CA MET A 106 29.82 18.87 37.08
C MET A 106 29.30 20.20 36.55
N PRO A 107 28.38 20.88 37.26
CA PRO A 107 27.82 22.13 36.72
C PRO A 107 28.87 23.19 36.45
N SER A 108 29.91 23.29 37.27
CA SER A 108 30.86 24.37 37.11
C SER A 108 31.75 24.16 35.88
N LEU A 109 31.97 22.90 35.49
CA LEU A 109 32.89 22.58 34.42
C LEU A 109 32.23 22.22 33.10
N GLN A 110 30.97 21.78 33.12
CA GLN A 110 30.30 21.42 31.88
C GLN A 110 30.41 22.49 30.78
N PRO A 111 30.34 23.80 31.07
CA PRO A 111 30.56 24.79 30.00
C PRO A 111 31.89 24.64 29.30
N VAL A 112 32.97 24.33 30.03
CA VAL A 112 34.25 24.12 29.36
C VAL A 112 34.12 22.98 28.37
N VAL A 113 33.53 21.86 28.80
CA VAL A 113 33.49 20.69 27.93
C VAL A 113 32.60 20.99 26.72
N MET A 114 31.45 21.64 26.97
CA MET A 114 30.55 22.01 25.90
C MET A 114 31.27 22.87 24.87
N CYS A 115 31.98 23.91 25.35
CA CYS A 115 32.70 24.80 24.44
C CYS A 115 33.72 24.04 23.60
N VAL A 116 34.41 23.08 24.22
CA VAL A 116 35.45 22.37 23.49
C VAL A 116 34.85 21.54 22.39
N MET A 117 33.76 20.82 22.67
CA MET A 117 33.07 20.09 21.60
C MET A 117 32.52 21.05 20.56
N LYS A 118 31.91 22.16 21.01
CA LYS A 118 31.37 23.15 20.09
C LYS A 118 32.38 23.59 19.04
N HIS A 119 33.66 23.60 19.37
CA HIS A 119 34.69 24.07 18.44
C HIS A 119 35.44 22.94 17.76
N LEU A 120 34.99 21.71 17.93
CA LEU A 120 35.68 20.58 17.35
C LEU A 120 34.89 20.04 16.16
N PRO A 121 35.38 20.22 14.94
CA PRO A 121 34.65 19.69 13.77
C PRO A 121 34.29 18.23 13.86
N LYS A 122 35.18 17.38 14.43
CA LYS A 122 34.91 15.93 14.50
C LYS A 122 35.09 15.46 15.95
N VAL A 123 34.10 15.74 16.81
CA VAL A 123 34.13 15.13 18.14
C VAL A 123 34.22 13.63 17.98
N PRO A 124 35.03 12.93 18.77
CA PRO A 124 35.19 11.49 18.56
C PRO A 124 33.93 10.73 18.91
N GLU A 125 33.66 9.69 18.14
CA GLU A 125 32.34 9.07 18.15
C GLU A 125 32.03 8.40 19.48
N LYS A 126 33.07 7.96 20.20
CA LYS A 126 32.89 7.50 21.57
C LYS A 126 32.25 8.59 22.41
N LYS A 127 32.81 9.79 22.35
CA LYS A 127 32.23 10.91 23.08
C LYS A 127 30.83 11.23 22.59
N LEU A 128 30.62 11.21 21.27
CA LEU A 128 29.29 11.54 20.75
C LEU A 128 28.25 10.59 21.28
N LYS A 129 28.56 9.29 21.30
CA LYS A 129 27.58 8.32 21.78
C LYS A 129 27.30 8.49 23.27
N LEU A 130 28.35 8.81 24.05
CA LEU A 130 28.12 9.11 25.46
C LEU A 130 27.29 10.36 25.66
N VAL A 131 27.40 11.35 24.76
CA VAL A 131 26.53 12.51 24.84
C VAL A 131 25.10 12.12 24.47
N MET A 132 24.95 11.33 23.40
CA MET A 132 23.61 11.00 22.93
C MET A 132 22.85 10.17 23.96
N ALA A 133 23.56 9.36 24.74
CA ALA A 133 22.91 8.47 25.71
C ALA A 133 22.24 9.25 26.83
N ASP A 134 22.82 10.36 27.26
CA ASP A 134 22.28 11.10 28.39
C ASP A 134 21.46 12.28 27.89
N LYS A 135 20.20 12.35 28.34
CA LYS A 135 19.25 13.32 27.81
C LYS A 135 19.66 14.75 28.09
N GLU A 136 20.21 15.02 29.29
CA GLU A 136 20.50 16.41 29.60
C GLU A 136 21.84 16.86 29.04
N LEU A 137 22.80 15.96 28.82
CA LEU A 137 23.96 16.33 28.02
C LEU A 137 23.53 16.71 26.61
N TYR A 138 22.80 15.80 25.96
CA TYR A 138 22.37 16.00 24.58
C TYR A 138 21.59 17.29 24.44
N ARG A 139 20.60 17.50 25.31
CA ARG A 139 19.71 18.63 25.11
C ARG A 139 20.44 19.95 25.31
N ALA A 140 21.39 19.99 26.24
CA ALA A 140 22.07 21.24 26.56
C ALA A 140 23.48 21.24 26.00
N CYS A 141 23.57 21.19 24.67
CA CYS A 141 24.86 21.26 24.01
C CYS A 141 24.64 21.84 22.63
N ALA A 142 25.70 22.39 22.05
CA ALA A 142 25.54 23.27 20.92
C ALA A 142 25.14 22.51 19.67
N VAL A 143 24.39 23.19 18.80
CA VAL A 143 23.91 22.60 17.57
C VAL A 143 25.05 22.11 16.69
N GLU A 144 26.24 22.66 16.84
CA GLU A 144 27.39 22.14 16.10
C GLU A 144 27.66 20.69 16.48
N VAL A 145 27.42 20.35 17.74
CA VAL A 145 27.60 18.97 18.21
C VAL A 145 26.42 18.10 17.75
N LYS A 146 25.20 18.62 17.93
CA LYS A 146 24.00 17.88 17.52
C LYS A 146 24.09 17.45 16.05
N ARG A 147 24.48 18.38 15.17
CA ARG A 147 24.59 18.06 13.75
C ARG A 147 25.51 16.87 13.53
N GLN A 148 26.59 16.78 14.31
CA GLN A 148 27.47 15.63 14.17
C GLN A 148 26.83 14.35 14.64
N ILE A 149 25.97 14.43 15.66
CA ILE A 149 25.18 13.27 16.07
C ILE A 149 24.16 12.91 15.00
N TRP A 150 23.35 13.89 14.59
CA TRP A 150 22.29 13.65 13.62
C TRP A 150 22.85 13.02 12.35
N GLN A 151 24.02 13.50 11.90
CA GLN A 151 24.61 13.04 10.66
C GLN A 151 24.75 11.53 10.59
N ASP A 152 24.86 10.87 11.76
CA ASP A 152 25.10 9.43 11.81
C ASP A 152 24.04 8.68 12.63
N ASN A 153 22.92 9.33 12.97
CA ASN A 153 21.74 8.67 13.57
C ASN A 153 20.49 9.30 12.95
N GLN A 154 20.05 8.74 11.83
CA GLN A 154 18.92 9.34 11.12
C GLN A 154 17.65 9.29 11.94
N ALA A 155 17.41 8.19 12.65
CA ALA A 155 16.19 8.09 13.44
C ALA A 155 16.12 9.18 14.50
N LEU A 156 17.25 9.54 15.11
CA LEU A 156 17.24 10.62 16.09
C LEU A 156 16.94 11.96 15.41
N PHE A 157 17.61 12.24 14.28
CA PHE A 157 17.24 13.38 13.45
C PHE A 157 15.74 13.41 13.20
N GLY A 158 15.19 12.30 12.67
CA GLY A 158 13.77 12.23 12.40
C GLY A 158 12.92 12.53 13.61
N ASP A 159 13.32 12.02 14.78
CA ASP A 159 12.59 12.33 16.00
C ASP A 159 12.67 13.79 16.36
N GLU A 160 13.69 14.49 15.88
CA GLU A 160 13.75 15.92 16.09
C GLU A 160 12.95 16.69 15.07
N VAL A 161 12.87 16.22 13.81
CA VAL A 161 12.18 17.02 12.81
C VAL A 161 10.68 16.71 12.76
N SER A 162 10.27 15.52 13.22
CA SER A 162 8.84 15.18 13.21
C SER A 162 7.97 16.18 13.96
N PRO A 163 8.29 16.58 15.20
CA PRO A 163 7.42 17.56 15.88
C PRO A 163 7.40 18.92 15.19
N LEU A 164 8.47 19.29 14.47
CA LEU A 164 8.44 20.56 13.75
C LEU A 164 7.52 20.47 12.56
N LEU A 165 7.61 19.38 11.80
CA LEU A 165 6.65 19.17 10.72
C LEU A 165 5.24 19.21 11.25
N LYS A 166 4.99 18.52 12.36
CA LYS A 166 3.63 18.44 12.90
C LYS A 166 3.10 19.83 13.20
N GLN A 167 3.91 20.67 13.85
CA GLN A 167 3.52 22.05 14.13
C GLN A 167 3.21 22.80 12.84
N TYR A 168 4.11 22.69 11.86
CA TYR A 168 3.92 23.33 10.56
C TYR A 168 2.56 22.98 9.96
N ILE A 169 2.28 21.69 9.82
CA ILE A 169 1.06 21.25 9.18
C ILE A 169 -0.15 21.74 9.96
N LEU A 170 -0.07 21.74 11.29
CA LEU A 170 -1.17 22.25 12.08
C LEU A 170 -1.34 23.75 11.85
N GLU A 171 -0.23 24.48 11.69
CA GLU A 171 -0.35 25.92 11.48
C GLU A 171 -1.01 26.18 10.14
N LYS A 172 -0.69 25.38 9.13
CA LYS A 172 -1.29 25.57 7.82
C LYS A 172 -2.79 25.30 7.86
N GLU A 173 -3.22 24.29 8.62
CA GLU A 173 -4.65 24.06 8.74
C GLU A 173 -5.31 25.19 9.53
N SER A 174 -4.69 25.66 10.61
CA SER A 174 -5.30 26.76 11.35
C SER A 174 -5.45 28.00 10.50
N ALA A 175 -4.57 28.17 9.50
CA ALA A 175 -4.59 29.39 8.69
C ALA A 175 -5.69 29.35 7.64
N LEU A 176 -5.98 28.16 7.11
CA LEU A 176 -7.05 27.96 6.15
C LEU A 176 -8.43 27.96 6.80
N PHE A 177 -8.49 27.80 8.13
CA PHE A 177 -9.75 27.74 8.87
C PHE A 177 -9.84 28.78 9.98
N SER A 178 -8.95 29.79 10.00
CA SER A 178 -9.10 30.90 10.93
C SER A 178 -10.30 31.74 10.54
N THR A 179 -11.12 32.11 11.52
CA THR A 179 -12.27 32.95 11.19
C THR A 179 -11.79 34.40 11.07
N GLU A 180 -10.80 34.60 10.18
CA GLU A 180 -10.38 35.90 9.72
C GLU A 180 -10.66 35.92 8.22
N LEU A 181 -11.93 36.14 7.87
CA LEU A 181 -12.38 36.20 6.50
C LEU A 181 -12.19 37.62 5.94
N SER A 182 -11.42 37.75 4.88
CA SER A 182 -11.06 39.07 4.41
C SER A 182 -10.73 39.02 2.93
N VAL A 183 -11.03 40.11 2.23
CA VAL A 183 -10.52 40.30 0.88
C VAL A 183 -9.19 41.04 0.87
N LEU A 184 -8.87 41.75 1.96
CA LEU A 184 -7.59 42.45 2.06
C LEU A 184 -6.41 41.49 2.20
N HIS A 185 -6.51 40.51 3.11
CA HIS A 185 -5.42 39.56 3.30
C HIS A 185 -5.98 38.16 3.41
N ASN A 186 -5.25 37.18 2.88
CA ASN A 186 -5.66 35.80 2.98
C ASN A 186 -4.41 34.90 3.04
N PHE A 187 -4.65 33.60 2.90
CA PHE A 187 -3.62 32.57 3.06
C PHE A 187 -2.39 32.81 2.18
N PHE A 188 -2.58 33.39 1.00
CA PHE A 188 -1.49 33.56 0.04
C PHE A 188 -0.86 34.94 0.11
N SER A 189 -1.24 35.73 1.12
CA SER A 189 -0.78 37.12 1.23
C SER A 189 0.67 37.29 1.65
N PRO A 190 1.21 36.55 2.64
CA PRO A 190 2.57 36.84 3.09
C PRO A 190 3.64 36.43 2.06
N SER A 191 4.64 37.29 1.91
CA SER A 191 5.70 37.08 0.94
C SER A 191 6.50 35.83 1.29
N PRO A 192 7.22 35.28 0.31
CA PRO A 192 8.17 34.20 0.64
C PRO A 192 9.14 34.59 1.75
N LYS A 193 9.71 35.80 1.67
CA LYS A 193 10.65 36.23 2.71
C LYS A 193 9.99 36.27 4.08
N THR A 194 8.77 36.76 4.16
CA THR A 194 8.03 36.73 5.42
C THR A 194 7.79 35.29 5.87
N ARG A 195 7.29 34.44 4.97
CA ARG A 195 6.99 33.09 5.40
C ARG A 195 8.25 32.40 5.86
N ARG A 196 9.40 32.73 5.26
CA ARG A 196 10.63 32.06 5.65
C ARG A 196 11.16 32.53 6.98
N GLN A 197 10.45 33.41 7.67
CA GLN A 197 10.87 33.82 9.00
C GLN A 197 10.13 33.04 10.06
N GLY A 198 9.17 32.20 9.66
CA GLY A 198 8.47 31.35 10.59
C GLY A 198 9.40 30.48 11.42
N GLU A 199 8.88 30.04 12.55
CA GLU A 199 9.76 29.40 13.51
C GLU A 199 10.11 27.98 13.11
N VAL A 200 9.22 27.26 12.45
CA VAL A 200 9.55 25.90 12.02
C VAL A 200 10.62 25.90 10.94
N VAL A 201 10.43 26.72 9.89
CA VAL A 201 11.38 26.68 8.78
C VAL A 201 12.72 27.29 9.21
N GLN A 202 12.70 28.21 10.16
CA GLN A 202 13.97 28.73 10.65
C GLN A 202 14.68 27.69 11.52
N ARG A 203 13.91 26.97 12.35
CA ARG A 203 14.52 25.92 13.14
C ARG A 203 15.10 24.83 12.24
N LEU A 204 14.38 24.46 11.18
CA LEU A 204 14.91 23.45 10.26
C LEU A 204 16.18 23.96 9.56
N THR A 205 16.19 25.23 9.17
CA THR A 205 17.39 25.80 8.56
C THR A 205 18.58 25.73 9.51
N ARG A 206 18.35 26.06 10.79
CA ARG A 206 19.41 26.01 11.78
C ARG A 206 19.89 24.58 12.04
N MET A 207 18.97 23.61 12.08
CA MET A 207 19.38 22.23 12.26
C MET A 207 20.23 21.74 11.10
N VAL A 208 19.95 22.19 9.88
CA VAL A 208 20.70 21.70 8.73
C VAL A 208 22.07 22.37 8.65
N GLY A 209 22.15 23.65 8.98
CA GLY A 209 23.43 24.34 8.87
C GLY A 209 23.93 24.29 7.44
N LYS A 210 25.16 23.80 7.26
CA LYS A 210 25.75 23.57 5.94
C LYS A 210 25.92 22.09 5.64
N ASN A 211 25.23 21.22 6.36
CA ASN A 211 25.46 19.79 6.25
C ASN A 211 24.56 19.24 5.14
N VAL A 212 25.17 18.90 4.00
CA VAL A 212 24.41 18.38 2.86
C VAL A 212 23.64 17.13 3.25
N LYS A 213 24.25 16.30 4.08
CA LYS A 213 23.65 15.03 4.46
C LYS A 213 22.39 15.24 5.29
N LEU A 214 22.39 16.24 6.17
CA LEU A 214 21.18 16.53 6.92
C LEU A 214 20.08 17.06 6.00
N TYR A 215 20.46 17.92 5.05
CA TYR A 215 19.53 18.43 4.06
C TYR A 215 18.90 17.30 3.25
N ASP A 216 19.71 16.34 2.79
CA ASP A 216 19.12 15.20 2.07
C ASP A 216 18.11 14.46 2.93
N MET A 217 18.42 14.28 4.22
CA MET A 217 17.50 13.58 5.10
C MET A 217 16.18 14.34 5.23
N VAL A 218 16.24 15.68 5.30
CA VAL A 218 15.01 16.47 5.39
C VAL A 218 14.23 16.38 4.10
N LEU A 219 14.90 16.51 2.95
CA LEU A 219 14.21 16.25 1.68
C LEU A 219 13.54 14.88 1.74
N GLN A 220 14.27 13.85 2.17
CA GLN A 220 13.71 12.50 2.17
C GLN A 220 12.45 12.42 3.05
N PHE A 221 12.50 12.99 4.26
CA PHE A 221 11.32 13.04 5.12
C PHE A 221 10.12 13.69 4.43
N LEU A 222 10.34 14.84 3.78
CA LEU A 222 9.23 15.56 3.16
C LEU A 222 8.65 14.77 2.01
N ARG A 223 9.51 14.13 1.22
CA ARG A 223 9.03 13.26 0.15
C ARG A 223 8.16 12.13 0.70
N THR A 224 8.65 11.44 1.74
CA THR A 224 7.92 10.32 2.33
C THR A 224 6.55 10.75 2.86
N LEU A 225 6.53 11.84 3.63
CA LEU A 225 5.28 12.34 4.17
C LEU A 225 4.36 12.89 3.07
N PHE A 226 4.92 13.55 2.06
CA PHE A 226 4.09 13.98 0.94
C PHE A 226 3.43 12.77 0.28
N LEU A 227 4.20 11.73 0.00
CA LEU A 227 3.66 10.51 -0.59
C LEU A 227 2.57 9.92 0.29
N ARG A 228 2.83 9.75 1.58
CA ARG A 228 1.89 9.06 2.45
C ARG A 228 0.60 9.85 2.67
N THR A 229 0.66 11.18 2.69
CA THR A 229 -0.48 11.99 3.08
C THR A 229 -1.09 12.80 1.94
N ARG A 230 -0.37 13.01 0.85
CA ARG A 230 -0.83 13.88 -0.23
C ARG A 230 -1.03 15.32 0.21
N ASN A 231 -0.47 15.71 1.36
CA ASN A 231 -0.66 17.06 1.86
C ASN A 231 0.30 18.00 1.14
N VAL A 232 -0.23 18.90 0.30
CA VAL A 232 0.65 19.69 -0.55
C VAL A 232 1.44 20.71 0.22
N HIS A 233 1.16 20.91 1.51
CA HIS A 233 1.92 21.92 2.24
C HIS A 233 3.35 21.46 2.52
N TYR A 234 3.61 20.15 2.50
CA TYR A 234 5.00 19.71 2.59
C TYR A 234 5.81 20.20 1.41
N CYS A 235 5.17 20.46 0.27
CA CYS A 235 5.94 20.98 -0.85
C CYS A 235 6.40 22.40 -0.58
N THR A 236 5.52 23.24 0.01
CA THR A 236 5.94 24.60 0.34
C THR A 236 7.17 24.58 1.23
N LEU A 237 7.20 23.67 2.21
CA LEU A 237 8.30 23.66 3.16
C LEU A 237 9.60 23.25 2.49
N ARG A 238 9.56 22.25 1.60
CA ARG A 238 10.73 21.91 0.81
C ARG A 238 11.26 23.11 0.02
N ALA A 239 10.36 23.95 -0.50
CA ALA A 239 10.81 25.16 -1.19
C ALA A 239 11.36 26.17 -0.20
N GLU A 240 10.63 26.41 0.90
CA GLU A 240 11.07 27.40 1.88
C GLU A 240 12.43 27.03 2.44
N LEU A 241 12.66 25.73 2.65
CA LEU A 241 13.95 25.30 3.20
C LEU A 241 15.09 25.69 2.27
N LEU A 242 15.05 25.18 1.03
CA LEU A 242 16.09 25.51 0.07
C LEU A 242 16.26 27.01 -0.11
N MET A 243 15.15 27.75 -0.10
CA MET A 243 15.26 29.20 -0.27
C MET A 243 15.86 29.88 0.96
N SER A 244 15.61 29.32 2.17
CA SER A 244 16.25 29.84 3.38
C SER A 244 17.77 29.70 3.30
N LEU A 245 18.25 28.53 2.92
CA LEU A 245 19.68 28.37 2.72
C LEU A 245 20.18 29.26 1.59
N HIS A 246 19.35 29.49 0.57
CA HIS A 246 19.74 30.50 -0.42
C HIS A 246 19.99 31.87 0.23
N ASP A 247 19.04 32.37 1.01
CA ASP A 247 19.21 33.70 1.61
C ASP A 247 20.36 33.73 2.62
N LEU A 248 20.66 32.62 3.27
CA LEU A 248 21.81 32.56 4.14
C LEU A 248 23.10 32.29 3.39
N ASP A 249 23.04 32.26 2.06
CA ASP A 249 24.23 32.12 1.23
C ASP A 249 24.95 30.79 1.48
N VAL A 250 24.21 29.75 1.90
CA VAL A 250 24.79 28.45 2.21
C VAL A 250 25.13 27.71 0.92
N GLY A 251 26.29 28.02 0.33
CA GLY A 251 26.62 27.44 -0.96
C GLY A 251 26.85 25.95 -0.95
N GLU A 252 27.16 25.37 0.22
CA GLU A 252 27.47 23.95 0.28
C GLU A 252 26.26 23.11 -0.11
N ILE A 253 25.05 23.63 0.08
CA ILE A 253 23.84 22.94 -0.35
C ILE A 253 23.34 23.47 -1.70
N CYS A 254 23.30 24.79 -1.84
CA CYS A 254 22.63 25.39 -2.99
C CYS A 254 23.36 25.05 -4.30
N THR A 255 24.69 24.94 -4.27
CA THR A 255 25.41 24.68 -5.50
C THR A 255 25.31 23.23 -5.95
N VAL A 256 24.68 22.35 -5.17
CA VAL A 256 24.60 20.92 -5.47
C VAL A 256 23.16 20.41 -5.51
N ASP A 257 22.18 21.24 -5.18
CA ASP A 257 20.79 20.87 -5.41
C ASP A 257 20.42 21.32 -6.82
N PRO A 258 20.20 20.41 -7.76
CA PRO A 258 19.91 20.83 -9.14
C PRO A 258 18.59 21.59 -9.29
N CYS A 259 17.73 21.62 -8.26
CA CYS A 259 16.55 22.45 -8.33
C CYS A 259 16.77 23.88 -7.83
N HIS A 260 18.01 24.27 -7.52
CA HIS A 260 18.25 25.55 -6.83
C HIS A 260 17.89 26.74 -7.71
N LYS A 261 18.50 26.84 -8.89
CA LYS A 261 18.19 27.98 -9.76
C LYS A 261 16.71 28.00 -10.15
N PHE A 262 16.12 26.84 -10.40
CA PHE A 262 14.69 26.77 -10.66
C PHE A 262 13.90 27.39 -9.52
N THR A 263 14.16 26.95 -8.28
CA THR A 263 13.36 27.43 -7.15
C THR A 263 13.53 28.93 -6.95
N TRP A 264 14.73 29.44 -7.17
CA TRP A 264 15.03 30.85 -7.00
C TRP A 264 14.25 31.69 -8.01
N CYS A 265 14.21 31.25 -9.26
CA CYS A 265 13.42 31.92 -10.28
C CYS A 265 11.93 31.90 -9.94
N LEU A 266 11.39 30.71 -9.65
CA LEU A 266 9.98 30.57 -9.28
C LEU A 266 9.60 31.42 -8.07
N ASP A 267 10.54 31.64 -7.14
CA ASP A 267 10.30 32.40 -5.92
C ASP A 267 10.06 33.87 -6.20
N ALA A 268 10.70 34.42 -7.23
CA ALA A 268 10.44 35.80 -7.57
C ALA A 268 9.04 35.97 -8.16
N CYS A 269 8.62 35.02 -9.01
CA CYS A 269 7.26 35.04 -9.55
C CYS A 269 6.23 34.94 -8.44
N ILE A 270 6.44 34.03 -7.49
CA ILE A 270 5.53 33.95 -6.35
C ILE A 270 5.43 35.30 -5.63
N ARG A 271 6.55 36.02 -5.49
CA ARG A 271 6.51 37.27 -4.72
C ARG A 271 5.65 38.32 -5.43
N GLU A 272 5.63 38.30 -6.75
CA GLU A 272 4.84 39.23 -7.53
C GLU A 272 3.45 38.71 -7.81
N ARG A 273 3.15 37.48 -7.38
CA ARG A 273 1.94 36.77 -7.77
C ARG A 273 1.72 36.87 -9.28
N PHE A 274 2.81 36.66 -10.02
CA PHE A 274 2.73 36.69 -11.47
C PHE A 274 4.01 36.17 -12.10
N VAL A 275 3.86 35.36 -13.14
CA VAL A 275 4.97 34.89 -13.94
C VAL A 275 5.06 35.80 -15.16
N ASP A 276 6.03 36.72 -15.17
CA ASP A 276 6.23 37.56 -16.34
C ASP A 276 6.90 36.75 -17.44
N SER A 277 7.06 37.37 -18.60
CA SER A 277 7.51 36.60 -19.75
C SER A 277 8.96 36.11 -19.59
N LYS A 278 9.82 36.92 -18.98
CA LYS A 278 11.23 36.54 -18.86
C LYS A 278 11.41 35.36 -17.93
N ARG A 279 10.86 35.43 -16.71
CA ARG A 279 11.04 34.31 -15.80
C ARG A 279 10.32 33.05 -16.32
N ALA A 280 9.19 33.20 -17.00
CA ALA A 280 8.58 32.06 -17.68
C ALA A 280 9.60 31.38 -18.59
N ARG A 281 10.27 32.17 -19.42
CA ARG A 281 11.18 31.57 -20.39
C ARG A 281 12.39 30.95 -19.71
N GLU A 282 12.77 31.46 -18.53
CA GLU A 282 13.84 30.84 -17.75
C GLU A 282 13.38 29.53 -17.12
N LEU A 283 12.22 29.52 -16.48
CA LEU A 283 11.63 28.26 -16.04
C LEU A 283 11.58 27.22 -17.17
N GLN A 284 11.21 27.65 -18.37
CA GLN A 284 11.18 26.74 -19.50
C GLN A 284 12.55 26.13 -19.74
N GLY A 285 13.61 26.93 -19.62
CA GLY A 285 14.94 26.45 -19.92
C GLY A 285 15.47 25.45 -18.90
N PHE A 286 15.16 25.67 -17.62
CA PHE A 286 15.47 24.66 -16.63
C PHE A 286 14.71 23.37 -16.91
N LEU A 287 13.44 23.48 -17.27
CA LEU A 287 12.69 22.29 -17.64
C LEU A 287 13.37 21.57 -18.81
N ASP A 288 13.62 22.31 -19.90
CA ASP A 288 14.22 21.71 -21.08
C ASP A 288 15.65 21.25 -20.79
N GLY A 289 16.30 21.80 -19.78
CA GLY A 289 17.64 21.37 -19.43
C GLY A 289 17.69 20.15 -18.52
N VAL A 290 16.74 19.24 -18.66
CA VAL A 290 16.78 18.00 -17.90
C VAL A 290 17.47 16.97 -18.78
N LYS A 291 18.66 16.54 -18.37
CA LYS A 291 19.47 15.65 -19.20
C LYS A 291 18.99 14.22 -19.06
N LYS A 292 19.05 13.48 -20.17
CA LYS A 292 18.60 12.10 -20.19
C LYS A 292 19.37 11.28 -19.15
N GLY A 293 18.68 10.33 -18.52
CA GLY A 293 19.24 9.54 -17.45
C GLY A 293 19.10 10.14 -16.07
N GLN A 294 18.94 11.46 -15.97
CA GLN A 294 18.61 12.11 -14.70
C GLN A 294 17.16 12.59 -14.72
N GLU A 295 16.25 11.78 -15.27
CA GLU A 295 14.87 12.22 -15.41
C GLU A 295 14.15 12.35 -14.08
N GLN A 296 14.71 11.80 -13.00
CA GLN A 296 13.98 11.91 -11.73
C GLN A 296 14.07 13.30 -11.11
N VAL A 297 14.92 14.20 -11.63
CA VAL A 297 14.83 15.58 -11.15
C VAL A 297 13.50 16.20 -11.54
N LEU A 298 12.88 15.71 -12.62
CA LEU A 298 11.50 16.09 -12.95
C LEU A 298 10.58 15.92 -11.75
N GLY A 299 10.68 14.78 -11.06
CA GLY A 299 9.87 14.58 -9.87
C GLY A 299 10.04 15.71 -8.87
N ASP A 300 11.29 16.20 -8.72
CA ASP A 300 11.53 17.23 -7.72
C ASP A 300 11.16 18.62 -8.20
N LEU A 301 11.41 18.95 -9.48
CA LEU A 301 10.84 20.16 -10.06
C LEU A 301 9.33 20.21 -9.87
N SER A 302 8.66 19.06 -10.06
CA SER A 302 7.22 18.96 -9.87
C SER A 302 6.82 19.35 -8.46
N MET A 303 7.50 18.77 -7.47
CA MET A 303 7.14 19.02 -6.09
C MET A 303 7.19 20.50 -5.78
N ILE A 304 8.24 21.19 -6.26
CA ILE A 304 8.38 22.62 -6.01
C ILE A 304 7.28 23.39 -6.71
N LEU A 305 6.83 22.90 -7.87
CA LEU A 305 5.68 23.52 -8.50
C LEU A 305 4.38 23.16 -7.80
N CYS A 306 4.35 22.04 -7.09
CA CYS A 306 3.16 21.65 -6.34
C CYS A 306 2.95 22.48 -5.08
N ASP A 307 3.95 23.23 -4.65
CA ASP A 307 3.79 24.33 -3.72
C ASP A 307 2.48 25.07 -4.03
N PRO A 308 1.49 25.03 -3.11
CA PRO A 308 0.29 25.86 -3.29
C PRO A 308 0.58 27.29 -3.62
N PHE A 309 1.63 27.87 -3.05
CA PHE A 309 1.98 29.23 -3.41
C PHE A 309 2.41 29.32 -4.85
N ALA A 310 3.05 28.27 -5.37
CA ALA A 310 3.36 28.27 -6.80
C ALA A 310 2.12 28.06 -7.63
N ILE A 311 1.28 27.07 -7.26
CA ILE A 311 0.01 26.85 -7.95
C ILE A 311 -0.81 28.14 -7.99
N ASN A 312 -0.91 28.83 -6.86
CA ASN A 312 -1.72 30.04 -6.84
C ASN A 312 -1.20 31.08 -7.82
N THR A 313 0.14 31.21 -7.96
CA THR A 313 0.69 32.20 -8.89
C THR A 313 0.52 31.77 -10.35
N LEU A 314 0.63 30.48 -10.65
CA LEU A 314 0.40 30.06 -12.03
C LEU A 314 -1.07 30.26 -12.42
N ALA A 315 -2.00 29.81 -11.57
CA ALA A 315 -3.41 29.98 -11.90
C ALA A 315 -3.75 31.46 -12.05
N LEU A 316 -3.32 32.31 -11.10
CA LEU A 316 -3.52 33.76 -11.26
C LEU A 316 -2.95 34.25 -12.59
N SER A 317 -1.79 33.74 -12.98
CA SER A 317 -1.19 34.24 -14.22
C SER A 317 -1.98 33.77 -15.44
N THR A 318 -2.47 32.54 -15.40
CA THR A 318 -3.29 32.03 -16.50
C THR A 318 -4.54 32.89 -16.69
N VAL A 319 -5.23 33.20 -15.59
CA VAL A 319 -6.46 33.97 -15.68
C VAL A 319 -6.15 35.38 -16.14
N ARG A 320 -4.92 35.87 -15.91
CA ARG A 320 -4.61 37.21 -16.39
C ARG A 320 -4.35 37.23 -17.88
N HIS A 321 -3.73 36.17 -18.42
CA HIS A 321 -3.48 36.13 -19.85
C HIS A 321 -4.78 36.01 -20.65
N LEU A 322 -5.74 35.19 -20.17
CA LEU A 322 -7.06 35.15 -20.79
C LEU A 322 -7.66 36.55 -20.86
N GLN A 323 -7.66 37.25 -19.73
CA GLN A 323 -8.25 38.59 -19.66
C GLN A 323 -7.64 39.53 -20.68
N GLU A 324 -6.33 39.46 -20.89
CA GLU A 324 -5.69 40.38 -21.83
C GLU A 324 -5.52 39.76 -23.20
N LEU A 325 -5.96 38.51 -23.39
CA LEU A 325 -6.14 37.99 -24.74
C LEU A 325 -7.49 38.38 -25.28
N VAL A 326 -8.45 38.67 -24.38
CA VAL A 326 -9.74 39.15 -24.82
C VAL A 326 -9.60 40.55 -25.41
N GLY A 327 -8.90 41.43 -24.69
CA GLY A 327 -8.60 42.74 -25.23
C GLY A 327 -7.84 42.71 -26.53
N GLN A 328 -6.90 41.77 -26.65
CA GLN A 328 -6.16 41.65 -27.91
C GLN A 328 -6.91 40.83 -28.96
N GLU A 329 -8.12 40.34 -28.65
CA GLU A 329 -8.93 39.50 -29.52
C GLU A 329 -8.15 38.35 -30.15
N THR A 330 -7.40 37.60 -29.32
CA THR A 330 -6.53 36.52 -29.77
C THR A 330 -7.01 35.18 -29.18
N LEU A 331 -6.85 34.10 -29.95
CA LEU A 331 -7.25 32.81 -29.38
C LEU A 331 -6.13 32.23 -28.50
N PRO A 332 -6.47 31.43 -27.48
CA PRO A 332 -5.43 30.78 -26.69
C PRO A 332 -4.35 30.08 -27.50
N ARG A 333 -4.70 29.41 -28.59
CA ARG A 333 -3.71 28.68 -29.35
C ARG A 333 -2.61 29.60 -29.87
N ASP A 334 -2.88 30.89 -29.97
CA ASP A 334 -1.95 31.83 -30.56
C ASP A 334 -1.20 32.64 -29.51
N SER A 335 -1.12 32.11 -28.28
CA SER A 335 -0.38 32.77 -27.20
C SER A 335 0.68 31.83 -26.64
N PRO A 336 1.94 31.97 -27.03
CA PRO A 336 2.95 31.02 -26.53
C PRO A 336 3.21 31.19 -25.06
N ASP A 337 3.05 32.40 -24.53
CA ASP A 337 3.20 32.59 -23.10
C ASP A 337 2.19 31.75 -22.34
N LEU A 338 0.96 31.67 -22.85
CA LEU A 338 -0.09 30.91 -22.15
C LEU A 338 0.22 29.43 -22.11
N LEU A 339 0.71 28.87 -23.21
CA LEU A 339 1.02 27.46 -23.22
C LEU A 339 2.11 27.11 -22.21
N LEU A 340 3.00 28.07 -21.91
CA LEU A 340 4.10 27.81 -20.99
C LEU A 340 3.59 27.73 -19.55
N LEU A 341 2.75 28.68 -19.15
CA LEU A 341 2.10 28.59 -17.85
C LEU A 341 1.35 27.27 -17.71
N LEU A 342 0.62 26.85 -18.74
CA LEU A 342 -0.10 25.59 -18.67
C LEU A 342 0.86 24.42 -18.49
N ARG A 343 2.02 24.45 -19.15
CA ARG A 343 2.99 23.37 -18.96
C ARG A 343 3.45 23.29 -17.50
N LEU A 344 3.87 24.43 -16.92
CA LEU A 344 4.27 24.46 -15.52
C LEU A 344 3.14 24.05 -14.61
N LEU A 345 1.95 24.59 -14.85
CA LEU A 345 0.80 24.27 -13.99
C LEU A 345 0.49 22.80 -14.01
N ALA A 346 0.58 22.15 -15.17
CA ALA A 346 0.26 20.73 -15.26
C ALA A 346 1.22 19.88 -14.43
N LEU A 347 2.51 20.23 -14.45
CA LEU A 347 3.52 19.52 -13.66
C LEU A 347 3.23 19.62 -12.18
N GLY A 348 3.01 20.84 -11.69
CA GLY A 348 2.69 21.02 -10.27
C GLY A 348 1.53 20.16 -9.85
N GLN A 349 0.44 20.21 -10.62
CA GLN A 349 -0.73 19.44 -10.24
C GLN A 349 -0.52 17.94 -10.36
N GLY A 350 0.47 17.49 -11.14
CA GLY A 350 0.74 16.09 -11.25
C GLY A 350 1.81 15.52 -10.32
N ALA A 351 2.46 16.38 -9.54
CA ALA A 351 3.61 15.97 -8.72
C ALA A 351 3.37 14.66 -7.98
N TRP A 352 2.28 14.55 -7.23
CA TRP A 352 2.07 13.34 -6.43
C TRP A 352 1.87 12.10 -7.31
N ASP A 353 1.21 12.25 -8.45
CA ASP A 353 1.07 11.11 -9.33
C ASP A 353 2.44 10.64 -9.79
N MET A 354 3.33 11.58 -10.12
CA MET A 354 4.70 11.24 -10.53
C MET A 354 5.45 10.47 -9.44
N ILE A 355 5.46 11.01 -8.23
CA ILE A 355 6.27 10.41 -7.18
C ILE A 355 5.77 9.01 -6.86
N ASP A 356 4.44 8.81 -6.94
CA ASP A 356 3.74 7.58 -6.61
C ASP A 356 4.32 6.40 -7.38
N SER A 357 4.05 6.33 -8.67
CA SER A 357 4.70 5.36 -9.54
C SER A 357 5.62 6.15 -10.45
N GLN A 358 6.92 5.92 -10.27
CA GLN A 358 7.97 6.79 -10.76
C GLN A 358 8.05 6.84 -12.28
N VAL A 359 7.01 7.34 -12.94
CA VAL A 359 7.07 7.59 -14.37
C VAL A 359 7.41 9.06 -14.57
N PHE A 360 8.63 9.34 -14.99
CA PHE A 360 9.12 10.72 -15.00
C PHE A 360 9.06 11.31 -16.42
N LYS A 361 7.83 11.46 -16.89
CA LYS A 361 7.55 12.10 -18.17
C LYS A 361 6.63 13.29 -17.92
N GLU A 362 6.90 14.39 -18.60
CA GLU A 362 5.97 15.51 -18.55
C GLU A 362 4.60 15.03 -19.00
N PRO A 363 3.53 15.56 -18.42
CA PRO A 363 2.20 15.10 -18.80
C PRO A 363 1.84 15.52 -20.22
N LYS A 364 1.02 14.69 -20.85
CA LYS A 364 0.48 15.04 -22.15
C LYS A 364 -0.42 16.27 -22.02
N MET A 365 -0.18 17.26 -22.88
CA MET A 365 -1.05 18.44 -22.93
C MET A 365 -2.27 18.17 -23.81
N GLU A 366 -3.46 18.32 -23.25
CA GLU A 366 -4.70 18.06 -23.97
C GLU A 366 -4.98 19.20 -24.95
N VAL A 367 -4.91 18.89 -26.25
CA VAL A 367 -5.25 19.82 -27.33
C VAL A 367 -6.57 20.53 -27.08
N GLU A 368 -7.59 19.79 -26.63
CA GLU A 368 -8.91 20.40 -26.56
C GLU A 368 -9.02 21.42 -25.43
N LEU A 369 -8.16 21.34 -24.42
CA LEU A 369 -8.19 22.36 -23.38
C LEU A 369 -7.78 23.71 -23.93
N ILE A 370 -6.94 23.72 -24.95
CA ILE A 370 -6.51 24.98 -25.54
C ILE A 370 -7.49 25.45 -26.61
N THR A 371 -8.08 24.51 -27.37
CA THR A 371 -8.97 24.89 -28.46
C THR A 371 -10.44 24.97 -28.07
N ARG A 372 -10.86 24.27 -27.03
CA ARG A 372 -12.27 24.28 -26.65
C ARG A 372 -12.50 24.89 -25.27
N PHE A 373 -11.72 24.47 -24.26
CA PHE A 373 -12.08 24.87 -22.90
C PHE A 373 -11.72 26.32 -22.62
N LEU A 374 -10.44 26.68 -22.81
CA LEU A 374 -10.05 28.06 -22.64
C LEU A 374 -10.87 28.99 -23.53
N PRO A 375 -11.22 28.64 -24.77
CA PRO A 375 -12.12 29.50 -25.52
C PRO A 375 -13.47 29.71 -24.85
N MET A 376 -14.04 28.68 -24.22
CA MET A 376 -15.31 28.90 -23.54
C MET A 376 -15.13 29.80 -22.33
N LEU A 377 -14.01 29.66 -21.63
CA LEU A 377 -13.71 30.57 -20.53
C LEU A 377 -13.72 32.02 -21.01
N MET A 378 -12.96 32.34 -22.07
CA MET A 378 -12.94 33.73 -22.56
C MET A 378 -14.31 34.20 -23.06
N SER A 379 -15.14 33.29 -23.57
CA SER A 379 -16.49 33.65 -23.98
C SER A 379 -17.29 34.20 -22.80
N PHE A 380 -17.19 33.56 -21.62
CA PHE A 380 -17.85 34.11 -20.45
C PHE A 380 -17.40 35.54 -20.17
N LEU A 381 -16.10 35.83 -20.37
CA LEU A 381 -15.62 37.21 -20.25
C LEU A 381 -16.26 38.10 -21.29
N VAL A 382 -16.20 37.70 -22.55
CA VAL A 382 -16.71 38.55 -23.62
C VAL A 382 -18.21 38.74 -23.45
N ASP A 383 -18.91 37.68 -23.00
CA ASP A 383 -20.31 37.81 -22.65
C ASP A 383 -20.50 38.93 -21.65
N ASP A 384 -19.75 38.88 -20.56
CA ASP A 384 -19.91 39.84 -19.48
C ASP A 384 -19.50 41.23 -19.92
N TYR A 385 -18.52 41.34 -20.81
CA TYR A 385 -18.21 42.65 -21.37
C TYR A 385 -19.36 43.17 -22.23
N THR A 386 -19.99 42.27 -22.98
CA THR A 386 -21.10 42.68 -23.84
C THR A 386 -22.32 43.06 -23.01
N PHE A 387 -22.57 42.35 -21.91
CA PHE A 387 -23.67 42.73 -21.03
C PHE A 387 -23.48 44.15 -20.49
N ASN A 388 -22.27 44.45 -19.98
CA ASN A 388 -21.98 45.78 -19.47
C ASN A 388 -22.29 46.87 -20.49
N VAL A 389 -21.83 46.68 -21.73
CA VAL A 389 -22.06 47.69 -22.76
C VAL A 389 -23.52 47.70 -23.20
N ASP A 390 -24.19 46.55 -23.18
CA ASP A 390 -25.61 46.52 -23.48
C ASP A 390 -26.43 47.37 -22.51
N GLN A 391 -25.95 47.54 -21.28
CA GLN A 391 -26.70 48.37 -20.35
C GLN A 391 -26.45 49.86 -20.60
N LYS A 392 -25.21 50.23 -20.95
CA LYS A 392 -24.89 51.63 -21.24
C LYS A 392 -25.49 52.10 -22.57
N LEU A 393 -26.35 51.27 -23.16
CA LEU A 393 -26.97 51.68 -24.40
C LEU A 393 -28.46 51.93 -24.20
N PRO A 394 -29.02 52.93 -24.87
CA PRO A 394 -30.42 53.29 -24.63
C PRO A 394 -31.38 52.47 -25.47
N ALA A 395 -32.67 52.67 -25.25
CA ALA A 395 -33.74 51.92 -25.89
C ALA A 395 -33.54 50.41 -25.73
N GLU A 396 -33.50 49.99 -24.46
CA GLU A 396 -33.58 48.57 -24.15
C GLU A 396 -34.89 47.97 -24.67
N GLU A 397 -35.94 48.78 -24.70
CA GLU A 397 -37.21 48.37 -25.26
C GLU A 397 -37.72 47.07 -24.65
N LYS A 398 -38.23 46.19 -25.50
CA LYS A 398 -38.59 44.85 -25.06
C LYS A 398 -37.33 44.01 -24.90
N ALA A 399 -37.33 43.16 -23.88
CA ALA A 399 -36.15 42.40 -23.47
C ALA A 399 -35.00 43.34 -23.15
N PRO A 400 -35.07 44.12 -22.05
CA PRO A 400 -33.84 44.66 -21.47
C PRO A 400 -32.95 43.47 -21.13
N VAL A 401 -31.83 43.34 -21.83
CA VAL A 401 -31.07 42.09 -21.94
C VAL A 401 -30.98 41.32 -20.62
N SER A 402 -31.30 40.03 -20.67
CA SER A 402 -31.17 39.15 -19.52
C SER A 402 -29.73 38.63 -19.44
N TYR A 403 -29.17 38.63 -18.22
CA TYR A 403 -27.81 38.14 -18.08
C TYR A 403 -27.78 36.66 -18.46
N PRO A 404 -26.85 36.24 -19.32
CA PRO A 404 -26.81 34.83 -19.74
C PRO A 404 -26.52 33.92 -18.56
N ASN A 405 -27.44 33.00 -18.28
CA ASN A 405 -27.23 32.09 -17.16
C ASN A 405 -27.14 30.65 -17.63
N THR A 406 -26.37 30.43 -18.70
CA THR A 406 -26.28 29.15 -19.37
C THR A 406 -24.84 28.68 -19.38
N LEU A 407 -24.65 27.38 -19.10
CA LEU A 407 -23.35 26.76 -19.14
C LEU A 407 -23.31 25.70 -20.23
N PRO A 408 -22.49 25.84 -21.27
CA PRO A 408 -22.38 24.78 -22.28
C PRO A 408 -22.03 23.44 -21.65
N GLU A 409 -22.77 22.39 -22.01
CA GLU A 409 -22.54 21.11 -21.35
C GLU A 409 -21.08 20.68 -21.41
N SER A 410 -20.38 21.01 -22.50
CA SER A 410 -19.01 20.59 -22.62
C SER A 410 -18.13 21.23 -21.56
N PHE A 411 -18.48 22.45 -21.16
CA PHE A 411 -17.77 23.14 -20.09
C PHE A 411 -17.70 22.28 -18.85
N THR A 412 -18.87 21.91 -18.30
CA THR A 412 -18.87 21.18 -17.03
C THR A 412 -18.25 19.82 -17.19
N LYS A 413 -18.31 19.24 -18.39
CA LYS A 413 -17.57 18.01 -18.63
C LYS A 413 -16.07 18.21 -18.42
N PHE A 414 -15.49 19.30 -18.95
CA PHE A 414 -14.08 19.59 -18.68
C PHE A 414 -13.84 19.75 -17.20
N LEU A 415 -14.74 20.48 -16.52
CA LEU A 415 -14.59 20.72 -15.10
C LEU A 415 -14.53 19.41 -14.32
N GLN A 416 -15.30 18.42 -14.73
CA GLN A 416 -15.37 17.19 -13.95
C GLN A 416 -14.44 16.10 -14.46
N GLU A 417 -13.68 16.32 -15.54
CA GLU A 417 -12.80 15.28 -16.05
C GLU A 417 -11.35 15.69 -16.26
N GLN A 418 -10.95 16.91 -15.88
CA GLN A 418 -9.61 17.39 -16.19
C GLN A 418 -9.08 18.29 -15.08
N ARG A 419 -8.01 17.81 -14.42
CA ARG A 419 -7.35 18.55 -13.34
C ARG A 419 -7.14 20.02 -13.70
N MET A 420 -6.56 20.26 -14.86
CA MET A 420 -6.13 21.63 -15.13
C MET A 420 -7.29 22.53 -15.55
N ALA A 421 -8.28 22.00 -16.28
CA ALA A 421 -9.45 22.79 -16.63
C ALA A 421 -10.19 23.19 -15.37
N CYS A 422 -10.35 22.24 -14.47
CA CYS A 422 -11.00 22.54 -13.21
C CYS A 422 -10.28 23.67 -12.49
N GLU A 423 -8.95 23.56 -12.40
CA GLU A 423 -8.16 24.52 -11.64
C GLU A 423 -8.31 25.92 -12.21
N VAL A 424 -8.25 26.08 -13.54
CA VAL A 424 -8.25 27.47 -13.98
C VAL A 424 -9.67 27.99 -13.98
N GLY A 425 -10.65 27.11 -14.16
CA GLY A 425 -12.03 27.52 -13.98
C GLY A 425 -12.32 27.98 -12.56
N LEU A 426 -11.80 27.24 -11.58
CA LEU A 426 -11.90 27.67 -10.18
C LEU A 426 -11.35 29.09 -10.01
N TYR A 427 -10.19 29.38 -10.59
CA TYR A 427 -9.59 30.70 -10.41
C TYR A 427 -10.33 31.77 -11.18
N TYR A 428 -10.93 31.40 -12.31
CA TYR A 428 -11.81 32.35 -12.97
C TYR A 428 -13.04 32.64 -12.10
N VAL A 429 -13.55 31.64 -11.38
CA VAL A 429 -14.61 31.90 -10.40
C VAL A 429 -14.11 32.81 -9.28
N LEU A 430 -12.89 32.57 -8.79
CA LEU A 430 -12.32 33.43 -7.75
C LEU A 430 -12.19 34.87 -8.23
N HIS A 431 -11.90 35.04 -9.51
CA HIS A 431 -11.79 36.38 -10.07
C HIS A 431 -13.13 37.11 -10.08
N ILE A 432 -14.17 36.49 -10.64
CA ILE A 432 -15.44 37.22 -10.73
C ILE A 432 -16.04 37.48 -9.35
N THR A 433 -15.82 36.57 -8.38
CA THR A 433 -16.25 36.86 -7.01
C THR A 433 -15.58 38.12 -6.47
N LYS A 434 -14.24 38.16 -6.58
CA LYS A 434 -13.46 39.34 -6.17
C LYS A 434 -13.96 40.60 -6.86
N GLN A 435 -14.49 40.48 -8.08
CA GLN A 435 -15.11 41.61 -8.77
C GLN A 435 -16.55 41.83 -8.33
N ARG A 436 -17.01 41.09 -7.32
CA ARG A 436 -18.41 40.99 -6.90
C ARG A 436 -19.36 41.07 -8.09
N ASN A 437 -19.07 40.25 -9.09
CA ASN A 437 -19.96 40.03 -10.22
C ASN A 437 -20.97 38.95 -9.84
N LYS A 438 -21.99 39.39 -9.10
CA LYS A 438 -23.05 38.46 -8.68
C LYS A 438 -23.64 37.69 -9.85
N ASN A 439 -23.75 38.31 -11.03
CA ASN A 439 -24.35 37.60 -12.16
C ASN A 439 -23.43 36.50 -12.67
N ALA A 440 -22.15 36.83 -12.91
CA ALA A 440 -21.21 35.82 -13.38
C ALA A 440 -21.12 34.68 -12.37
N LEU A 441 -21.07 35.01 -11.09
CA LEU A 441 -20.91 34.00 -10.06
C LEU A 441 -22.07 33.01 -10.10
N LEU A 442 -23.32 33.50 -10.04
CA LEU A 442 -24.48 32.62 -10.10
C LEU A 442 -24.54 31.83 -11.40
N ARG A 443 -23.96 32.34 -12.49
CA ARG A 443 -23.93 31.57 -13.71
C ARG A 443 -22.98 30.38 -13.59
N LEU A 444 -21.83 30.57 -12.94
CA LEU A 444 -20.82 29.51 -12.90
C LEU A 444 -20.94 28.58 -11.70
N LEU A 445 -21.52 29.04 -10.61
CA LEU A 445 -21.64 28.21 -9.41
C LEU A 445 -22.26 26.85 -9.71
N PRO A 446 -23.43 26.75 -10.35
CA PRO A 446 -23.85 25.42 -10.82
C PRO A 446 -22.77 24.84 -11.72
N GLY A 447 -22.55 23.56 -11.64
CA GLY A 447 -21.41 23.06 -12.39
C GLY A 447 -20.06 23.19 -11.70
N LEU A 448 -20.00 23.83 -10.54
CA LEU A 448 -18.95 23.55 -9.58
C LEU A 448 -19.33 22.40 -8.65
N VAL A 449 -20.54 21.87 -8.81
CA VAL A 449 -21.09 20.88 -7.88
C VAL A 449 -20.42 19.53 -8.05
N GLU A 450 -19.84 19.28 -9.22
CA GLU A 450 -19.16 18.03 -9.56
C GLU A 450 -17.88 18.41 -10.30
N THR A 451 -16.72 18.22 -9.66
CA THR A 451 -15.46 18.60 -10.27
C THR A 451 -14.43 17.50 -10.07
N PHE A 452 -13.46 17.43 -10.97
CA PHE A 452 -12.39 16.43 -10.90
C PHE A 452 -11.74 16.45 -9.53
N GLY A 453 -11.74 15.30 -8.87
CA GLY A 453 -11.05 15.18 -7.60
C GLY A 453 -11.64 16.01 -6.49
N ASP A 454 -12.92 16.40 -6.60
CA ASP A 454 -13.56 17.29 -5.62
C ASP A 454 -12.73 18.54 -5.40
N LEU A 455 -12.12 19.04 -6.47
CA LEU A 455 -11.23 20.19 -6.35
C LEU A 455 -12.00 21.44 -5.92
N ALA A 456 -13.25 21.58 -6.37
CA ALA A 456 -14.00 22.74 -5.89
C ALA A 456 -14.38 22.62 -4.42
N PHE A 457 -14.03 21.52 -3.75
CA PHE A 457 -14.25 21.43 -2.32
C PHE A 457 -12.96 21.30 -1.54
N GLY A 458 -11.82 21.59 -2.18
CA GLY A 458 -10.56 21.62 -1.47
C GLY A 458 -10.50 22.78 -0.49
N ASP A 459 -9.64 22.62 0.52
CA ASP A 459 -9.52 23.64 1.55
C ASP A 459 -9.03 24.95 0.95
N ILE A 460 -8.12 24.88 -0.01
CA ILE A 460 -7.54 26.11 -0.55
C ILE A 460 -8.59 26.91 -1.31
N PHE A 461 -9.30 26.27 -2.25
CA PHE A 461 -10.31 27.01 -2.99
C PHE A 461 -11.41 27.53 -2.08
N LEU A 462 -11.84 26.70 -1.11
CA LEU A 462 -12.94 27.13 -0.24
C LEU A 462 -12.50 28.22 0.71
N HIS A 463 -11.22 28.26 1.08
CA HIS A 463 -10.73 29.36 1.91
C HIS A 463 -10.75 30.66 1.14
N LEU A 464 -10.30 30.62 -0.12
CA LEU A 464 -10.28 31.82 -0.94
C LEU A 464 -11.69 32.23 -1.34
N LEU A 465 -12.52 31.26 -1.73
CA LEU A 465 -13.88 31.59 -2.17
C LEU A 465 -14.66 32.25 -1.04
N THR A 466 -14.60 31.68 0.17
CA THR A 466 -15.33 32.29 1.28
C THR A 466 -14.72 33.62 1.68
N GLY A 467 -13.40 33.75 1.56
CA GLY A 467 -12.80 35.05 1.83
C GLY A 467 -13.27 36.10 0.85
N ASN A 468 -13.28 35.77 -0.44
CA ASN A 468 -13.79 36.70 -1.43
C ASN A 468 -15.29 36.94 -1.26
N LEU A 469 -16.03 35.98 -0.70
CA LEU A 469 -17.48 36.19 -0.57
C LEU A 469 -17.83 37.24 0.47
N ALA A 470 -16.87 37.74 1.23
CA ALA A 470 -17.18 38.84 2.15
C ALA A 470 -17.42 40.12 1.37
N LEU A 471 -16.73 40.31 0.26
CA LEU A 471 -16.98 41.46 -0.60
C LEU A 471 -18.44 41.53 -1.06
N LEU A 472 -19.17 40.42 -0.99
CA LEU A 472 -20.57 40.31 -1.40
C LEU A 472 -21.48 40.10 -0.19
N ALA A 473 -21.06 40.54 0.99
CA ALA A 473 -21.74 40.15 2.21
C ALA A 473 -23.19 40.65 2.24
N ASP A 474 -23.49 41.76 1.58
CA ASP A 474 -24.86 42.28 1.65
C ASP A 474 -25.83 41.36 0.91
N GLU A 475 -25.39 40.82 -0.22
CA GLU A 475 -26.23 39.93 -1.03
C GLU A 475 -26.81 38.77 -0.23
N PHE A 476 -26.29 38.47 0.96
CA PHE A 476 -26.79 37.33 1.70
C PHE A 476 -28.11 37.62 2.40
N ALA A 477 -28.59 38.86 2.35
CA ALA A 477 -29.92 39.16 2.85
C ALA A 477 -30.98 38.51 1.97
N LEU A 478 -30.85 38.65 0.65
CA LEU A 478 -31.71 37.94 -0.28
C LEU A 478 -31.50 36.44 -0.13
N GLU A 479 -32.60 35.68 -0.11
CA GLU A 479 -32.49 34.25 0.19
C GLU A 479 -32.21 33.39 -1.06
N ASP A 480 -32.49 33.86 -2.28
CA ASP A 480 -32.08 33.01 -3.40
C ASP A 480 -30.59 33.14 -3.72
N PHE A 481 -29.95 34.26 -3.38
CA PHE A 481 -28.48 34.25 -3.36
C PHE A 481 -27.97 33.34 -2.24
N CYS A 482 -28.63 33.41 -1.09
CA CYS A 482 -28.23 32.60 0.05
C CYS A 482 -28.33 31.12 -0.26
N SER A 483 -29.44 30.70 -0.86
CA SER A 483 -29.61 29.30 -1.17
C SER A 483 -28.83 28.88 -2.40
N SER A 484 -28.47 29.83 -3.26
CA SER A 484 -27.59 29.48 -4.38
C SER A 484 -26.23 29.04 -3.88
N LEU A 485 -25.73 29.67 -2.82
CA LEU A 485 -24.42 29.34 -2.28
C LEU A 485 -24.45 28.18 -1.30
N PHE A 486 -25.50 28.12 -0.47
CA PHE A 486 -25.56 27.03 0.49
C PHE A 486 -26.27 25.81 -0.10
N ASP A 487 -27.54 25.94 -0.46
CA ASP A 487 -28.27 24.81 -1.00
C ASP A 487 -27.76 24.38 -2.38
N GLY A 488 -27.25 25.32 -3.20
CA GLY A 488 -26.77 24.97 -4.52
C GLY A 488 -25.32 24.50 -4.56
N PHE A 489 -24.51 24.82 -3.54
CA PHE A 489 -23.08 24.50 -3.57
C PHE A 489 -22.57 23.84 -2.30
N PHE A 490 -22.59 24.54 -1.17
CA PHE A 490 -21.96 24.01 0.03
C PHE A 490 -22.67 22.76 0.53
N LEU A 491 -23.99 22.78 0.58
CA LEU A 491 -24.73 21.64 1.12
C LEU A 491 -24.76 20.45 0.16
N THR A 492 -24.28 20.65 -1.06
CA THR A 492 -24.06 19.53 -1.96
C THR A 492 -23.08 18.53 -1.38
N ALA A 493 -22.05 19.01 -0.70
CA ALA A 493 -20.97 18.15 -0.25
C ALA A 493 -20.78 18.13 1.25
N SER A 494 -21.50 18.96 2.00
CA SER A 494 -21.27 19.04 3.44
C SER A 494 -21.61 17.76 4.22
N PRO A 495 -22.60 16.94 3.85
CA PRO A 495 -22.75 15.65 4.56
C PRO A 495 -21.60 14.67 4.33
N ARG A 496 -20.95 14.68 3.16
CA ARG A 496 -19.96 13.65 2.84
C ARG A 496 -18.54 14.08 3.16
N LYS A 497 -18.21 15.35 3.00
CA LYS A 497 -16.84 15.84 3.21
C LYS A 497 -16.81 16.74 4.45
N GLU A 498 -16.06 16.33 5.46
CA GLU A 498 -16.04 17.07 6.72
C GLU A 498 -15.59 18.52 6.50
N ASN A 499 -14.52 18.73 5.74
CA ASN A 499 -13.97 20.08 5.62
C ASN A 499 -14.96 21.04 4.96
N VAL A 500 -15.87 20.52 4.14
CA VAL A 500 -16.88 21.38 3.57
C VAL A 500 -17.89 21.78 4.64
N HIS A 501 -18.24 20.82 5.50
CA HIS A 501 -19.03 21.11 6.69
C HIS A 501 -18.38 22.24 7.49
N ARG A 502 -17.07 22.14 7.68
CA ARG A 502 -16.35 23.13 8.47
C ARG A 502 -16.37 24.50 7.78
N HIS A 503 -16.03 24.53 6.49
CA HIS A 503 -16.04 25.80 5.77
C HIS A 503 -17.41 26.45 5.80
N ALA A 504 -18.47 25.68 5.52
CA ALA A 504 -19.82 26.22 5.53
C ALA A 504 -20.15 26.88 6.87
N LEU A 505 -19.88 26.20 7.97
CA LEU A 505 -20.12 26.82 9.28
C LEU A 505 -19.22 28.05 9.49
N ARG A 506 -17.99 28.02 8.97
CA ARG A 506 -17.11 29.16 9.16
C ARG A 506 -17.60 30.38 8.37
N LEU A 507 -18.20 30.15 7.20
CA LEU A 507 -18.74 31.27 6.44
C LEU A 507 -19.98 31.85 7.11
N LEU A 508 -20.85 30.97 7.62
CA LEU A 508 -22.03 31.42 8.35
C LEU A 508 -21.67 32.28 9.55
N ILE A 509 -20.76 31.79 10.39
CA ILE A 509 -20.35 32.56 11.56
C ILE A 509 -19.93 33.97 11.18
N HIS A 510 -19.12 34.10 10.12
CA HIS A 510 -18.68 35.42 9.69
C HIS A 510 -19.84 36.28 9.18
N LEU A 511 -20.82 35.64 8.56
CA LEU A 511 -21.92 36.33 7.89
C LEU A 511 -23.22 36.25 8.67
N HIS A 512 -23.19 35.85 9.94
CA HIS A 512 -24.43 35.56 10.63
C HIS A 512 -25.43 36.72 10.65
N PRO A 513 -25.03 37.98 10.90
CA PRO A 513 -26.07 39.02 10.96
C PRO A 513 -26.73 39.29 9.61
N ARG A 514 -25.99 39.19 8.51
CA ARG A 514 -26.54 39.54 7.22
C ARG A 514 -27.55 38.53 6.70
N VAL A 515 -27.63 37.35 7.29
CA VAL A 515 -28.43 36.25 6.76
C VAL A 515 -29.82 36.28 7.35
N ALA A 516 -30.83 36.10 6.50
CA ALA A 516 -32.21 36.22 6.93
C ALA A 516 -32.52 35.20 8.03
N PRO A 517 -33.02 35.65 9.19
CA PRO A 517 -33.06 34.76 10.38
C PRO A 517 -33.75 33.42 10.17
N SER A 518 -34.85 33.39 9.42
CA SER A 518 -35.49 32.09 9.19
C SER A 518 -34.62 31.21 8.30
N LYS A 519 -33.81 31.81 7.41
CA LYS A 519 -32.87 31.01 6.64
C LYS A 519 -31.70 30.57 7.51
N LEU A 520 -31.22 31.45 8.38
CA LEU A 520 -30.17 31.10 9.33
C LEU A 520 -30.54 29.86 10.10
N GLU A 521 -31.76 29.83 10.61
CA GLU A 521 -32.17 28.70 11.44
C GLU A 521 -32.25 27.42 10.62
N ALA A 522 -32.71 27.54 9.37
CA ALA A 522 -32.76 26.37 8.49
C ALA A 522 -31.36 25.86 8.17
N LEU A 523 -30.45 26.75 7.78
CA LEU A 523 -29.07 26.35 7.54
C LEU A 523 -28.45 25.77 8.79
N GLN A 524 -28.67 26.41 9.94
CA GLN A 524 -28.18 25.87 11.19
C GLN A 524 -28.59 24.41 11.34
N LYS A 525 -29.87 24.11 11.10
CA LYS A 525 -30.33 22.73 11.21
C LYS A 525 -29.64 21.83 10.18
N ALA A 526 -29.44 22.32 8.96
CA ALA A 526 -28.79 21.50 7.95
C ALA A 526 -27.31 21.27 8.21
N LEU A 527 -26.69 22.03 9.13
CA LEU A 527 -25.27 21.86 9.37
C LEU A 527 -24.99 21.25 10.75
N GLU A 528 -25.95 20.53 11.32
CA GLU A 528 -25.76 19.95 12.65
C GLU A 528 -24.65 18.90 12.63
N PRO A 529 -23.96 18.73 13.73
CA PRO A 529 -22.97 17.64 13.82
C PRO A 529 -23.64 16.30 13.63
N THR A 530 -23.11 15.53 12.68
CA THR A 530 -23.71 14.28 12.22
C THR A 530 -23.34 13.09 13.11
N GLY A 531 -22.90 13.34 14.34
CA GLY A 531 -22.66 12.26 15.28
C GLY A 531 -21.35 11.52 15.07
N GLN A 532 -21.00 11.32 13.81
CA GLN A 532 -19.71 10.77 13.40
C GLN A 532 -18.72 11.86 13.02
N SER A 533 -19.00 13.11 13.38
CA SER A 533 -18.14 14.23 12.98
C SER A 533 -17.11 14.53 14.07
N GLY A 534 -16.11 15.32 13.69
CA GLY A 534 -14.97 15.57 14.54
C GLY A 534 -15.12 16.79 15.41
N GLU A 535 -14.11 17.00 16.26
CA GLU A 535 -14.16 18.06 17.25
C GLU A 535 -14.26 19.45 16.62
N ALA A 536 -13.65 19.64 15.45
CA ALA A 536 -13.59 20.97 14.83
C ALA A 536 -14.98 21.49 14.44
N VAL A 537 -15.80 20.66 13.76
CA VAL A 537 -17.14 21.14 13.41
C VAL A 537 -18.05 21.19 14.62
N LYS A 538 -17.78 20.40 15.66
CA LYS A 538 -18.59 20.52 16.86
C LYS A 538 -18.36 21.87 17.55
N GLU A 539 -17.09 22.28 17.68
CA GLU A 539 -16.81 23.58 18.29
C GLU A 539 -17.32 24.72 17.43
N LEU A 540 -17.23 24.56 16.11
CA LEU A 540 -17.78 25.57 15.21
C LEU A 540 -19.30 25.64 15.33
N TYR A 541 -19.98 24.48 15.42
CA TYR A 541 -21.43 24.50 15.61
C TYR A 541 -21.82 25.17 16.91
N SER A 542 -20.99 25.03 17.95
CA SER A 542 -21.25 25.75 19.20
C SER A 542 -21.08 27.25 19.02
N GLN A 543 -20.05 27.66 18.26
CA GLN A 543 -19.83 29.09 18.04
C GLN A 543 -21.01 29.73 17.34
N LEU A 544 -21.61 29.03 16.37
CA LEU A 544 -22.87 29.48 15.79
C LEU A 544 -23.91 29.71 16.88
N GLY A 545 -24.04 28.76 17.81
CA GLY A 545 -25.07 28.85 18.82
C GLY A 545 -25.01 30.15 19.62
N GLU A 546 -23.84 30.46 20.16
CA GLU A 546 -23.72 31.66 20.98
C GLU A 546 -23.90 32.93 20.16
N LYS A 547 -23.41 32.96 18.91
CA LYS A 547 -23.58 34.16 18.10
C LYS A 547 -25.06 34.39 17.75
N LEU A 548 -25.83 33.31 17.58
CA LEU A 548 -27.24 33.43 17.20
C LEU A 548 -28.15 33.77 18.37
N GLU A 549 -27.71 33.54 19.61
CA GLU A 549 -28.42 33.99 20.79
C GLU A 549 -27.99 35.38 21.23
N GLN A 550 -26.74 35.78 20.91
CA GLN A 550 -26.28 37.12 21.18
C GLN A 550 -26.87 38.14 20.21
N LEU A 551 -27.11 37.73 18.96
CA LEU A 551 -27.73 38.61 17.98
C LEU A 551 -29.19 38.95 18.34
N ASP A 552 -29.83 38.14 19.18
CA ASP A 552 -31.25 38.31 19.51
C ASP A 552 -31.52 39.46 20.47
N HIS A 553 -30.48 40.13 20.99
CA HIS A 553 -30.65 41.26 21.91
C HIS A 553 -30.81 42.59 21.18
N ARG A 554 -30.60 42.62 19.86
CA ARG A 554 -30.83 43.81 19.03
C ARG A 554 -32.33 44.16 18.98
N GLY B 2 19.36 28.61 80.84
CA GLY B 2 20.68 28.24 81.34
C GLY B 2 21.74 28.08 80.26
N GLU B 3 21.87 26.86 79.73
CA GLU B 3 22.99 26.54 78.87
C GLU B 3 22.66 26.75 77.39
N ASP B 4 23.71 27.09 76.64
CA ASP B 4 23.69 27.42 75.23
C ASP B 4 23.37 26.24 74.32
N ASP B 5 23.48 25.01 74.84
CA ASP B 5 23.93 23.86 74.05
C ASP B 5 23.21 23.70 72.72
N ALA B 6 21.91 23.93 72.67
CA ALA B 6 21.21 23.63 71.43
C ALA B 6 21.34 24.76 70.40
N GLU B 7 21.52 26.00 70.86
CA GLU B 7 21.77 27.10 69.93
C GLU B 7 23.13 26.93 69.25
N VAL B 8 24.19 26.77 70.05
CA VAL B 8 25.55 26.54 69.55
C VAL B 8 25.58 25.36 68.59
N GLN B 9 24.83 24.30 68.86
CA GLN B 9 24.88 23.10 68.03
C GLN B 9 24.49 23.40 66.59
N GLN B 10 23.41 24.15 66.41
CA GLN B 10 22.86 24.47 65.10
C GLN B 10 23.65 25.57 64.39
N GLU B 11 24.16 26.55 65.15
CA GLU B 11 25.16 27.45 64.62
C GLU B 11 26.28 26.70 63.91
N CYS B 12 26.71 25.57 64.48
CA CYS B 12 27.78 24.76 63.90
C CYS B 12 27.28 23.89 62.78
N LEU B 13 26.10 23.28 62.94
CA LEU B 13 25.56 22.48 61.86
C LEU B 13 25.33 23.31 60.61
N HIS B 14 25.14 24.62 60.77
CA HIS B 14 24.94 25.47 59.60
C HIS B 14 26.22 25.56 58.79
N LYS B 15 27.30 26.00 59.43
CA LYS B 15 28.60 26.01 58.77
C LYS B 15 28.94 24.65 58.15
N PHE B 16 28.57 23.55 58.82
CA PHE B 16 28.88 22.24 58.26
C PHE B 16 28.21 22.04 56.91
N SER B 17 27.10 22.74 56.68
CA SER B 17 26.32 22.61 55.45
C SER B 17 26.87 23.46 54.32
N THR B 18 27.63 24.50 54.62
CA THR B 18 28.04 25.41 53.57
C THR B 18 29.04 24.74 52.64
N ARG B 19 29.22 25.34 51.47
CA ARG B 19 30.04 24.75 50.43
C ARG B 19 31.48 24.61 50.89
N ASP B 20 32.02 23.40 50.74
CA ASP B 20 33.44 23.12 50.96
C ASP B 20 33.91 23.60 52.32
N TYR B 21 33.08 23.44 53.35
CA TYR B 21 33.52 23.82 54.68
C TYR B 21 34.68 22.96 55.18
N ILE B 22 34.84 21.76 54.61
CA ILE B 22 35.98 20.93 54.95
C ILE B 22 37.29 21.67 54.68
N MET B 23 37.30 22.60 53.72
CA MET B 23 38.48 23.40 53.46
C MET B 23 38.58 24.61 54.38
N GLU B 24 37.69 24.76 55.32
CA GLU B 24 37.96 26.09 55.86
C GLU B 24 38.84 26.00 57.11
N PRO B 25 39.81 26.90 57.27
CA PRO B 25 40.60 26.91 58.51
C PRO B 25 39.76 26.95 59.78
N SER B 26 38.63 27.64 59.77
CA SER B 26 37.79 27.74 60.97
C SER B 26 37.14 26.42 61.36
N ILE B 27 37.29 25.34 60.57
CA ILE B 27 36.54 24.12 60.86
C ILE B 27 36.99 23.49 62.17
N PHE B 28 38.25 23.68 62.56
CA PHE B 28 38.72 23.09 63.80
C PHE B 28 38.09 23.80 65.00
N ASN B 29 38.11 25.13 64.98
CA ASN B 29 37.39 25.88 66.00
C ASN B 29 35.90 25.49 66.03
N THR B 30 35.30 25.28 64.87
CA THR B 30 33.86 25.02 64.84
C THR B 30 33.55 23.64 65.39
N LEU B 31 34.42 22.66 65.14
CA LEU B 31 34.19 21.33 65.64
C LEU B 31 34.31 21.28 67.16
N LYS B 32 35.24 22.06 67.73
CA LYS B 32 35.37 22.11 69.17
C LYS B 32 34.15 22.77 69.82
N ARG B 33 33.68 23.88 69.26
CA ARG B 33 32.43 24.48 69.77
C ARG B 33 31.29 23.48 69.73
N TYR B 34 31.21 22.70 68.65
CA TYR B 34 30.16 21.70 68.48
C TYR B 34 30.19 20.65 69.58
N PHE B 35 31.37 20.13 69.90
CA PHE B 35 31.44 19.03 70.86
C PHE B 35 31.34 19.51 72.30
N GLN B 36 32.02 20.62 72.65
CA GLN B 36 31.84 21.25 73.97
C GLN B 36 30.38 21.58 74.26
N ALA B 37 29.54 21.65 73.22
CA ALA B 37 28.10 21.81 73.36
C ALA B 37 27.38 20.48 73.18
N GLY B 38 28.09 19.38 73.34
CA GLY B 38 27.48 18.06 73.33
C GLY B 38 26.78 17.68 72.04
N GLY B 39 27.47 17.86 70.90
CA GLY B 39 26.90 17.48 69.63
C GLY B 39 27.28 16.05 69.27
N SER B 40 26.26 15.26 68.92
CA SER B 40 26.51 13.95 68.33
C SER B 40 27.28 14.12 67.02
N PRO B 41 28.20 13.20 66.71
CA PRO B 41 29.11 13.46 65.57
C PRO B 41 28.68 12.79 64.27
N GLU B 42 27.83 11.76 64.31
CA GLU B 42 27.63 10.92 63.12
C GLU B 42 27.15 11.74 61.92
N ASN B 43 26.24 12.68 62.13
CA ASN B 43 25.76 13.45 60.99
C ASN B 43 26.71 14.55 60.53
N VAL B 44 27.83 14.76 61.23
CA VAL B 44 28.79 15.76 60.79
C VAL B 44 29.55 15.28 59.56
N ILE B 45 29.99 14.01 59.58
CA ILE B 45 30.60 13.43 58.39
C ILE B 45 29.67 13.53 57.19
N GLN B 46 28.36 13.38 57.42
CA GLN B 46 27.41 13.46 56.33
C GLN B 46 27.38 14.85 55.71
N LEU B 47 27.25 15.88 56.55
CA LEU B 47 27.16 17.25 56.06
C LEU B 47 28.43 17.64 55.31
N LEU B 48 29.60 17.34 55.87
CA LEU B 48 30.84 17.77 55.25
C LEU B 48 31.06 17.12 53.89
N SER B 49 30.74 15.84 53.75
CA SER B 49 30.98 15.19 52.47
C SER B 49 29.87 15.47 51.46
N GLU B 50 28.61 15.58 51.89
CA GLU B 50 27.53 15.88 50.95
C GLU B 50 27.74 17.23 50.29
N ASN B 51 28.31 18.20 51.02
CA ASN B 51 28.47 19.55 50.52
C ASN B 51 29.88 19.84 50.03
N TYR B 52 30.65 18.81 49.72
CA TYR B 52 31.98 18.99 49.15
C TYR B 52 31.89 19.01 47.63
N THR B 53 32.39 20.11 47.05
CA THR B 53 32.37 20.38 45.62
C THR B 53 33.76 20.39 45.01
N ALA B 54 34.79 20.51 45.84
CA ALA B 54 36.17 20.52 45.39
C ALA B 54 36.44 21.71 44.46
N VAL B 55 35.93 22.88 44.84
CA VAL B 55 36.23 24.08 44.06
C VAL B 55 37.74 24.23 43.88
N ALA B 56 38.49 24.10 44.98
CA ALA B 56 39.92 24.34 44.91
C ALA B 56 40.61 23.33 43.98
N GLN B 57 40.23 22.04 44.06
CA GLN B 57 40.81 21.09 43.12
C GLN B 57 40.39 21.41 41.69
N THR B 58 39.23 22.01 41.54
CA THR B 58 38.73 22.39 40.23
C THR B 58 39.55 23.55 39.64
N VAL B 59 40.09 24.42 40.51
CA VAL B 59 41.07 25.41 40.08
C VAL B 59 42.36 24.74 39.60
N ASN B 60 42.83 23.72 40.31
CA ASN B 60 44.04 23.01 39.87
C ASN B 60 43.82 22.44 38.48
N LEU B 61 42.67 21.81 38.25
CA LEU B 61 42.35 21.24 36.95
C LEU B 61 42.39 22.32 35.86
N LEU B 62 41.69 23.43 36.09
CA LEU B 62 41.68 24.48 35.07
C LEU B 62 43.09 24.94 34.75
N ALA B 63 43.93 25.05 35.78
CA ALA B 63 45.30 25.52 35.59
C ALA B 63 46.10 24.55 34.72
N GLU B 64 46.02 23.26 35.01
CA GLU B 64 46.79 22.35 34.18
C GLU B 64 46.23 22.26 32.78
N TRP B 65 44.91 22.39 32.64
CA TRP B 65 44.34 22.41 31.30
C TRP B 65 44.88 23.61 30.52
N LEU B 66 44.81 24.80 31.10
CA LEU B 66 45.34 25.99 30.43
C LEU B 66 46.80 25.78 30.03
N ILE B 67 47.60 25.22 30.95
CA ILE B 67 49.01 25.00 30.69
C ILE B 67 49.20 24.00 29.56
N GLN B 68 48.36 22.95 29.51
CA GLN B 68 48.46 21.98 28.43
C GLN B 68 48.10 22.59 27.08
N THR B 69 47.22 23.59 27.06
CA THR B 69 46.92 24.27 25.79
C THR B 69 47.96 25.31 25.40
N GLY B 70 48.99 25.53 26.20
CA GLY B 70 50.10 26.38 25.80
C GLY B 70 50.32 27.63 26.63
N VAL B 71 49.44 27.96 27.59
CA VAL B 71 49.75 29.03 28.52
C VAL B 71 51.03 28.71 29.30
N GLU B 72 51.85 29.73 29.49
CA GLU B 72 53.04 29.60 30.33
C GLU B 72 52.63 29.34 31.76
N PRO B 73 53.21 28.34 32.46
CA PRO B 73 52.76 28.06 33.84
C PRO B 73 52.88 29.26 34.76
N VAL B 74 54.00 29.98 34.71
CA VAL B 74 54.20 31.07 35.66
C VAL B 74 53.10 32.12 35.52
N GLN B 75 52.41 32.14 34.38
CA GLN B 75 51.37 33.13 34.17
C GLN B 75 50.05 32.74 34.83
N VAL B 76 49.69 31.45 34.77
CA VAL B 76 48.55 30.99 35.56
C VAL B 76 48.82 31.23 37.04
N GLN B 77 50.07 30.98 37.46
CA GLN B 77 50.43 31.25 38.85
C GLN B 77 50.21 32.72 39.20
N GLU B 78 50.55 33.64 38.28
CA GLU B 78 50.44 35.06 38.57
C GLU B 78 48.99 35.51 38.64
N THR B 79 48.13 34.97 37.77
CA THR B 79 46.70 35.23 37.92
C THR B 79 46.19 34.79 39.29
N VAL B 80 46.55 33.57 39.71
CA VAL B 80 46.07 33.08 41.01
C VAL B 80 46.57 33.98 42.13
N GLU B 81 47.85 34.35 42.10
CA GLU B 81 48.41 35.19 43.14
C GLU B 81 47.73 36.56 43.17
N ASN B 82 47.44 37.13 42.01
CA ASN B 82 46.81 38.44 42.03
C ASN B 82 45.40 38.38 42.60
N HIS B 83 44.73 37.22 42.54
CA HIS B 83 43.42 37.15 43.15
C HIS B 83 43.52 37.17 44.67
N LEU B 84 44.48 36.43 45.24
CA LEU B 84 44.75 36.56 46.66
C LEU B 84 45.08 38.00 46.99
N LYS B 85 45.88 38.64 46.14
CA LYS B 85 46.34 39.98 46.45
C LYS B 85 45.19 40.96 46.39
N SER B 86 44.28 40.74 45.45
CA SER B 86 43.13 41.63 45.34
C SER B 86 42.24 41.52 46.57
N LEU B 87 42.01 40.29 47.05
CA LEU B 87 41.15 40.13 48.22
C LEU B 87 41.76 40.78 49.45
N LEU B 88 43.06 40.56 49.65
CA LEU B 88 43.75 41.09 50.81
C LEU B 88 43.72 42.61 50.84
N ILE B 89 43.81 43.25 49.67
CA ILE B 89 43.76 44.71 49.62
C ILE B 89 42.35 45.21 49.91
N LYS B 90 41.33 44.47 49.47
CA LYS B 90 39.95 44.93 49.64
C LYS B 90 39.54 44.91 51.11
N HIS B 91 39.91 43.85 51.81
CA HIS B 91 39.45 43.62 53.17
C HIS B 91 40.47 44.03 54.21
N PHE B 92 41.51 44.78 53.82
CA PHE B 92 42.62 45.03 54.75
C PHE B 92 42.15 45.85 55.93
N ASP B 93 42.26 45.29 57.13
CA ASP B 93 41.88 45.98 58.35
C ASP B 93 43.13 46.21 59.19
N PRO B 94 43.47 47.45 59.52
CA PRO B 94 44.71 47.68 60.28
C PRO B 94 44.66 47.09 61.68
N ARG B 95 43.48 47.04 62.30
CA ARG B 95 43.38 46.52 63.66
C ARG B 95 43.64 45.01 63.69
N LYS B 96 43.18 44.29 62.68
CA LYS B 96 43.51 42.86 62.58
C LYS B 96 45.01 42.66 62.43
N ALA B 97 45.63 43.45 61.56
CA ALA B 97 47.07 43.35 61.31
C ALA B 97 47.87 43.58 62.59
N ASP B 98 47.55 44.66 63.32
CA ASP B 98 48.21 44.93 64.60
C ASP B 98 47.94 43.83 65.62
N SER B 99 46.86 43.07 65.44
CA SER B 99 46.59 41.96 66.35
C SER B 99 47.59 40.82 66.15
N ILE B 100 48.07 40.62 64.92
CA ILE B 100 49.16 39.69 64.67
C ILE B 100 50.31 39.96 65.61
N PHE B 101 50.50 41.23 65.95
CA PHE B 101 51.65 41.67 66.72
C PHE B 101 51.42 41.52 68.23
N THR B 102 50.28 42.00 68.74
CA THR B 102 50.01 41.94 70.17
C THR B 102 49.53 40.55 70.63
N GLU B 103 49.25 39.64 69.70
CA GLU B 103 48.98 38.25 70.09
C GLU B 103 50.27 37.49 70.43
N GLU B 104 51.42 38.00 69.97
CA GLU B 104 52.74 37.49 70.34
C GLU B 104 53.79 38.50 69.88
N GLY B 105 54.67 38.93 70.81
CA GLY B 105 55.69 39.91 70.46
C GLY B 105 56.56 39.48 69.28
N GLU B 106 56.96 38.22 69.26
CA GLU B 106 57.62 37.64 68.09
C GLU B 106 56.66 37.64 66.89
N THR B 107 57.23 37.74 65.67
CA THR B 107 56.36 37.69 64.50
C THR B 107 56.08 36.25 64.07
N PRO B 108 54.97 36.01 63.40
CA PRO B 108 54.66 34.65 62.95
C PRO B 108 55.58 34.24 61.80
N ALA B 109 55.68 32.92 61.60
CA ALA B 109 56.65 32.40 60.64
C ALA B 109 56.26 32.76 59.21
N TRP B 110 54.98 32.97 58.93
CA TRP B 110 54.54 33.16 57.57
C TRP B 110 54.86 34.56 57.05
N LEU B 111 54.99 35.54 57.95
CA LEU B 111 55.38 36.88 57.53
C LEU B 111 56.75 36.87 56.87
N GLU B 112 57.74 36.28 57.56
CA GLU B 112 59.08 36.18 57.00
C GLU B 112 59.12 35.28 55.79
N GLN B 113 58.07 34.50 55.57
CA GLN B 113 58.06 33.64 54.40
C GLN B 113 57.41 34.34 53.22
N MET B 114 56.34 35.09 53.47
CA MET B 114 55.75 35.94 52.43
C MET B 114 56.81 36.84 51.80
N ILE B 115 57.70 37.40 52.63
CA ILE B 115 58.69 38.39 52.20
C ILE B 115 59.71 37.81 51.23
N ALA B 116 59.85 36.49 51.19
CA ALA B 116 60.80 35.94 50.23
C ALA B 116 60.30 36.06 48.80
N HIS B 117 58.98 36.04 48.60
CA HIS B 117 58.41 36.22 47.27
C HIS B 117 58.28 37.71 46.92
N THR B 118 58.67 38.05 45.70
CA THR B 118 58.68 39.47 45.39
C THR B 118 57.28 40.00 45.10
N THR B 119 56.34 39.16 44.66
CA THR B 119 54.98 39.65 44.52
C THR B 119 54.38 40.03 45.88
N TRP B 120 54.65 39.25 46.93
CA TRP B 120 54.11 39.62 48.25
C TRP B 120 54.73 40.91 48.77
N ARG B 121 56.03 41.11 48.56
CA ARG B 121 56.64 42.39 48.91
C ARG B 121 55.96 43.54 48.17
N ASP B 122 55.58 43.33 46.89
CA ASP B 122 54.83 44.36 46.19
C ASP B 122 53.50 44.63 46.89
N LEU B 123 52.83 43.56 47.33
CA LEU B 123 51.57 43.75 48.03
C LEU B 123 51.77 44.56 49.30
N PHE B 124 52.87 44.33 50.01
CA PHE B 124 53.08 45.06 51.26
C PHE B 124 53.36 46.53 50.98
N TYR B 125 54.16 46.82 49.94
CA TYR B 125 54.40 48.20 49.50
C TYR B 125 53.09 48.89 49.12
N LYS B 126 52.27 48.26 48.27
CA LYS B 126 50.99 48.87 47.91
C LYS B 126 50.11 49.04 49.13
N LEU B 127 50.25 48.16 50.12
CA LEU B 127 49.49 48.30 51.35
C LEU B 127 50.03 49.45 52.20
N ALA B 128 51.35 49.63 52.22
CA ALA B 128 51.96 50.67 53.03
C ALA B 128 51.64 52.07 52.54
N GLU B 129 51.28 52.23 51.26
CA GLU B 129 50.85 53.54 50.79
C GLU B 129 49.41 53.82 51.19
N ALA B 130 48.50 52.89 50.86
CA ALA B 130 47.08 53.10 51.12
C ALA B 130 46.76 53.23 52.61
N HIS B 131 47.69 52.83 53.48
CA HIS B 131 47.49 52.90 54.93
C HIS B 131 48.82 53.27 55.56
N PRO B 132 49.25 54.53 55.41
CA PRO B 132 50.63 54.89 55.78
C PRO B 132 50.91 54.81 57.26
N ASP B 133 49.89 54.97 58.11
CA ASP B 133 50.09 55.01 59.55
C ASP B 133 49.57 53.75 60.25
N CYS B 134 49.71 52.61 59.59
CA CYS B 134 49.46 51.32 60.21
C CYS B 134 50.77 50.72 60.71
N LEU B 135 50.72 50.11 61.89
CA LEU B 135 51.94 49.62 62.51
C LEU B 135 52.45 48.35 61.85
N MET B 136 51.57 47.42 61.46
CA MET B 136 52.07 46.14 60.96
C MET B 136 52.76 46.33 59.63
N LEU B 137 52.23 47.20 58.78
CA LEU B 137 52.89 47.49 57.50
C LEU B 137 54.24 48.17 57.70
N ASN B 138 54.30 49.20 58.56
CA ASN B 138 55.57 49.88 58.79
C ASN B 138 56.62 48.91 59.31
N PHE B 139 56.21 47.98 60.18
CA PHE B 139 57.11 46.93 60.63
C PHE B 139 57.56 46.05 59.46
N THR B 140 56.61 45.65 58.60
CA THR B 140 56.91 44.71 57.52
C THR B 140 57.82 45.34 56.48
N VAL B 141 57.55 46.60 56.12
CA VAL B 141 58.41 47.31 55.17
C VAL B 141 59.82 47.44 55.71
N LYS B 142 59.94 47.69 57.02
CA LYS B 142 61.25 47.75 57.65
C LYS B 142 61.92 46.37 57.68
N LEU B 143 61.14 45.31 57.93
CA LEU B 143 61.67 43.96 57.86
C LEU B 143 62.26 43.68 56.49
N ILE B 144 61.53 44.06 55.43
CA ILE B 144 62.01 43.92 54.06
C ILE B 144 63.28 44.73 53.85
N SER B 145 63.24 46.02 54.19
CA SER B 145 64.40 46.89 54.04
C SER B 145 65.59 46.34 54.81
N ASP B 146 65.36 45.90 56.05
CA ASP B 146 66.45 45.43 56.90
C ASP B 146 67.06 44.14 56.36
N ALA B 147 66.48 43.61 55.29
CA ALA B 147 67.02 42.44 54.60
C ALA B 147 68.10 42.89 53.62
N MET C 1 -39.93 -43.36 -26.51
CA MET C 1 -40.30 -44.76 -26.58
C MET C 1 -40.65 -45.28 -25.19
N PHE C 2 -41.38 -44.49 -24.38
CA PHE C 2 -41.30 -44.60 -22.91
C PHE C 2 -42.69 -44.40 -22.29
N ALA C 3 -42.70 -44.35 -20.95
CA ALA C 3 -43.91 -44.35 -20.14
C ALA C 3 -44.61 -42.98 -20.13
N GLY C 4 -43.84 -41.88 -20.10
CA GLY C 4 -44.42 -40.56 -20.01
C GLY C 4 -45.49 -40.25 -21.03
N LEU C 5 -45.54 -41.03 -22.13
CA LEU C 5 -46.58 -40.84 -23.13
C LEU C 5 -47.97 -40.96 -22.53
N GLN C 6 -48.16 -41.90 -21.60
CA GLN C 6 -49.48 -42.09 -21.01
C GLN C 6 -49.90 -40.86 -20.21
N ASP C 7 -48.95 -40.14 -19.63
CA ASP C 7 -49.28 -38.90 -18.94
C ASP C 7 -50.03 -37.92 -19.84
N LEU C 8 -49.85 -38.02 -21.16
CA LEU C 8 -50.44 -37.08 -22.10
C LEU C 8 -51.57 -37.68 -22.92
N GLY C 9 -52.10 -38.82 -22.49
CA GLY C 9 -53.15 -39.49 -23.22
C GLY C 9 -52.73 -40.21 -24.46
N VAL C 10 -51.44 -40.52 -24.63
CA VAL C 10 -50.95 -41.11 -25.86
C VAL C 10 -50.51 -42.55 -25.58
N ALA C 11 -51.03 -43.48 -26.37
CA ALA C 11 -50.68 -44.88 -26.19
C ALA C 11 -49.18 -45.07 -26.38
N ASN C 12 -48.64 -46.09 -25.73
CA ASN C 12 -47.25 -46.48 -25.96
C ASN C 12 -47.21 -47.98 -26.18
N GLY C 13 -46.00 -48.55 -26.11
CA GLY C 13 -45.82 -49.94 -26.47
C GLY C 13 -46.64 -50.91 -25.62
N GLU C 14 -46.86 -50.56 -24.36
CA GLU C 14 -47.62 -51.46 -23.52
C GLU C 14 -49.11 -51.31 -23.77
N ASP C 15 -49.56 -50.10 -24.10
CA ASP C 15 -50.92 -49.95 -24.60
C ASP C 15 -51.10 -50.75 -25.88
N LEU C 16 -50.07 -50.80 -26.73
CA LEU C 16 -50.16 -51.52 -27.99
C LEU C 16 -50.31 -53.01 -27.74
N LYS C 17 -49.40 -53.57 -26.92
CA LYS C 17 -49.43 -54.98 -26.58
C LYS C 17 -50.77 -55.38 -25.95
N GLU C 18 -51.30 -54.54 -25.07
CA GLU C 18 -52.62 -54.82 -24.50
C GLU C 18 -53.69 -54.82 -25.59
N THR C 19 -53.60 -53.92 -26.56
CA THR C 19 -54.62 -53.88 -27.62
C THR C 19 -54.56 -55.13 -28.49
N LEU C 20 -53.35 -55.59 -28.84
CA LEU C 20 -53.19 -56.70 -29.77
C LEU C 20 -53.42 -58.07 -29.11
N THR C 21 -53.07 -58.21 -27.82
CA THR C 21 -53.20 -59.50 -27.13
C THR C 21 -54.67 -59.87 -27.00
N ASN C 22 -55.00 -61.10 -27.38
CA ASN C 22 -56.36 -61.60 -27.26
C ASN C 22 -57.39 -60.71 -27.97
N CYS C 23 -57.01 -60.15 -29.12
CA CYS C 23 -57.96 -59.34 -29.89
C CYS C 23 -58.77 -60.24 -30.81
N THR C 24 -60.09 -60.05 -30.82
CA THR C 24 -60.92 -60.88 -31.68
C THR C 24 -60.78 -60.48 -33.15
N GLU C 25 -60.41 -59.23 -33.44
CA GLU C 25 -60.22 -58.76 -34.82
C GLU C 25 -58.89 -58.01 -34.94
N PRO C 26 -57.77 -58.74 -34.87
CA PRO C 26 -56.45 -58.07 -34.74
C PRO C 26 -56.12 -57.09 -35.86
N LEU C 27 -56.37 -57.44 -37.12
CA LEU C 27 -55.96 -56.55 -38.21
C LEU C 27 -56.84 -55.31 -38.32
N LYS C 28 -58.12 -55.42 -37.95
CA LYS C 28 -58.90 -54.22 -37.76
C LYS C 28 -58.28 -53.36 -36.67
N ALA C 29 -57.82 -53.98 -35.58
CA ALA C 29 -57.22 -53.22 -34.48
C ALA C 29 -55.94 -52.52 -34.92
N ILE C 30 -55.12 -53.21 -35.73
CA ILE C 30 -53.91 -52.57 -36.24
C ILE C 30 -54.26 -51.38 -37.11
N GLU C 31 -55.23 -51.57 -38.02
CA GLU C 31 -55.60 -50.48 -38.94
C GLU C 31 -56.04 -49.24 -38.16
N GLN C 32 -56.84 -49.43 -37.12
CA GLN C 32 -57.28 -48.29 -36.32
C GLN C 32 -56.10 -47.64 -35.60
N PHE C 33 -55.26 -48.44 -34.95
CA PHE C 33 -54.06 -47.91 -34.31
C PHE C 33 -53.26 -47.04 -35.27
N GLN C 34 -53.01 -47.55 -36.48
CA GLN C 34 -52.37 -46.73 -37.50
C GLN C 34 -53.09 -45.39 -37.65
N THR C 35 -54.42 -45.42 -37.68
CA THR C 35 -55.19 -44.22 -37.95
C THR C 35 -55.06 -43.21 -36.83
N GLU C 36 -55.19 -43.65 -35.58
CA GLU C 36 -55.31 -42.66 -34.52
C GLU C 36 -53.97 -42.31 -33.88
N ASN C 37 -52.86 -42.83 -34.40
CA ASN C 37 -51.54 -42.53 -33.83
C ASN C 37 -50.56 -42.01 -34.87
N GLY C 38 -51.01 -41.68 -36.08
CA GLY C 38 -50.18 -40.97 -37.02
C GLY C 38 -50.24 -39.48 -36.84
N VAL C 39 -49.55 -38.76 -37.73
CA VAL C 39 -49.65 -37.30 -37.74
C VAL C 39 -51.10 -36.91 -37.97
N LEU C 40 -51.65 -36.11 -37.07
CA LEU C 40 -53.08 -35.79 -37.09
C LEU C 40 -53.38 -34.57 -37.96
N LEU C 41 -52.97 -34.64 -39.22
CA LEU C 41 -53.13 -33.55 -40.18
C LEU C 41 -54.08 -33.98 -41.27
N PRO C 42 -55.29 -33.45 -41.34
CA PRO C 42 -56.26 -33.99 -42.30
C PRO C 42 -55.78 -33.93 -43.76
N SER C 43 -54.99 -32.93 -44.16
CA SER C 43 -54.53 -32.89 -45.54
C SER C 43 -53.55 -34.00 -45.90
N LEU C 44 -52.93 -34.62 -44.89
CA LEU C 44 -51.97 -35.70 -45.16
C LEU C 44 -52.67 -36.96 -45.66
N GLN C 45 -53.92 -37.17 -45.26
CA GLN C 45 -54.59 -38.44 -45.51
C GLN C 45 -54.68 -38.73 -47.01
N SER C 46 -55.17 -37.76 -47.78
CA SER C 46 -55.23 -37.90 -49.23
C SER C 46 -53.86 -38.18 -49.87
N ALA C 47 -52.78 -37.63 -49.32
CA ALA C 47 -51.50 -37.65 -50.01
C ALA C 47 -50.58 -38.79 -49.61
N LEU C 48 -50.75 -39.37 -48.41
CA LEU C 48 -49.84 -40.44 -48.00
C LEU C 48 -49.88 -41.67 -48.88
N PRO C 49 -51.02 -42.10 -49.43
CA PRO C 49 -51.00 -43.12 -50.49
C PRO C 49 -49.98 -42.86 -51.60
N PHE C 50 -49.76 -41.59 -51.96
CA PHE C 50 -48.83 -41.27 -53.04
C PHE C 50 -47.39 -41.50 -52.60
N LEU C 51 -47.09 -41.27 -51.33
CA LEU C 51 -45.79 -41.68 -50.81
C LEU C 51 -45.72 -43.19 -50.59
N ASP C 52 -46.84 -43.82 -50.24
CA ASP C 52 -46.85 -45.27 -50.07
C ASP C 52 -46.60 -45.98 -51.38
N LEU C 53 -47.17 -45.45 -52.46
CA LEU C 53 -47.02 -46.02 -53.79
C LEU C 53 -45.55 -46.18 -54.19
N HIS C 54 -44.70 -45.23 -53.80
CA HIS C 54 -43.29 -45.23 -54.16
C HIS C 54 -42.43 -45.98 -53.15
N GLY C 55 -43.05 -46.77 -52.29
CA GLY C 55 -42.35 -47.59 -51.33
C GLY C 55 -41.55 -46.82 -50.28
N THR C 56 -41.77 -45.53 -50.16
CA THR C 56 -41.09 -44.78 -49.10
C THR C 56 -41.79 -45.05 -47.77
N PRO C 57 -41.07 -45.47 -46.74
CA PRO C 57 -41.75 -45.83 -45.49
C PRO C 57 -42.26 -44.60 -44.77
N ARG C 58 -43.31 -44.80 -43.99
CA ARG C 58 -43.83 -43.70 -43.18
C ARG C 58 -42.83 -43.25 -42.13
N LEU C 59 -42.03 -44.18 -41.62
CA LEU C 59 -41.05 -43.79 -40.60
C LEU C 59 -40.11 -42.71 -41.13
N GLU C 60 -39.78 -42.77 -42.42
CA GLU C 60 -38.88 -41.76 -42.99
C GLU C 60 -39.57 -40.40 -43.10
N PHE C 61 -40.85 -40.40 -43.47
CA PHE C 61 -41.61 -39.15 -43.44
C PHE C 61 -41.71 -38.62 -42.02
N HIS C 62 -42.13 -39.47 -41.08
CA HIS C 62 -42.33 -39.03 -39.71
C HIS C 62 -41.03 -38.55 -39.07
N GLN C 63 -39.92 -39.25 -39.32
CA GLN C 63 -38.68 -38.85 -38.67
C GLN C 63 -38.20 -37.51 -39.19
N SER C 64 -38.28 -37.28 -40.50
CA SER C 64 -37.72 -36.07 -41.05
C SER C 64 -38.56 -34.86 -40.66
N VAL C 65 -39.88 -35.04 -40.54
CA VAL C 65 -40.71 -34.00 -39.95
C VAL C 65 -40.30 -33.73 -38.51
N PHE C 66 -40.04 -34.80 -37.75
CA PHE C 66 -39.67 -34.64 -36.35
C PHE C 66 -38.40 -33.82 -36.18
N ASP C 67 -37.39 -34.07 -37.01
CA ASP C 67 -36.12 -33.36 -36.88
C ASP C 67 -36.30 -31.87 -37.13
N GLU C 68 -37.07 -31.51 -38.16
CA GLU C 68 -37.32 -30.10 -38.43
C GLU C 68 -38.13 -29.47 -37.31
N LEU C 69 -39.23 -30.11 -36.92
CA LEU C 69 -40.09 -29.49 -35.91
C LEU C 69 -39.36 -29.32 -34.58
N ARG C 70 -38.46 -30.25 -34.24
CA ARG C 70 -37.76 -30.18 -32.96
C ARG C 70 -36.75 -29.05 -32.94
N ASP C 71 -35.98 -28.89 -34.02
CA ASP C 71 -35.07 -27.76 -34.13
C ASP C 71 -35.83 -26.45 -34.04
N LYS C 72 -36.95 -26.34 -34.76
CA LYS C 72 -37.71 -25.10 -34.72
C LYS C 72 -38.21 -24.81 -33.31
N LEU C 73 -38.60 -25.85 -32.57
CA LEU C 73 -38.99 -25.62 -31.19
C LEU C 73 -37.77 -25.25 -30.33
N LEU C 74 -36.61 -25.86 -30.56
CA LEU C 74 -35.46 -25.44 -29.77
C LEU C 74 -35.16 -23.96 -30.01
N GLU C 75 -35.15 -23.54 -31.28
CA GLU C 75 -34.83 -22.15 -31.57
C GLU C 75 -35.90 -21.21 -31.06
N ARG C 76 -37.16 -21.63 -31.07
CA ARG C 76 -38.19 -20.75 -30.55
C ARG C 76 -38.07 -20.59 -29.04
N VAL C 77 -37.57 -21.61 -28.35
CA VAL C 77 -37.39 -21.50 -26.91
C VAL C 77 -36.32 -20.43 -26.59
N SER C 78 -35.20 -20.42 -27.33
CA SER C 78 -34.20 -19.35 -27.16
C SER C 78 -34.75 -17.99 -27.56
N ALA C 79 -35.60 -17.97 -28.59
CA ALA C 79 -36.18 -16.71 -29.03
C ALA C 79 -37.19 -16.17 -28.02
N ILE C 80 -37.95 -17.04 -27.36
CA ILE C 80 -38.88 -16.56 -26.33
C ILE C 80 -38.12 -16.11 -25.08
N ALA C 81 -36.95 -16.71 -24.82
CA ALA C 81 -36.12 -16.33 -23.69
C ALA C 81 -35.56 -14.92 -23.82
N SER C 82 -35.48 -14.35 -25.06
CA SER C 82 -35.04 -12.97 -25.28
C SER C 82 -35.97 -12.30 -26.32
N GLU C 83 -37.20 -12.05 -25.91
CA GLU C 83 -38.19 -11.47 -26.83
C GLU C 83 -39.12 -10.37 -26.32
N GLY C 84 -40.09 -10.72 -25.47
CA GLY C 84 -41.05 -9.77 -25.00
C GLY C 84 -40.94 -9.49 -23.52
N LYS C 85 -42.03 -8.97 -22.95
CA LYS C 85 -42.05 -8.59 -21.54
C LYS C 85 -41.92 -9.83 -20.64
N ALA C 86 -41.26 -9.64 -19.49
CA ALA C 86 -40.71 -10.76 -18.72
C ALA C 86 -41.78 -11.81 -18.36
N GLU C 87 -43.00 -11.38 -18.05
CA GLU C 87 -44.00 -12.33 -17.54
C GLU C 87 -44.56 -13.20 -18.66
N GLU C 88 -44.96 -12.61 -19.79
CA GLU C 88 -45.27 -13.42 -20.95
C GLU C 88 -44.05 -14.21 -21.41
N ARG C 89 -42.85 -13.66 -21.17
CA ARG C 89 -41.61 -14.31 -21.57
C ARG C 89 -41.44 -15.64 -20.84
N TYR C 90 -41.50 -15.61 -19.51
CA TYR C 90 -41.22 -16.82 -18.76
C TYR C 90 -42.45 -17.69 -18.52
N LYS C 91 -43.67 -17.12 -18.55
CA LYS C 91 -44.86 -17.95 -18.40
C LYS C 91 -45.03 -18.91 -19.57
N LYS C 92 -44.76 -18.45 -20.79
CA LYS C 92 -44.81 -19.37 -21.93
C LYS C 92 -43.86 -20.55 -21.72
N LEU C 93 -42.67 -20.29 -21.20
CA LEU C 93 -41.72 -21.37 -20.99
C LEU C 93 -42.14 -22.24 -19.80
N GLU C 94 -42.61 -21.62 -18.72
CA GLU C 94 -43.17 -22.38 -17.62
C GLU C 94 -44.24 -23.35 -18.13
N ASP C 95 -45.23 -22.82 -18.86
CA ASP C 95 -46.29 -23.68 -19.42
C ASP C 95 -45.69 -24.81 -20.25
N LEU C 96 -44.74 -24.50 -21.11
CA LEU C 96 -44.14 -25.54 -21.92
C LEU C 96 -43.40 -26.58 -21.09
N LEU C 97 -42.83 -26.18 -19.95
CA LEU C 97 -42.17 -27.16 -19.08
C LEU C 97 -43.20 -28.10 -18.44
N GLU C 98 -44.32 -27.55 -17.98
CA GLU C 98 -45.35 -28.36 -17.36
C GLU C 98 -45.84 -29.46 -18.30
N LYS C 99 -45.95 -29.16 -19.60
CA LYS C 99 -46.44 -30.16 -20.53
C LYS C 99 -45.35 -31.17 -20.89
N SER C 100 -44.17 -30.69 -21.30
CA SER C 100 -43.14 -31.56 -21.87
C SER C 100 -42.35 -32.38 -20.83
N PHE C 101 -42.39 -32.02 -19.55
CA PHE C 101 -41.49 -32.65 -18.59
C PHE C 101 -41.80 -34.13 -18.39
N SER C 102 -43.06 -34.56 -18.56
CA SER C 102 -43.39 -35.97 -18.42
C SER C 102 -42.64 -36.83 -19.44
N LEU C 103 -42.10 -36.21 -20.49
CA LEU C 103 -41.41 -36.91 -21.57
C LEU C 103 -39.89 -36.83 -21.44
N VAL C 104 -39.38 -36.36 -20.31
CA VAL C 104 -37.96 -36.04 -20.17
C VAL C 104 -37.07 -37.27 -20.33
N LYS C 105 -37.60 -38.47 -20.09
CA LYS C 105 -36.77 -39.66 -20.24
C LYS C 105 -36.78 -40.24 -21.65
N MET C 106 -37.66 -39.75 -22.53
CA MET C 106 -37.62 -40.14 -23.94
C MET C 106 -36.39 -39.55 -24.61
N PRO C 107 -35.48 -40.36 -25.15
CA PRO C 107 -34.26 -39.79 -25.72
C PRO C 107 -34.51 -38.76 -26.79
N SER C 108 -35.59 -38.85 -27.54
CA SER C 108 -35.74 -37.92 -28.65
C SER C 108 -36.30 -36.57 -28.22
N LEU C 109 -37.00 -36.49 -27.07
CA LEU C 109 -37.58 -35.25 -26.59
C LEU C 109 -36.82 -34.64 -25.41
N GLN C 110 -36.00 -35.42 -24.72
CA GLN C 110 -35.21 -34.87 -23.63
C GLN C 110 -34.46 -33.59 -24.00
N PRO C 111 -33.85 -33.47 -25.19
CA PRO C 111 -33.24 -32.17 -25.53
C PRO C 111 -34.21 -30.99 -25.43
N VAL C 112 -35.48 -31.20 -25.80
CA VAL C 112 -36.45 -30.12 -25.67
C VAL C 112 -36.60 -29.72 -24.20
N VAL C 113 -36.81 -30.72 -23.34
CA VAL C 113 -37.01 -30.41 -21.92
C VAL C 113 -35.73 -29.79 -21.34
N MET C 114 -34.57 -30.35 -21.70
CA MET C 114 -33.32 -29.77 -21.23
C MET C 114 -33.22 -28.30 -21.62
N CYS C 115 -33.57 -27.98 -22.88
CA CYS C 115 -33.44 -26.61 -23.35
C CYS C 115 -34.37 -25.66 -22.59
N VAL C 116 -35.59 -26.12 -22.28
CA VAL C 116 -36.54 -25.25 -21.60
C VAL C 116 -36.05 -24.93 -20.21
N MET C 117 -35.62 -25.95 -19.45
CA MET C 117 -35.13 -25.70 -18.11
C MET C 117 -33.89 -24.81 -18.13
N LYS C 118 -33.06 -24.94 -19.18
CA LYS C 118 -31.84 -24.15 -19.27
C LYS C 118 -32.14 -22.66 -19.37
N HIS C 119 -33.19 -22.29 -20.12
CA HIS C 119 -33.52 -20.90 -20.35
C HIS C 119 -34.49 -20.35 -19.32
N LEU C 120 -34.77 -21.10 -18.27
CA LEU C 120 -35.72 -20.67 -17.25
C LEU C 120 -34.97 -20.26 -15.99
N PRO C 121 -34.92 -18.97 -15.65
CA PRO C 121 -34.19 -18.56 -14.44
C PRO C 121 -34.66 -19.28 -13.18
N LYS C 122 -35.95 -19.64 -13.08
CA LYS C 122 -36.47 -20.24 -11.85
C LYS C 122 -37.31 -21.48 -12.19
N VAL C 123 -36.65 -22.57 -12.55
CA VAL C 123 -37.38 -23.83 -12.73
C VAL C 123 -38.11 -24.16 -11.44
N PRO C 124 -39.41 -24.45 -11.47
CA PRO C 124 -40.15 -24.70 -10.23
C PRO C 124 -39.53 -25.83 -9.43
N GLU C 125 -39.61 -25.71 -8.09
CA GLU C 125 -38.82 -26.56 -7.22
C GLU C 125 -39.19 -28.04 -7.37
N LYS C 126 -40.45 -28.35 -7.68
CA LYS C 126 -40.88 -29.75 -7.83
C LYS C 126 -40.10 -30.45 -8.94
N LYS C 127 -39.94 -29.79 -10.08
CA LYS C 127 -39.16 -30.38 -11.14
C LYS C 127 -37.68 -30.47 -10.76
N LEU C 128 -37.15 -29.44 -10.10
CA LEU C 128 -35.76 -29.50 -9.63
C LEU C 128 -35.54 -30.76 -8.79
N LYS C 129 -36.42 -30.99 -7.81
CA LYS C 129 -36.34 -32.19 -6.98
C LYS C 129 -36.34 -33.44 -7.85
N LEU C 130 -37.26 -33.50 -8.82
CA LEU C 130 -37.38 -34.67 -9.68
C LEU C 130 -36.15 -34.87 -10.55
N VAL C 131 -35.51 -33.79 -11.00
CA VAL C 131 -34.26 -33.93 -11.74
C VAL C 131 -33.15 -34.43 -10.83
N MET C 132 -33.09 -33.91 -9.61
CA MET C 132 -32.03 -34.29 -8.68
C MET C 132 -32.10 -35.78 -8.34
N ALA C 133 -33.31 -36.33 -8.26
CA ALA C 133 -33.46 -37.72 -7.84
C ALA C 133 -32.95 -38.71 -8.89
N ASP C 134 -32.91 -38.32 -10.15
CA ASP C 134 -32.56 -39.25 -11.20
C ASP C 134 -31.15 -38.93 -11.69
N LYS C 135 -30.25 -39.89 -11.52
CA LYS C 135 -28.83 -39.62 -11.73
C LYS C 135 -28.53 -39.19 -13.17
N GLU C 136 -29.29 -39.69 -14.14
CA GLU C 136 -28.96 -39.42 -15.55
C GLU C 136 -29.64 -38.17 -16.10
N LEU C 137 -30.82 -37.79 -15.58
CA LEU C 137 -31.30 -36.43 -15.79
C LEU C 137 -30.29 -35.42 -15.25
N TYR C 138 -29.95 -35.54 -13.95
CA TYR C 138 -29.03 -34.60 -13.32
C TYR C 138 -27.74 -34.46 -14.10
N ARG C 139 -27.15 -35.58 -14.50
CA ARG C 139 -25.84 -35.52 -15.13
C ARG C 139 -25.89 -34.78 -16.47
N ALA C 140 -26.90 -35.06 -17.27
CA ALA C 140 -26.97 -34.49 -18.62
C ALA C 140 -27.96 -33.32 -18.67
N CYS C 141 -27.69 -32.31 -17.85
CA CYS C 141 -28.49 -31.11 -17.88
C CYS C 141 -27.59 -29.92 -17.59
N ALA C 142 -28.05 -28.74 -18.01
CA ALA C 142 -27.16 -27.61 -18.15
C ALA C 142 -26.77 -27.03 -16.78
N VAL C 143 -25.54 -26.52 -16.71
CA VAL C 143 -25.02 -25.92 -15.50
C VAL C 143 -25.95 -24.85 -14.97
N GLU C 144 -26.74 -24.21 -15.84
CA GLU C 144 -27.72 -23.23 -15.37
C GLU C 144 -28.77 -23.89 -14.50
N VAL C 145 -29.08 -25.15 -14.78
CA VAL C 145 -30.03 -25.91 -13.96
C VAL C 145 -29.35 -26.41 -12.69
N LYS C 146 -28.21 -27.09 -12.84
CA LYS C 146 -27.44 -27.55 -11.68
C LYS C 146 -27.28 -26.43 -10.67
N ARG C 147 -26.87 -25.25 -11.15
CA ARG C 147 -26.69 -24.08 -10.33
C ARG C 147 -27.90 -23.86 -9.42
N GLN C 148 -29.10 -23.98 -9.97
CA GLN C 148 -30.30 -23.77 -9.16
C GLN C 148 -30.55 -24.92 -8.19
N ILE C 149 -30.16 -26.13 -8.55
CA ILE C 149 -30.19 -27.24 -7.59
C ILE C 149 -29.23 -26.97 -6.46
N TRP C 150 -27.94 -26.76 -6.79
CA TRP C 150 -26.89 -26.53 -5.80
C TRP C 150 -27.25 -25.41 -4.83
N GLN C 151 -27.88 -24.35 -5.33
CA GLN C 151 -28.25 -23.23 -4.49
C GLN C 151 -29.12 -23.62 -3.33
N ASP C 152 -29.82 -24.76 -3.43
CA ASP C 152 -30.81 -25.16 -2.45
C ASP C 152 -30.50 -26.54 -1.84
N ASN C 153 -29.38 -27.15 -2.22
CA ASN C 153 -28.91 -28.41 -1.65
C ASN C 153 -27.41 -28.25 -1.47
N GLN C 154 -26.99 -27.81 -0.29
CA GLN C 154 -25.57 -27.54 -0.08
C GLN C 154 -24.75 -28.81 -0.09
N ALA C 155 -25.24 -29.84 0.58
CA ALA C 155 -24.52 -31.11 0.64
C ALA C 155 -24.17 -31.61 -0.76
N LEU C 156 -25.08 -31.42 -1.72
CA LEU C 156 -24.83 -31.87 -3.09
C LEU C 156 -23.74 -31.03 -3.75
N PHE C 157 -23.79 -29.70 -3.58
CA PHE C 157 -22.68 -28.84 -4.02
C PHE C 157 -21.35 -29.35 -3.47
N GLY C 158 -21.28 -29.56 -2.15
CA GLY C 158 -20.05 -30.05 -1.55
C GLY C 158 -19.59 -31.34 -2.18
N ASP C 159 -20.53 -32.26 -2.43
CA ASP C 159 -20.19 -33.51 -3.09
C ASP C 159 -19.65 -33.28 -4.48
N GLU C 160 -20.07 -32.19 -5.11
CA GLU C 160 -19.51 -31.82 -6.40
C GLU C 160 -18.14 -31.18 -6.26
N VAL C 161 -17.94 -30.31 -5.26
CA VAL C 161 -16.68 -29.57 -5.23
C VAL C 161 -15.57 -30.34 -4.50
N SER C 162 -15.92 -31.33 -3.68
CA SER C 162 -14.89 -32.08 -2.95
C SER C 162 -13.91 -32.81 -3.84
N PRO C 163 -14.33 -33.57 -4.85
CA PRO C 163 -13.32 -34.21 -5.71
C PRO C 163 -12.47 -33.22 -6.50
N LEU C 164 -12.99 -32.01 -6.77
CA LEU C 164 -12.19 -31.00 -7.43
C LEU C 164 -11.06 -30.52 -6.52
N LEU C 165 -11.41 -30.11 -5.30
CA LEU C 165 -10.39 -29.73 -4.33
C LEU C 165 -9.38 -30.85 -4.19
N LYS C 166 -9.86 -32.09 -4.12
CA LYS C 166 -8.97 -33.21 -3.88
C LYS C 166 -7.93 -33.33 -4.98
N GLN C 167 -8.37 -33.21 -6.25
CA GLN C 167 -7.44 -33.18 -7.38
C GLN C 167 -6.49 -32.00 -7.26
N TYR C 168 -7.02 -30.85 -6.84
CA TYR C 168 -6.20 -29.65 -6.72
C TYR C 168 -5.03 -29.87 -5.76
N ILE C 169 -5.32 -30.21 -4.51
CA ILE C 169 -4.21 -30.24 -3.56
C ILE C 169 -3.31 -31.45 -3.81
N LEU C 170 -3.77 -32.42 -4.60
CA LEU C 170 -2.90 -33.50 -5.05
C LEU C 170 -1.99 -33.03 -6.18
N GLU C 171 -2.50 -32.17 -7.06
CA GLU C 171 -1.65 -31.62 -8.11
C GLU C 171 -0.57 -30.74 -7.49
N LYS C 172 -0.91 -29.98 -6.45
CA LYS C 172 0.10 -29.19 -5.77
C LYS C 172 1.18 -30.07 -5.17
N GLU C 173 0.79 -31.15 -4.50
CA GLU C 173 1.80 -32.06 -3.93
C GLU C 173 2.67 -32.67 -5.02
N SER C 174 2.10 -33.00 -6.18
CA SER C 174 2.93 -33.55 -7.26
C SER C 174 3.91 -32.52 -7.81
N ALA C 175 3.57 -31.22 -7.74
CA ALA C 175 4.42 -30.20 -8.30
C ALA C 175 5.61 -29.89 -7.40
N LEU C 176 5.40 -29.98 -6.09
CA LEU C 176 6.46 -29.80 -5.11
C LEU C 176 7.41 -30.99 -5.03
N PHE C 177 6.98 -32.18 -5.46
CA PHE C 177 7.80 -33.38 -5.49
C PHE C 177 7.96 -33.96 -6.90
N SER C 178 8.09 -33.10 -7.93
CA SER C 178 8.33 -33.55 -9.31
C SER C 178 9.82 -33.59 -9.57
N THR C 179 10.31 -34.69 -10.16
CA THR C 179 11.70 -34.72 -10.58
C THR C 179 11.85 -33.86 -11.83
N GLU C 180 11.63 -32.57 -11.65
CA GLU C 180 11.90 -31.56 -12.63
C GLU C 180 12.53 -30.47 -11.79
N LEU C 181 13.81 -30.67 -11.47
CA LEU C 181 14.54 -29.81 -10.54
C LEU C 181 15.35 -28.75 -11.28
N SER C 182 14.67 -27.90 -12.05
CA SER C 182 15.36 -26.82 -12.74
C SER C 182 15.52 -25.60 -11.83
N VAL C 183 16.36 -24.66 -12.26
CA VAL C 183 16.37 -23.31 -11.69
C VAL C 183 15.83 -22.28 -12.69
N LEU C 184 15.70 -22.66 -13.96
CA LEU C 184 14.90 -21.88 -14.89
C LEU C 184 13.44 -21.82 -14.45
N HIS C 185 12.83 -22.96 -14.14
CA HIS C 185 11.44 -23.00 -13.70
C HIS C 185 11.31 -23.74 -12.38
N ASN C 186 10.33 -23.35 -11.57
CA ASN C 186 10.00 -24.04 -10.34
C ASN C 186 8.53 -23.78 -9.99
N PHE C 187 8.15 -24.20 -8.78
CA PHE C 187 6.77 -24.16 -8.33
C PHE C 187 6.14 -22.76 -8.41
N PHE C 188 6.94 -21.70 -8.32
CA PHE C 188 6.36 -20.37 -8.30
C PHE C 188 6.48 -19.65 -9.65
N SER C 189 6.93 -20.36 -10.70
CA SER C 189 7.17 -19.79 -12.02
C SER C 189 5.90 -19.42 -12.78
N PRO C 190 4.81 -20.19 -12.74
CA PRO C 190 3.65 -19.84 -13.57
C PRO C 190 2.93 -18.60 -13.06
N SER C 191 2.58 -17.73 -14.02
CA SER C 191 1.90 -16.48 -13.71
C SER C 191 0.52 -16.74 -13.12
N PRO C 192 -0.05 -15.75 -12.44
CA PRO C 192 -1.45 -15.89 -11.98
C PRO C 192 -2.44 -16.16 -13.10
N LYS C 193 -2.42 -15.32 -14.14
CA LYS C 193 -3.13 -15.60 -15.37
C LYS C 193 -3.05 -17.07 -15.77
N THR C 194 -1.83 -17.63 -15.80
CA THR C 194 -1.66 -19.01 -16.24
C THR C 194 -2.22 -20.00 -15.23
N ARG C 195 -1.95 -19.79 -13.94
CA ARG C 195 -2.50 -20.72 -12.98
C ARG C 195 -4.02 -20.71 -13.04
N ARG C 196 -4.61 -19.54 -13.30
CA ARG C 196 -6.07 -19.49 -13.33
C ARG C 196 -6.67 -20.21 -14.53
N GLN C 197 -5.86 -20.86 -15.37
CA GLN C 197 -6.35 -21.67 -16.48
C GLN C 197 -6.35 -23.16 -16.16
N GLY C 198 -5.98 -23.55 -14.94
CA GLY C 198 -6.04 -24.95 -14.57
C GLY C 198 -7.47 -25.46 -14.57
N GLU C 199 -7.63 -26.76 -14.77
CA GLU C 199 -8.99 -27.24 -14.95
C GLU C 199 -9.82 -27.13 -13.68
N VAL C 200 -9.22 -27.29 -12.48
CA VAL C 200 -10.01 -27.24 -11.25
C VAL C 200 -10.57 -25.84 -11.04
N VAL C 201 -9.72 -24.81 -11.10
CA VAL C 201 -10.24 -23.49 -10.81
C VAL C 201 -11.18 -23.02 -11.92
N GLN C 202 -10.99 -23.49 -13.15
CA GLN C 202 -11.96 -23.20 -14.20
C GLN C 202 -13.29 -23.89 -13.93
N ARG C 203 -13.25 -25.18 -13.55
CA ARG C 203 -14.47 -25.89 -13.19
C ARG C 203 -15.20 -25.17 -12.07
N LEU C 204 -14.45 -24.73 -11.04
CA LEU C 204 -15.09 -24.05 -9.92
C LEU C 204 -15.67 -22.72 -10.36
N THR C 205 -14.95 -22.00 -11.24
CA THR C 205 -15.49 -20.74 -11.73
C THR C 205 -16.77 -20.95 -12.52
N ARG C 206 -16.80 -21.97 -13.38
CA ARG C 206 -18.03 -22.27 -14.11
C ARG C 206 -19.15 -22.75 -13.20
N MET C 207 -18.81 -23.54 -12.16
CA MET C 207 -19.87 -23.94 -11.25
C MET C 207 -20.47 -22.74 -10.56
N VAL C 208 -19.66 -21.75 -10.22
CA VAL C 208 -20.18 -20.61 -9.47
C VAL C 208 -20.98 -19.66 -10.37
N GLY C 209 -20.60 -19.51 -11.64
CA GLY C 209 -21.24 -18.55 -12.51
C GLY C 209 -21.29 -17.16 -11.88
N LYS C 210 -22.49 -16.60 -11.74
CA LYS C 210 -22.68 -15.33 -11.06
C LYS C 210 -23.44 -15.49 -9.75
N ASN C 211 -23.35 -16.65 -9.12
CA ASN C 211 -24.22 -16.98 -8.01
C ASN C 211 -23.46 -16.73 -6.72
N VAL C 212 -23.76 -15.61 -6.06
CA VAL C 212 -23.01 -15.21 -4.89
C VAL C 212 -23.14 -16.25 -3.79
N LYS C 213 -24.31 -16.88 -3.70
CA LYS C 213 -24.54 -17.86 -2.64
C LYS C 213 -23.77 -19.15 -2.90
N LEU C 214 -23.53 -19.50 -4.18
CA LEU C 214 -22.65 -20.62 -4.45
C LEU C 214 -21.20 -20.26 -4.16
N TYR C 215 -20.82 -19.03 -4.51
CA TYR C 215 -19.48 -18.53 -4.21
C TYR C 215 -19.23 -18.51 -2.71
N ASP C 216 -20.22 -18.09 -1.94
CA ASP C 216 -20.04 -18.12 -0.48
C ASP C 216 -19.90 -19.55 0.03
N MET C 217 -20.62 -20.51 -0.56
CA MET C 217 -20.47 -21.89 -0.12
C MET C 217 -19.06 -22.41 -0.40
N VAL C 218 -18.50 -22.08 -1.57
CA VAL C 218 -17.13 -22.48 -1.89
C VAL C 218 -16.13 -21.83 -0.93
N LEU C 219 -16.30 -20.53 -0.66
CA LEU C 219 -15.46 -19.90 0.36
C LEU C 219 -15.57 -20.63 1.69
N GLN C 220 -16.78 -20.99 2.11
CA GLN C 220 -16.93 -21.70 3.38
C GLN C 220 -16.20 -23.04 3.37
N PHE C 221 -16.34 -23.82 2.29
CA PHE C 221 -15.63 -25.08 2.15
C PHE C 221 -14.12 -24.90 2.32
N LEU C 222 -13.54 -23.91 1.63
CA LEU C 222 -12.09 -23.71 1.69
C LEU C 222 -11.66 -23.32 3.10
N ARG C 223 -12.40 -22.42 3.75
CA ARG C 223 -12.07 -22.07 5.12
C ARG C 223 -12.10 -23.30 6.03
N THR C 224 -13.12 -24.15 5.89
CA THR C 224 -13.22 -25.35 6.71
C THR C 224 -12.02 -26.26 6.50
N LEU C 225 -11.69 -26.54 5.24
CA LEU C 225 -10.58 -27.43 4.94
C LEU C 225 -9.24 -26.78 5.31
N PHE C 226 -9.12 -25.47 5.12
CA PHE C 226 -7.92 -24.79 5.59
C PHE C 226 -7.76 -24.98 7.09
N LEU C 227 -8.83 -24.72 7.85
CA LEU C 227 -8.76 -24.85 9.30
C LEU C 227 -8.41 -26.28 9.71
N ARG C 228 -9.09 -27.27 9.11
CA ARG C 228 -8.90 -28.64 9.57
C ARG C 228 -7.57 -29.24 9.12
N THR C 229 -7.02 -28.84 7.97
CA THR C 229 -5.81 -29.46 7.47
C THR C 229 -4.56 -28.59 7.56
N ARG C 230 -4.71 -27.28 7.75
CA ARG C 230 -3.60 -26.33 7.75
C ARG C 230 -2.91 -26.23 6.40
N ASN C 231 -3.50 -26.79 5.33
CA ASN C 231 -2.83 -26.82 4.04
C ASN C 231 -2.96 -25.46 3.34
N VAL C 232 -1.84 -24.76 3.19
CA VAL C 232 -1.93 -23.38 2.72
C VAL C 232 -2.34 -23.28 1.25
N HIS C 233 -2.34 -24.39 0.51
CA HIS C 233 -2.76 -24.27 -0.89
C HIS C 233 -4.25 -24.01 -1.05
N TYR C 234 -5.08 -24.27 -0.03
CA TYR C 234 -6.45 -23.82 -0.14
C TYR C 234 -6.52 -22.30 -0.18
N CYS C 235 -5.51 -21.62 0.36
CA CYS C 235 -5.57 -20.16 0.29
C CYS C 235 -5.34 -19.68 -1.14
N THR C 236 -4.39 -20.31 -1.85
CA THR C 236 -4.17 -19.96 -3.25
C THR C 236 -5.46 -20.10 -4.06
N LEU C 237 -6.20 -21.21 -3.85
CA LEU C 237 -7.40 -21.46 -4.61
C LEU C 237 -8.46 -20.39 -4.35
N ARG C 238 -8.62 -19.99 -3.09
CA ARG C 238 -9.55 -18.91 -2.75
C ARG C 238 -9.18 -17.61 -3.45
N ALA C 239 -7.89 -17.34 -3.60
CA ALA C 239 -7.48 -16.18 -4.38
C ALA C 239 -7.77 -16.39 -5.86
N GLU C 240 -7.34 -17.55 -6.40
CA GLU C 240 -7.53 -17.84 -7.81
C GLU C 240 -8.99 -17.77 -8.20
N LEU C 241 -9.87 -18.31 -7.36
CA LEU C 241 -11.29 -18.26 -7.65
C LEU C 241 -11.76 -16.82 -7.84
N LEU C 242 -11.56 -15.98 -6.83
CA LEU C 242 -12.00 -14.58 -6.92
C LEU C 242 -11.36 -13.88 -8.10
N MET C 243 -10.07 -14.12 -8.36
CA MET C 243 -9.44 -13.44 -9.49
C MET C 243 -10.01 -13.94 -10.82
N SER C 244 -10.41 -15.23 -10.89
CA SER C 244 -11.06 -15.74 -12.10
C SER C 244 -12.35 -15.00 -12.38
N LEU C 245 -13.17 -14.82 -11.35
CA LEU C 245 -14.40 -14.07 -11.54
C LEU C 245 -14.07 -12.63 -11.87
N HIS C 246 -12.98 -12.11 -11.32
CA HIS C 246 -12.54 -10.79 -11.75
C HIS C 246 -12.32 -10.74 -13.26
N ASP C 247 -11.49 -11.65 -13.79
CA ASP C 247 -11.18 -11.65 -15.22
C ASP C 247 -12.40 -11.90 -16.09
N LEU C 248 -13.35 -12.69 -15.64
CA LEU C 248 -14.58 -12.82 -16.41
C LEU C 248 -15.55 -11.65 -16.17
N ASP C 249 -15.13 -10.59 -15.49
CA ASP C 249 -15.94 -9.38 -15.29
C ASP C 249 -17.23 -9.66 -14.51
N VAL C 250 -17.23 -10.71 -13.69
CA VAL C 250 -18.43 -11.10 -12.95
C VAL C 250 -18.70 -10.17 -11.78
N GLY C 251 -19.33 -9.01 -12.06
CA GLY C 251 -19.55 -8.01 -11.03
C GLY C 251 -20.39 -8.48 -9.85
N GLU C 252 -21.34 -9.39 -10.09
CA GLU C 252 -22.26 -9.83 -9.05
C GLU C 252 -21.56 -10.43 -7.86
N ILE C 253 -20.32 -10.89 -8.03
CA ILE C 253 -19.53 -11.36 -6.90
C ILE C 253 -18.46 -10.35 -6.49
N CYS C 254 -17.72 -9.81 -7.46
CA CYS C 254 -16.55 -9.01 -7.12
C CYS C 254 -16.93 -7.73 -6.40
N THR C 255 -18.06 -7.12 -6.77
CA THR C 255 -18.44 -5.84 -6.16
C THR C 255 -18.96 -5.99 -4.73
N VAL C 256 -19.17 -7.22 -4.26
CA VAL C 256 -19.65 -7.46 -2.89
C VAL C 256 -18.66 -8.26 -2.04
N ASP C 257 -17.56 -8.72 -2.60
CA ASP C 257 -16.53 -9.34 -1.76
C ASP C 257 -15.61 -8.24 -1.25
N PRO C 258 -15.57 -7.96 0.05
CA PRO C 258 -14.72 -6.85 0.55
C PRO C 258 -13.25 -7.03 0.26
N CYS C 259 -12.79 -8.25 0.01
CA CYS C 259 -11.38 -8.45 -0.28
C CYS C 259 -11.05 -8.30 -1.77
N HIS C 260 -12.02 -7.93 -2.60
CA HIS C 260 -11.80 -7.92 -4.05
C HIS C 260 -10.66 -7.00 -4.46
N LYS C 261 -10.78 -5.70 -4.15
CA LYS C 261 -9.72 -4.78 -4.56
C LYS C 261 -8.36 -5.19 -3.96
N PHE C 262 -8.35 -5.62 -2.69
CA PHE C 262 -7.11 -6.11 -2.08
C PHE C 262 -6.50 -7.22 -2.92
N THR C 263 -7.28 -8.25 -3.26
CA THR C 263 -6.71 -9.37 -3.98
C THR C 263 -6.20 -8.93 -5.35
N TRP C 264 -6.93 -8.04 -6.00
CA TRP C 264 -6.55 -7.58 -7.33
C TRP C 264 -5.21 -6.82 -7.31
N CYS C 265 -5.03 -5.94 -6.32
CA CYS C 265 -3.74 -5.29 -6.14
C CYS C 265 -2.63 -6.31 -5.88
N LEU C 266 -2.86 -7.23 -4.92
CA LEU C 266 -1.86 -8.23 -4.59
C LEU C 266 -1.52 -9.13 -5.78
N ASP C 267 -2.49 -9.37 -6.68
CA ASP C 267 -2.23 -10.18 -7.88
C ASP C 267 -1.17 -9.54 -8.76
N ALA C 268 -1.19 -8.20 -8.92
CA ALA C 268 -0.16 -7.56 -9.73
C ALA C 268 1.23 -7.81 -9.16
N CYS C 269 1.37 -7.74 -7.82
CA CYS C 269 2.69 -7.94 -7.22
C CYS C 269 3.19 -9.34 -7.49
N ILE C 270 2.35 -10.33 -7.23
CA ILE C 270 2.72 -11.73 -7.45
C ILE C 270 3.23 -11.95 -8.87
N ARG C 271 2.61 -11.28 -9.86
CA ARG C 271 3.03 -11.51 -11.24
C ARG C 271 4.43 -10.96 -11.46
N GLU C 272 4.74 -9.83 -10.83
CA GLU C 272 6.07 -9.26 -10.90
C GLU C 272 7.04 -9.93 -9.96
N ARG C 273 6.54 -10.77 -9.05
CA ARG C 273 7.32 -11.29 -7.95
C ARG C 273 8.00 -10.14 -7.19
N PHE C 274 7.25 -9.06 -6.99
CA PHE C 274 7.77 -7.91 -6.26
C PHE C 274 6.64 -6.97 -5.88
N VAL C 275 6.70 -6.45 -4.66
CA VAL C 275 5.74 -5.47 -4.19
C VAL C 275 6.43 -4.12 -4.30
N ASP C 276 6.07 -3.34 -5.33
CA ASP C 276 6.66 -2.02 -5.48
C ASP C 276 6.04 -1.06 -4.48
N SER C 277 6.61 0.15 -4.42
CA SER C 277 6.20 1.09 -3.38
C SER C 277 4.71 1.45 -3.49
N LYS C 278 4.22 1.65 -4.72
CA LYS C 278 2.84 2.08 -4.91
C LYS C 278 1.84 1.01 -4.47
N ARG C 279 2.01 -0.23 -4.92
CA ARG C 279 1.04 -1.23 -4.48
C ARG C 279 1.22 -1.57 -3.01
N ALA C 280 2.44 -1.45 -2.48
CA ALA C 280 2.62 -1.57 -1.05
C ALA C 280 1.71 -0.59 -0.30
N ARG C 281 1.72 0.68 -0.75
CA ARG C 281 0.96 1.72 -0.07
C ARG C 281 -0.54 1.54 -0.26
N GLU C 282 -0.95 0.92 -1.37
CA GLU C 282 -2.36 0.61 -1.61
C GLU C 282 -2.81 -0.54 -0.73
N LEU C 283 -2.00 -1.61 -0.66
CA LEU C 283 -2.28 -2.68 0.28
C LEU C 283 -2.41 -2.15 1.70
N GLN C 284 -1.53 -1.21 2.07
CA GLN C 284 -1.62 -0.60 3.40
C GLN C 284 -2.99 0.04 3.63
N GLY C 285 -3.52 0.72 2.61
CA GLY C 285 -4.76 1.47 2.80
C GLY C 285 -5.96 0.56 2.93
N PHE C 286 -6.00 -0.52 2.16
CA PHE C 286 -7.03 -1.53 2.39
C PHE C 286 -6.94 -2.07 3.81
N LEU C 287 -5.73 -2.42 4.24
CA LEU C 287 -5.52 -2.83 5.62
C LEU C 287 -6.09 -1.82 6.60
N ASP C 288 -5.67 -0.57 6.47
CA ASP C 288 -6.15 0.48 7.36
C ASP C 288 -7.64 0.73 7.20
N GLY C 289 -8.20 0.44 6.02
CA GLY C 289 -9.62 0.64 5.80
C GLY C 289 -10.49 -0.51 6.28
N VAL C 290 -10.20 -1.05 7.46
CA VAL C 290 -11.07 -2.04 8.08
C VAL C 290 -11.84 -1.33 9.17
N LYS C 291 -13.16 -1.21 8.97
CA LYS C 291 -14.01 -0.43 9.86
C LYS C 291 -14.26 -1.20 11.15
N LYS C 292 -14.40 -0.44 12.25
CA LYS C 292 -14.70 -1.07 13.53
C LYS C 292 -16.01 -1.85 13.43
N GLY C 293 -16.05 -3.00 14.09
CA GLY C 293 -17.14 -3.94 13.92
C GLY C 293 -17.03 -4.81 12.69
N GLN C 294 -16.14 -4.48 11.75
CA GLN C 294 -15.86 -5.31 10.59
C GLN C 294 -14.55 -6.07 10.74
N GLU C 295 -14.17 -6.42 11.97
CA GLU C 295 -12.83 -6.93 12.22
C GLU C 295 -12.57 -8.27 11.55
N GLN C 296 -13.62 -9.05 11.26
CA GLN C 296 -13.39 -10.38 10.71
C GLN C 296 -12.95 -10.36 9.25
N VAL C 297 -13.02 -9.23 8.55
CA VAL C 297 -12.48 -9.22 7.20
C VAL C 297 -10.97 -9.36 7.24
N LEU C 298 -10.37 -9.03 8.39
CA LEU C 298 -8.95 -9.23 8.58
C LEU C 298 -8.57 -10.71 8.50
N GLY C 299 -9.43 -11.59 8.99
CA GLY C 299 -9.21 -13.01 8.77
C GLY C 299 -9.17 -13.36 7.29
N ASP C 300 -10.08 -12.78 6.48
CA ASP C 300 -10.06 -13.15 5.07
C ASP C 300 -8.96 -12.45 4.29
N LEU C 301 -8.64 -11.19 4.64
CA LEU C 301 -7.46 -10.55 4.07
C LEU C 301 -6.21 -11.37 4.33
N SER C 302 -6.10 -11.97 5.52
CA SER C 302 -4.88 -12.68 5.86
C SER C 302 -4.83 -14.05 5.20
N MET C 303 -5.99 -14.67 4.98
CA MET C 303 -5.99 -15.91 4.21
C MET C 303 -5.43 -15.66 2.82
N ILE C 304 -5.79 -14.54 2.20
CA ILE C 304 -5.33 -14.24 0.85
C ILE C 304 -3.83 -14.02 0.86
N LEU C 305 -3.30 -13.41 1.93
CA LEU C 305 -1.86 -13.25 2.05
C LEU C 305 -1.16 -14.54 2.44
N CYS C 306 -1.91 -15.48 3.00
CA CYS C 306 -1.34 -16.78 3.36
C CYS C 306 -1.08 -17.66 2.14
N ASP C 307 -1.79 -17.43 1.03
CA ASP C 307 -1.43 -17.91 -0.30
C ASP C 307 0.08 -17.96 -0.42
N PRO C 308 0.67 -19.16 -0.55
CA PRO C 308 2.13 -19.27 -0.74
C PRO C 308 2.68 -18.40 -1.83
N PHE C 309 1.91 -18.16 -2.90
CA PHE C 309 2.40 -17.27 -3.95
C PHE C 309 2.53 -15.85 -3.44
N ALA C 310 1.61 -15.43 -2.57
CA ALA C 310 1.75 -14.11 -1.97
C ALA C 310 2.94 -14.10 -1.00
N ILE C 311 3.07 -15.14 -0.17
CA ILE C 311 4.20 -15.24 0.76
C ILE C 311 5.52 -15.21 -0.01
N ASN C 312 5.65 -16.06 -1.04
CA ASN C 312 6.88 -16.02 -1.83
C ASN C 312 7.21 -14.61 -2.28
N THR C 313 6.22 -13.89 -2.83
CA THR C 313 6.49 -12.54 -3.33
C THR C 313 6.89 -11.60 -2.19
N LEU C 314 6.24 -11.71 -1.02
CA LEU C 314 6.58 -10.80 0.08
C LEU C 314 7.99 -11.08 0.62
N ALA C 315 8.34 -12.36 0.76
CA ALA C 315 9.67 -12.69 1.26
C ALA C 315 10.75 -12.27 0.28
N LEU C 316 10.52 -12.46 -1.03
CA LEU C 316 11.45 -11.97 -2.05
C LEU C 316 11.61 -10.46 -1.97
N SER C 317 10.53 -9.74 -1.69
CA SER C 317 10.63 -8.28 -1.68
C SER C 317 11.35 -7.81 -0.43
N THR C 318 11.12 -8.49 0.69
CA THR C 318 11.87 -8.22 1.91
C THR C 318 13.37 -8.34 1.66
N VAL C 319 13.79 -9.42 1.01
CA VAL C 319 15.21 -9.68 0.80
C VAL C 319 15.80 -8.70 -0.20
N ARG C 320 14.99 -8.15 -1.09
CA ARG C 320 15.58 -7.18 -2.00
C ARG C 320 15.73 -5.81 -1.37
N HIS C 321 14.85 -5.45 -0.44
CA HIS C 321 15.04 -4.21 0.29
C HIS C 321 16.29 -4.27 1.17
N LEU C 322 16.55 -5.41 1.83
CA LEU C 322 17.80 -5.55 2.58
C LEU C 322 19.00 -5.29 1.68
N GLN C 323 19.10 -6.05 0.58
CA GLN C 323 20.15 -5.81 -0.40
C GLN C 323 20.24 -4.34 -0.81
N GLU C 324 19.09 -3.69 -1.05
CA GLU C 324 19.12 -2.30 -1.46
C GLU C 324 19.51 -1.39 -0.30
N LEU C 325 19.16 -1.78 0.92
CA LEU C 325 19.51 -0.94 2.06
C LEU C 325 21.00 -0.99 2.33
N VAL C 326 21.64 -2.12 2.00
CA VAL C 326 23.09 -2.24 2.19
C VAL C 326 23.80 -1.23 1.30
N GLY C 327 23.38 -1.12 0.05
CA GLY C 327 23.97 -0.14 -0.85
C GLY C 327 23.73 1.28 -0.38
N GLN C 328 22.60 1.53 0.24
CA GLN C 328 22.34 2.86 0.76
C GLN C 328 22.90 3.08 2.16
N GLU C 329 23.55 2.08 2.75
CA GLU C 329 24.05 2.14 4.10
C GLU C 329 22.98 2.70 5.07
N THR C 330 21.83 2.02 5.09
CA THR C 330 20.67 2.48 5.85
C THR C 330 20.16 1.36 6.78
N LEU C 331 19.77 1.72 7.97
CA LEU C 331 19.32 0.65 8.87
C LEU C 331 17.86 0.25 8.56
N PRO C 332 17.52 -1.02 8.74
CA PRO C 332 16.12 -1.45 8.62
C PRO C 332 15.11 -0.53 9.31
N ARG C 333 15.42 -0.02 10.50
CA ARG C 333 14.47 0.85 11.19
C ARG C 333 14.14 2.09 10.40
N ASP C 334 14.99 2.49 9.46
CA ASP C 334 14.81 3.72 8.72
C ASP C 334 14.24 3.48 7.34
N SER C 335 13.54 2.37 7.14
CA SER C 335 12.96 2.04 5.84
C SER C 335 11.48 1.79 6.01
N PRO C 336 10.63 2.79 5.72
CA PRO C 336 9.17 2.60 5.90
C PRO C 336 8.61 1.54 4.98
N ASP C 337 9.14 1.46 3.76
CA ASP C 337 8.74 0.40 2.85
C ASP C 337 9.04 -0.98 3.43
N LEU C 338 10.20 -1.13 4.06
CA LEU C 338 10.54 -2.42 4.66
C LEU C 338 9.57 -2.79 5.77
N LEU C 339 9.19 -1.83 6.62
CA LEU C 339 8.27 -2.18 7.69
C LEU C 339 6.89 -2.56 7.14
N LEU C 340 6.49 -1.99 6.01
CA LEU C 340 5.20 -2.33 5.42
C LEU C 340 5.17 -3.77 4.93
N LEU C 341 6.22 -4.18 4.19
CA LEU C 341 6.31 -5.57 3.75
C LEU C 341 6.25 -6.51 4.95
N LEU C 342 6.99 -6.20 6.01
CA LEU C 342 6.96 -7.04 7.20
C LEU C 342 5.55 -7.11 7.81
N ARG C 343 4.81 -6.01 7.77
CA ARG C 343 3.45 -6.02 8.30
C ARG C 343 2.56 -6.98 7.52
N LEU C 344 2.63 -6.94 6.18
CA LEU C 344 1.86 -7.87 5.36
C LEU C 344 2.31 -9.31 5.56
N LEU C 345 3.62 -9.56 5.55
CA LEU C 345 4.14 -10.92 5.72
C LEU C 345 3.70 -11.51 7.03
N ALA C 346 3.68 -10.71 8.10
CA ALA C 346 3.27 -11.22 9.42
C ALA C 346 1.81 -11.69 9.40
N LEU C 347 0.94 -10.94 8.72
CA LEU C 347 -0.47 -11.29 8.63
C LEU C 347 -0.66 -12.61 7.92
N GLY C 348 -0.08 -12.74 6.71
CA GLY C 348 -0.19 -13.97 5.97
C GLY C 348 0.29 -15.16 6.77
N GLN C 349 1.47 -15.05 7.39
CA GLN C 349 2.00 -16.16 8.15
C GLN C 349 1.17 -16.49 9.36
N GLY C 350 0.35 -15.57 9.84
CA GLY C 350 -0.46 -15.82 10.99
C GLY C 350 -1.90 -16.21 10.72
N ALA C 351 -2.28 -16.39 9.45
CA ALA C 351 -3.69 -16.55 9.09
C ALA C 351 -4.35 -17.72 9.82
N TRP C 352 -3.78 -18.92 9.74
CA TRP C 352 -4.40 -20.07 10.41
C TRP C 352 -4.55 -19.84 11.90
N ASP C 353 -3.55 -19.25 12.55
CA ASP C 353 -3.72 -18.90 13.96
C ASP C 353 -4.93 -18.00 14.16
N MET C 354 -5.11 -17.02 13.27
CA MET C 354 -6.23 -16.09 13.41
C MET C 354 -7.56 -16.81 13.27
N ILE C 355 -7.68 -17.68 12.26
CA ILE C 355 -8.94 -18.37 11.99
C ILE C 355 -9.23 -19.35 13.10
N ASP C 356 -8.19 -19.90 13.73
CA ASP C 356 -8.35 -20.95 14.73
C ASP C 356 -9.19 -20.47 15.89
N SER C 357 -8.75 -19.43 16.57
CA SER C 357 -9.62 -18.77 17.53
C SER C 357 -9.70 -17.30 17.18
N GLN C 358 -10.92 -16.86 16.95
CA GLN C 358 -11.25 -15.67 16.19
C GLN C 358 -10.84 -14.38 16.89
N VAL C 359 -9.55 -14.21 17.12
CA VAL C 359 -9.01 -12.95 17.62
C VAL C 359 -8.48 -12.19 16.42
N PHE C 360 -9.33 -11.33 15.86
CA PHE C 360 -9.00 -10.64 14.62
C PHE C 360 -8.32 -9.32 14.93
N LYS C 361 -7.11 -9.44 15.47
CA LYS C 361 -6.23 -8.31 15.72
C LYS C 361 -4.94 -8.56 14.96
N GLU C 362 -4.47 -7.54 14.26
CA GLU C 362 -3.17 -7.62 13.61
C GLU C 362 -2.11 -8.08 14.60
N PRO C 363 -1.14 -8.87 14.18
CA PRO C 363 -0.13 -9.35 15.14
C PRO C 363 0.84 -8.25 15.54
N LYS C 364 1.35 -8.39 16.75
CA LYS C 364 2.29 -7.42 17.27
C LYS C 364 3.61 -7.55 16.53
N MET C 365 4.14 -6.42 16.08
CA MET C 365 5.46 -6.40 15.45
C MET C 365 6.54 -6.38 16.52
N GLU C 366 7.51 -7.28 16.40
CA GLU C 366 8.58 -7.39 17.37
C GLU C 366 9.65 -6.34 17.06
N VAL C 367 9.83 -5.39 17.99
CA VAL C 367 10.86 -4.36 17.84
C VAL C 367 12.21 -4.98 17.50
N GLU C 368 12.58 -6.03 18.24
CA GLU C 368 13.93 -6.58 18.10
C GLU C 368 14.14 -7.25 16.75
N LEU C 369 13.09 -7.58 16.02
CA LEU C 369 13.29 -8.10 14.68
C LEU C 369 13.81 -7.00 13.76
N ILE C 370 13.34 -5.77 13.95
CA ILE C 370 13.80 -4.65 13.13
C ILE C 370 15.19 -4.16 13.57
N THR C 371 15.52 -4.34 14.84
CA THR C 371 16.64 -3.70 15.50
C THR C 371 17.86 -4.60 15.65
N ARG C 372 17.65 -5.91 15.75
CA ARG C 372 18.75 -6.87 15.88
C ARG C 372 18.76 -7.94 14.80
N PHE C 373 17.61 -8.52 14.45
CA PHE C 373 17.67 -9.65 13.54
C PHE C 373 17.98 -9.20 12.13
N LEU C 374 17.17 -8.27 11.62
CA LEU C 374 17.45 -7.76 10.28
C LEU C 374 18.83 -7.09 10.17
N PRO C 375 19.32 -6.32 11.16
CA PRO C 375 20.71 -5.89 11.07
C PRO C 375 21.71 -7.03 11.01
N MET C 376 21.48 -8.14 11.72
CA MET C 376 22.41 -9.26 11.59
C MET C 376 22.40 -9.83 10.18
N LEU C 377 21.20 -9.94 9.58
CA LEU C 377 21.10 -10.45 8.21
C LEU C 377 21.88 -9.57 7.26
N MET C 378 21.66 -8.26 7.30
CA MET C 378 22.42 -7.35 6.45
C MET C 378 23.91 -7.47 6.71
N SER C 379 24.31 -7.76 7.95
CA SER C 379 25.72 -7.91 8.26
C SER C 379 26.34 -9.06 7.48
N PHE C 380 25.63 -10.18 7.37
CA PHE C 380 26.13 -11.28 6.54
C PHE C 380 26.37 -10.82 5.11
N LEU C 381 25.47 -9.99 4.58
CA LEU C 381 25.66 -9.42 3.25
C LEU C 381 26.95 -8.62 3.14
N VAL C 382 27.15 -7.67 4.05
CA VAL C 382 28.32 -6.82 3.90
C VAL C 382 29.59 -7.58 4.27
N ASP C 383 29.49 -8.62 5.09
CA ASP C 383 30.63 -9.51 5.25
C ASP C 383 31.02 -10.12 3.90
N ASP C 384 30.02 -10.62 3.17
CA ASP C 384 30.29 -11.24 1.89
C ASP C 384 30.86 -10.24 0.89
N TYR C 385 30.32 -9.03 0.87
CA TYR C 385 30.88 -8.00 0.01
C TYR C 385 32.32 -7.70 0.41
N THR C 386 32.58 -7.62 1.72
CA THR C 386 33.92 -7.29 2.19
C THR C 386 34.91 -8.41 1.86
N PHE C 387 34.49 -9.66 2.04
CA PHE C 387 35.33 -10.78 1.64
C PHE C 387 35.60 -10.77 0.14
N ASN C 388 34.59 -10.43 -0.66
CA ASN C 388 34.78 -10.35 -2.11
C ASN C 388 35.84 -9.31 -2.47
N VAL C 389 35.77 -8.14 -1.84
CA VAL C 389 36.73 -7.09 -2.15
C VAL C 389 38.10 -7.42 -1.57
N ASP C 390 38.16 -8.16 -0.47
CA ASP C 390 39.45 -8.58 0.09
C ASP C 390 40.19 -9.48 -0.88
N GLN C 391 39.50 -10.44 -1.48
CA GLN C 391 40.17 -11.37 -2.38
C GLN C 391 40.46 -10.75 -3.74
N LYS C 392 39.75 -9.68 -4.10
CA LYS C 392 40.00 -8.95 -5.34
C LYS C 392 40.99 -7.82 -5.14
N LEU C 393 41.97 -8.01 -4.25
CA LEU C 393 42.91 -6.96 -3.91
C LEU C 393 44.16 -7.62 -3.32
N PRO C 394 45.31 -6.95 -3.39
CA PRO C 394 46.55 -7.58 -2.91
C PRO C 394 46.83 -7.35 -1.44
N ALA C 395 47.13 -8.44 -0.74
CA ALA C 395 47.60 -8.36 0.65
C ALA C 395 48.69 -9.42 0.79
N GLU C 396 48.98 -9.81 2.03
CA GLU C 396 50.06 -10.76 2.29
C GLU C 396 49.53 -12.19 2.22
N GLU C 397 50.47 -13.14 2.25
CA GLU C 397 50.17 -14.55 2.35
C GLU C 397 50.19 -15.07 3.77
N LYS C 398 50.63 -14.25 4.75
CA LYS C 398 50.55 -14.61 6.17
C LYS C 398 49.17 -14.31 6.76
N ALA C 399 48.27 -13.67 6.00
CA ALA C 399 46.87 -13.53 6.38
C ALA C 399 45.98 -13.58 5.13
N PRO C 400 45.98 -14.71 4.41
CA PRO C 400 45.05 -14.85 3.28
C PRO C 400 43.63 -15.02 3.80
N VAL C 401 42.74 -14.12 3.38
CA VAL C 401 41.47 -13.92 4.07
C VAL C 401 40.74 -15.24 4.27
N SER C 402 40.07 -15.36 5.41
CA SER C 402 39.33 -16.56 5.76
C SER C 402 37.86 -16.21 5.89
N TYR C 403 37.01 -16.84 5.07
CA TYR C 403 35.59 -16.53 5.07
C TYR C 403 35.01 -16.71 6.46
N PRO C 404 34.22 -15.77 6.96
CA PRO C 404 33.61 -15.92 8.29
C PRO C 404 32.67 -17.12 8.32
N ASN C 405 32.91 -18.02 9.26
CA ASN C 405 32.09 -19.22 9.40
C ASN C 405 31.32 -19.21 10.72
N THR C 406 30.96 -18.02 11.20
CA THR C 406 30.37 -17.85 12.52
C THR C 406 28.93 -17.37 12.40
N LEU C 407 28.07 -17.88 13.28
CA LEU C 407 26.71 -17.40 13.46
C LEU C 407 26.55 -16.88 14.88
N PRO C 408 26.19 -15.62 15.09
CA PRO C 408 25.95 -15.14 16.47
C PRO C 408 24.80 -15.91 17.13
N GLU C 409 25.00 -16.29 18.39
CA GLU C 409 24.00 -17.10 19.08
C GLU C 409 22.60 -16.50 18.99
N SER C 410 22.50 -15.16 18.94
CA SER C 410 21.17 -14.55 18.91
C SER C 410 20.48 -14.77 17.56
N PHE C 411 21.26 -14.85 16.49
CA PHE C 411 20.70 -15.16 15.17
C PHE C 411 19.88 -16.43 15.22
N THR C 412 20.52 -17.55 15.57
CA THR C 412 19.81 -18.82 15.64
C THR C 412 18.64 -18.77 16.61
N LYS C 413 18.76 -17.97 17.66
CA LYS C 413 17.63 -17.84 18.57
C LYS C 413 16.43 -17.24 17.86
N PHE C 414 16.64 -16.22 17.02
CA PHE C 414 15.53 -15.66 16.24
C PHE C 414 14.94 -16.71 15.31
N LEU C 415 15.80 -17.45 14.60
CA LEU C 415 15.32 -18.50 13.72
C LEU C 415 14.48 -19.53 14.48
N GLN C 416 14.77 -19.73 15.79
CA GLN C 416 14.10 -20.74 16.60
C GLN C 416 12.75 -20.28 17.15
N GLU C 417 12.59 -18.99 17.45
CA GLU C 417 11.42 -18.57 18.21
C GLU C 417 10.58 -17.51 17.54
N GLN C 418 10.78 -17.24 16.24
CA GLN C 418 10.02 -16.19 15.57
C GLN C 418 9.76 -16.56 14.11
N ARG C 419 8.49 -16.75 13.76
CA ARG C 419 8.15 -17.24 12.43
C ARG C 419 8.59 -16.26 11.36
N MET C 420 8.52 -14.96 11.60
CA MET C 420 8.86 -14.06 10.52
C MET C 420 10.36 -13.98 10.30
N ALA C 421 11.16 -14.05 11.38
CA ALA C 421 12.61 -14.06 11.25
C ALA C 421 13.06 -15.32 10.54
N CYS C 422 12.41 -16.43 10.83
CA CYS C 422 12.74 -17.66 10.17
C CYS C 422 12.50 -17.55 8.66
N GLU C 423 11.31 -17.04 8.28
CA GLU C 423 10.94 -16.98 6.88
C GLU C 423 11.89 -16.09 6.09
N VAL C 424 12.30 -14.96 6.68
CA VAL C 424 13.18 -14.05 5.96
C VAL C 424 14.56 -14.67 5.82
N GLY C 425 15.05 -15.30 6.91
CA GLY C 425 16.33 -16.01 6.85
C GLY C 425 16.33 -17.12 5.82
N LEU C 426 15.25 -17.91 5.79
CA LEU C 426 15.10 -18.95 4.76
C LEU C 426 15.26 -18.36 3.36
N TYR C 427 14.61 -17.23 3.09
CA TYR C 427 14.74 -16.62 1.77
C TYR C 427 16.12 -16.03 1.55
N TYR C 428 16.81 -15.61 2.62
CA TYR C 428 18.20 -15.22 2.45
C TYR C 428 19.07 -16.43 2.11
N VAL C 429 18.78 -17.60 2.69
CA VAL C 429 19.46 -18.83 2.27
C VAL C 429 19.14 -19.16 0.82
N LEU C 430 17.86 -19.05 0.42
CA LEU C 430 17.50 -19.30 -0.97
C LEU C 430 18.28 -18.40 -1.92
N HIS C 431 18.47 -17.14 -1.52
CA HIS C 431 19.12 -16.18 -2.39
C HIS C 431 20.61 -16.48 -2.57
N ILE C 432 21.33 -16.75 -1.49
CA ILE C 432 22.76 -17.03 -1.66
C ILE C 432 22.97 -18.34 -2.41
N THR C 433 22.07 -19.33 -2.24
CA THR C 433 22.20 -20.56 -3.02
C THR C 433 22.08 -20.28 -4.51
N LYS C 434 21.00 -19.57 -4.91
CA LYS C 434 20.84 -19.19 -6.30
C LYS C 434 22.05 -18.40 -6.80
N GLN C 435 22.72 -17.68 -5.89
CA GLN C 435 23.98 -17.03 -6.19
C GLN C 435 25.15 -17.99 -6.19
N ARG C 436 24.91 -19.26 -5.83
CA ARG C 436 25.96 -20.28 -5.69
C ARG C 436 27.14 -19.76 -4.87
N ASN C 437 26.81 -19.05 -3.80
CA ASN C 437 27.71 -18.66 -2.73
C ASN C 437 27.90 -19.86 -1.80
N LYS C 438 28.85 -20.72 -2.16
CA LYS C 438 29.13 -21.90 -1.35
C LYS C 438 29.59 -21.52 0.06
N ASN C 439 30.35 -20.44 0.21
CA ASN C 439 30.83 -20.08 1.54
C ASN C 439 29.70 -19.61 2.44
N ALA C 440 28.82 -18.77 1.88
CA ALA C 440 27.71 -18.24 2.67
C ALA C 440 26.72 -19.35 3.03
N LEU C 441 26.44 -20.24 2.07
CA LEU C 441 25.51 -21.33 2.33
C LEU C 441 26.00 -22.21 3.46
N LEU C 442 27.28 -22.58 3.45
CA LEU C 442 27.85 -23.40 4.52
C LEU C 442 27.88 -22.67 5.85
N ARG C 443 27.95 -21.33 5.84
CA ARG C 443 27.88 -20.58 7.09
C ARG C 443 26.48 -20.59 7.66
N LEU C 444 25.45 -20.46 6.80
CA LEU C 444 24.07 -20.34 7.29
C LEU C 444 23.45 -21.69 7.60
N LEU C 445 23.86 -22.73 6.86
CA LEU C 445 23.23 -24.03 7.00
C LEU C 445 23.18 -24.55 8.43
N PRO C 446 24.22 -24.42 9.25
CA PRO C 446 24.12 -24.88 10.64
C PRO C 446 22.97 -24.25 11.44
N GLY C 447 22.56 -23.03 11.12
CA GLY C 447 21.48 -22.48 11.92
C GLY C 447 20.08 -22.89 11.53
N LEU C 448 19.90 -23.71 10.51
CA LEU C 448 18.58 -24.15 10.07
C LEU C 448 18.14 -25.45 10.70
N VAL C 449 19.01 -26.08 11.48
CA VAL C 449 18.76 -27.43 12.01
C VAL C 449 17.55 -27.44 12.94
N GLU C 450 17.34 -26.33 13.68
CA GLU C 450 16.16 -26.14 14.52
C GLU C 450 15.55 -24.81 14.16
N THR C 451 14.34 -24.83 13.63
CA THR C 451 13.67 -23.62 13.18
C THR C 451 12.24 -23.61 13.73
N PHE C 452 11.72 -22.41 13.98
CA PHE C 452 10.35 -22.25 14.46
C PHE C 452 9.39 -23.03 13.59
N GLY C 453 8.56 -23.86 14.23
CA GLY C 453 7.55 -24.60 13.50
C GLY C 453 8.11 -25.55 12.47
N ASP C 454 9.38 -25.92 12.59
CA ASP C 454 10.08 -26.77 11.61
C ASP C 454 10.03 -26.17 10.21
N LEU C 455 10.04 -24.84 10.12
CA LEU C 455 9.81 -24.21 8.82
C LEU C 455 10.92 -24.51 7.82
N ALA C 456 12.17 -24.66 8.27
CA ALA C 456 13.18 -25.02 7.28
C ALA C 456 13.03 -26.44 6.76
N PHE C 457 12.03 -27.19 7.23
CA PHE C 457 11.76 -28.50 6.67
C PHE C 457 10.40 -28.56 6.01
N GLY C 458 9.81 -27.41 5.72
CA GLY C 458 8.56 -27.39 4.99
C GLY C 458 8.77 -27.75 3.53
N ASP C 459 7.71 -28.23 2.89
CA ASP C 459 7.82 -28.64 1.50
C ASP C 459 8.17 -27.46 0.59
N ILE C 460 7.61 -26.28 0.86
CA ILE C 460 7.90 -25.12 0.02
C ILE C 460 9.40 -24.80 0.06
N PHE C 461 9.95 -24.58 1.25
CA PHE C 461 11.35 -24.19 1.32
C PHE C 461 12.26 -25.29 0.78
N LEU C 462 11.93 -26.56 1.06
CA LEU C 462 12.77 -27.66 0.61
C LEU C 462 12.70 -27.86 -0.89
N HIS C 463 11.56 -27.53 -1.53
CA HIS C 463 11.44 -27.63 -2.99
C HIS C 463 12.29 -26.57 -3.69
N LEU C 464 12.28 -25.34 -3.17
CA LEU C 464 13.11 -24.26 -3.67
C LEU C 464 14.58 -24.48 -3.34
N LEU C 465 14.90 -24.93 -2.12
CA LEU C 465 16.30 -25.16 -1.77
C LEU C 465 16.92 -26.25 -2.63
N THR C 466 16.22 -27.38 -2.79
CA THR C 466 16.76 -28.42 -3.67
C THR C 466 16.78 -27.94 -5.11
N GLY C 467 15.80 -27.15 -5.51
CA GLY C 467 15.81 -26.64 -6.86
C GLY C 467 17.05 -25.83 -7.13
N ASN C 468 17.35 -24.88 -6.22
CA ASN C 468 18.51 -24.02 -6.36
C ASN C 468 19.83 -24.75 -6.09
N LEU C 469 19.80 -25.95 -5.48
CA LEU C 469 21.04 -26.68 -5.22
C LEU C 469 21.63 -27.33 -6.45
N ALA C 470 21.01 -27.17 -7.61
CA ALA C 470 21.56 -27.76 -8.83
C ALA C 470 22.59 -26.83 -9.48
N LEU C 471 22.50 -25.53 -9.24
CA LEU C 471 23.60 -24.65 -9.64
C LEU C 471 24.88 -24.96 -8.88
N LEU C 472 24.77 -25.68 -7.77
CA LEU C 472 25.92 -26.13 -6.98
C LEU C 472 26.20 -27.61 -7.19
N ALA C 473 25.78 -28.16 -8.32
CA ALA C 473 25.83 -29.61 -8.52
C ALA C 473 27.25 -30.14 -8.46
N ASP C 474 28.20 -29.39 -9.05
CA ASP C 474 29.61 -29.79 -9.03
C ASP C 474 30.08 -30.05 -7.61
N GLU C 475 29.66 -29.21 -6.67
CA GLU C 475 30.17 -29.26 -5.30
C GLU C 475 29.84 -30.55 -4.57
N PHE C 476 29.00 -31.41 -5.14
CA PHE C 476 28.66 -32.65 -4.46
C PHE C 476 29.71 -33.73 -4.68
N ALA C 477 30.73 -33.45 -5.50
CA ALA C 477 31.89 -34.33 -5.58
C ALA C 477 32.58 -34.43 -4.22
N LEU C 478 32.75 -33.28 -3.56
CA LEU C 478 33.42 -33.24 -2.26
C LEU C 478 32.58 -33.91 -1.18
N GLU C 479 33.22 -34.75 -0.37
CA GLU C 479 32.49 -35.41 0.71
C GLU C 479 32.09 -34.44 1.82
N ASP C 480 32.81 -33.35 2.01
CA ASP C 480 32.47 -32.42 3.09
C ASP C 480 31.20 -31.64 2.78
N PHE C 481 31.13 -31.06 1.59
CA PHE C 481 29.90 -30.41 1.15
C PHE C 481 28.72 -31.39 1.20
N CYS C 482 28.94 -32.63 0.78
CA CYS C 482 27.91 -33.64 0.92
C CYS C 482 27.51 -33.83 2.37
N SER C 483 28.49 -33.93 3.25
CA SER C 483 28.18 -34.15 4.65
C SER C 483 27.47 -32.95 5.26
N SER C 484 27.78 -31.75 4.77
CA SER C 484 27.08 -30.57 5.27
C SER C 484 25.61 -30.59 4.85
N LEU C 485 25.34 -30.84 3.58
CA LEU C 485 23.97 -30.83 3.12
C LEU C 485 23.17 -31.97 3.74
N PHE C 486 23.75 -33.17 3.78
CA PHE C 486 22.97 -34.32 4.20
C PHE C 486 23.14 -34.62 5.69
N ASP C 487 24.36 -34.90 6.12
CA ASP C 487 24.56 -35.20 7.53
C ASP C 487 24.29 -33.99 8.41
N GLY C 488 24.64 -32.79 7.95
CA GLY C 488 24.42 -31.58 8.73
C GLY C 488 23.03 -30.98 8.63
N PHE C 489 22.21 -31.37 7.65
CA PHE C 489 20.87 -30.80 7.47
C PHE C 489 19.79 -31.85 7.20
N PHE C 490 19.72 -32.42 5.99
CA PHE C 490 18.58 -33.26 5.64
C PHE C 490 18.39 -34.42 6.60
N LEU C 491 19.48 -35.08 7.01
CA LEU C 491 19.37 -36.24 7.86
C LEU C 491 19.12 -35.87 9.33
N THR C 492 19.19 -34.59 9.65
CA THR C 492 18.81 -34.11 10.97
C THR C 492 17.33 -34.34 11.22
N ALA C 493 16.51 -34.23 10.18
CA ALA C 493 15.07 -34.33 10.29
C ALA C 493 14.49 -35.52 9.54
N SER C 494 15.30 -36.22 8.76
CA SER C 494 14.78 -37.25 7.87
C SER C 494 14.08 -38.41 8.60
N PRO C 495 14.63 -38.99 9.68
CA PRO C 495 13.88 -40.07 10.37
C PRO C 495 12.52 -39.63 10.89
N ARG C 496 12.41 -38.38 11.35
CA ARG C 496 11.23 -37.88 12.02
C ARG C 496 10.17 -37.39 11.03
N LYS C 497 10.56 -36.65 9.98
CA LYS C 497 9.64 -35.99 9.06
C LYS C 497 9.63 -36.73 7.72
N GLU C 498 8.51 -37.35 7.38
CA GLU C 498 8.48 -38.14 6.16
C GLU C 498 8.80 -37.29 4.93
N ASN C 499 8.30 -36.05 4.88
CA ASN C 499 8.49 -35.24 3.67
C ASN C 499 9.96 -34.87 3.45
N VAL C 500 10.75 -34.83 4.52
CA VAL C 500 12.16 -34.51 4.38
C VAL C 500 12.89 -35.69 3.76
N HIS C 501 12.53 -36.90 4.22
CA HIS C 501 12.99 -38.15 3.63
C HIS C 501 12.79 -38.13 2.12
N ARG C 502 11.58 -37.76 1.69
CA ARG C 502 11.24 -37.65 0.29
C ARG C 502 12.14 -36.66 -0.44
N HIS C 503 12.22 -35.42 0.06
CA HIS C 503 13.06 -34.41 -0.58
C HIS C 503 14.51 -34.86 -0.65
N ALA C 504 15.03 -35.41 0.46
CA ALA C 504 16.38 -35.94 0.45
C ALA C 504 16.55 -36.98 -0.65
N LEU C 505 15.63 -37.94 -0.76
CA LEU C 505 15.73 -38.91 -1.83
C LEU C 505 15.59 -38.27 -3.21
N ARG C 506 14.74 -37.26 -3.38
CA ARG C 506 14.61 -36.76 -4.74
C ARG C 506 15.76 -35.82 -5.12
N LEU C 507 16.33 -35.10 -4.16
CA LEU C 507 17.57 -34.40 -4.45
C LEU C 507 18.65 -35.40 -4.88
N LEU C 508 18.74 -36.53 -4.16
CA LEU C 508 19.73 -37.57 -4.45
C LEU C 508 19.57 -38.10 -5.86
N ILE C 509 18.36 -38.53 -6.22
CA ILE C 509 18.11 -39.08 -7.55
C ILE C 509 18.60 -38.13 -8.63
N HIS C 510 18.38 -36.83 -8.44
CA HIS C 510 18.71 -35.85 -9.45
C HIS C 510 20.21 -35.58 -9.53
N LEU C 511 20.89 -35.64 -8.39
CA LEU C 511 22.32 -35.38 -8.29
C LEU C 511 23.16 -36.65 -8.35
N HIS C 512 22.55 -37.75 -8.78
CA HIS C 512 23.12 -39.09 -8.85
C HIS C 512 24.59 -39.09 -9.28
N PRO C 513 24.92 -38.74 -10.52
CA PRO C 513 26.28 -38.99 -11.01
C PRO C 513 27.35 -38.18 -10.31
N ARG C 514 26.99 -37.00 -9.78
CA ARG C 514 27.97 -36.07 -9.24
C ARG C 514 28.44 -36.44 -7.83
N VAL C 515 27.83 -37.44 -7.19
CA VAL C 515 28.07 -37.73 -5.78
C VAL C 515 29.06 -38.88 -5.65
N ALA C 516 30.14 -38.66 -4.89
CA ALA C 516 31.20 -39.65 -4.75
C ALA C 516 30.62 -40.95 -4.21
N PRO C 517 30.88 -42.09 -4.86
CA PRO C 517 30.05 -43.29 -4.60
C PRO C 517 30.19 -43.88 -3.21
N SER C 518 31.27 -43.56 -2.48
CA SER C 518 31.33 -43.94 -1.07
C SER C 518 30.18 -43.28 -0.29
N LYS C 519 30.06 -41.95 -0.40
CA LYS C 519 28.95 -41.25 0.22
C LYS C 519 27.62 -41.74 -0.31
N LEU C 520 27.55 -42.00 -1.62
CA LEU C 520 26.28 -42.35 -2.26
C LEU C 520 25.65 -43.56 -1.58
N GLU C 521 26.43 -44.62 -1.38
CA GLU C 521 25.88 -45.79 -0.72
C GLU C 521 25.61 -45.53 0.76
N ALA C 522 26.47 -44.75 1.42
CA ALA C 522 26.22 -44.42 2.83
C ALA C 522 24.92 -43.64 3.00
N LEU C 523 24.67 -42.67 2.12
CA LEU C 523 23.42 -41.94 2.14
C LEU C 523 22.26 -42.86 1.82
N GLN C 524 22.46 -43.75 0.83
CA GLN C 524 21.43 -44.70 0.47
C GLN C 524 20.95 -45.49 1.68
N LYS C 525 21.87 -45.94 2.54
CA LYS C 525 21.48 -46.67 3.74
C LYS C 525 20.83 -45.75 4.75
N ALA C 526 21.33 -44.52 4.90
CA ALA C 526 20.74 -43.60 5.86
C ALA C 526 19.33 -43.19 5.46
N LEU C 527 18.98 -43.33 4.18
CA LEU C 527 17.64 -42.97 3.71
C LEU C 527 16.79 -44.18 3.41
N GLU C 528 17.11 -45.34 3.99
CA GLU C 528 16.33 -46.54 3.73
C GLU C 528 14.93 -46.39 4.31
N PRO C 529 13.94 -47.05 3.70
CA PRO C 529 12.57 -46.95 4.22
C PRO C 529 12.42 -47.53 5.62
N THR C 530 11.87 -46.71 6.51
CA THR C 530 11.76 -47.04 7.93
C THR C 530 10.95 -48.31 8.16
N GLY C 531 10.09 -48.67 7.22
CA GLY C 531 9.21 -49.80 7.45
C GLY C 531 7.81 -49.34 7.80
N GLN C 532 7.69 -48.38 8.71
CA GLN C 532 6.38 -47.77 8.97
C GLN C 532 6.12 -46.57 8.05
N SER C 533 6.84 -46.45 6.94
CA SER C 533 6.71 -45.33 6.03
C SER C 533 5.76 -45.63 4.87
N GLY C 534 5.51 -44.61 4.05
CA GLY C 534 4.46 -44.66 3.06
C GLY C 534 4.96 -44.96 1.66
N GLU C 535 4.02 -44.91 0.72
CA GLU C 535 4.28 -45.37 -0.63
C GLU C 535 5.19 -44.42 -1.42
N ALA C 536 5.21 -43.13 -1.08
CA ALA C 536 6.05 -42.20 -1.83
C ALA C 536 7.53 -42.47 -1.58
N VAL C 537 7.93 -42.44 -0.30
CA VAL C 537 9.30 -42.73 0.11
C VAL C 537 9.78 -44.06 -0.46
N LYS C 538 8.93 -45.09 -0.38
CA LYS C 538 9.31 -46.40 -0.92
C LYS C 538 9.51 -46.35 -2.42
N GLU C 539 8.59 -45.68 -3.15
CA GLU C 539 8.73 -45.61 -4.60
C GLU C 539 9.98 -44.84 -4.99
N LEU C 540 10.31 -43.80 -4.22
CA LEU C 540 11.53 -43.05 -4.50
C LEU C 540 12.77 -43.89 -4.17
N TYR C 541 12.70 -44.70 -3.12
CA TYR C 541 13.84 -45.56 -2.78
C TYR C 541 14.14 -46.54 -3.90
N SER C 542 13.08 -47.04 -4.56
CA SER C 542 13.27 -47.93 -5.70
C SER C 542 13.88 -47.19 -6.88
N GLN C 543 13.42 -45.96 -7.15
CA GLN C 543 14.00 -45.19 -8.26
C GLN C 543 15.49 -44.99 -8.04
N LEU C 544 15.89 -44.72 -6.79
CA LEU C 544 17.31 -44.51 -6.50
C LEU C 544 18.13 -45.76 -6.83
N GLY C 545 17.65 -46.94 -6.41
CA GLY C 545 18.37 -48.16 -6.70
C GLY C 545 18.47 -48.45 -8.19
N GLU C 546 17.33 -48.38 -8.90
CA GLU C 546 17.32 -48.58 -10.34
C GLU C 546 18.32 -47.67 -11.05
N LYS C 547 18.47 -46.43 -10.57
CA LYS C 547 19.42 -45.52 -11.19
C LYS C 547 20.87 -45.96 -10.97
N LEU C 548 21.20 -46.41 -9.75
CA LEU C 548 22.60 -46.71 -9.45
C LEU C 548 23.14 -47.88 -10.27
N GLU C 549 22.27 -48.71 -10.84
CA GLU C 549 22.72 -49.73 -11.79
C GLU C 549 22.69 -49.27 -13.24
N GLN C 550 21.81 -48.31 -13.59
CA GLN C 550 21.84 -47.75 -14.94
C GLN C 550 23.13 -46.96 -15.17
N LEU C 551 23.59 -46.21 -14.16
CA LEU C 551 24.85 -45.47 -14.29
C LEU C 551 26.00 -46.41 -14.63
N ASP C 552 26.11 -47.51 -13.88
CA ASP C 552 27.23 -48.43 -14.07
C ASP C 552 27.19 -49.10 -15.44
N HIS C 553 26.00 -49.43 -15.96
CA HIS C 553 25.88 -50.36 -17.08
C HIS C 553 26.42 -49.79 -18.39
N ARG C 554 25.92 -48.63 -18.81
CA ARG C 554 26.31 -48.06 -20.12
C ARG C 554 27.34 -46.93 -19.98
N GLY D 2 -42.76 -77.69 -52.36
CA GLY D 2 -43.00 -76.49 -51.55
C GLY D 2 -41.85 -75.51 -51.56
N GLU D 3 -41.58 -74.89 -50.41
CA GLU D 3 -40.44 -73.99 -50.28
C GLU D 3 -40.13 -73.83 -48.79
N ASP D 4 -38.97 -73.21 -48.51
CA ASP D 4 -38.50 -73.04 -47.14
C ASP D 4 -39.23 -71.87 -46.49
N ASP D 5 -40.16 -72.19 -45.58
CA ASP D 5 -40.86 -71.18 -44.81
C ASP D 5 -39.96 -70.51 -43.77
N ALA D 6 -38.84 -71.14 -43.41
CA ALA D 6 -37.99 -70.58 -42.36
C ALA D 6 -37.24 -69.34 -42.82
N GLU D 7 -37.10 -69.15 -44.12
CA GLU D 7 -36.40 -67.97 -44.63
C GLU D 7 -37.29 -66.73 -44.55
N VAL D 8 -38.53 -66.84 -45.04
CA VAL D 8 -39.48 -65.73 -44.97
C VAL D 8 -39.85 -65.43 -43.53
N GLN D 9 -39.77 -66.42 -42.64
CA GLN D 9 -40.05 -66.18 -41.23
C GLN D 9 -39.08 -65.15 -40.63
N GLN D 10 -37.78 -65.42 -40.73
CA GLN D 10 -36.79 -64.47 -40.19
C GLN D 10 -36.76 -63.18 -41.00
N GLU D 11 -37.32 -63.21 -42.22
CA GLU D 11 -37.55 -61.97 -42.96
C GLU D 11 -38.61 -61.11 -42.29
N CYS D 12 -39.78 -61.69 -42.02
CA CYS D 12 -40.85 -60.93 -41.39
C CYS D 12 -40.51 -60.59 -39.94
N LEU D 13 -39.81 -61.48 -39.24
CA LEU D 13 -39.37 -61.17 -37.88
C LEU D 13 -38.44 -59.97 -37.87
N HIS D 14 -37.62 -59.81 -38.91
CA HIS D 14 -36.73 -58.65 -38.97
C HIS D 14 -37.53 -57.35 -39.10
N LYS D 15 -38.47 -57.31 -40.04
CA LYS D 15 -39.31 -56.13 -40.19
C LYS D 15 -40.10 -55.84 -38.91
N PHE D 16 -40.60 -56.88 -38.24
CA PHE D 16 -41.35 -56.66 -37.00
C PHE D 16 -40.50 -55.99 -35.94
N SER D 17 -39.17 -56.05 -36.08
CA SER D 17 -38.26 -55.46 -35.11
C SER D 17 -37.93 -54.01 -35.37
N THR D 18 -38.20 -53.51 -36.56
CA THR D 18 -37.77 -52.17 -36.93
C THR D 18 -38.60 -51.11 -36.21
N ARG D 19 -38.07 -49.89 -36.17
CA ARG D 19 -38.74 -48.81 -35.46
C ARG D 19 -40.15 -48.58 -35.99
N ASP D 20 -41.14 -48.73 -35.11
CA ASP D 20 -42.52 -48.33 -35.36
C ASP D 20 -43.14 -49.07 -36.55
N TYR D 21 -42.75 -50.32 -36.78
CA TYR D 21 -43.30 -51.03 -37.91
C TYR D 21 -44.82 -51.19 -37.82
N ILE D 22 -45.39 -51.12 -36.61
CA ILE D 22 -46.84 -51.12 -36.46
C ILE D 22 -47.49 -50.04 -37.31
N MET D 23 -46.77 -48.94 -37.58
CA MET D 23 -47.31 -47.86 -38.38
C MET D 23 -47.14 -48.09 -39.88
N GLU D 24 -46.44 -49.07 -40.26
CA GLU D 24 -46.19 -49.12 -41.68
C GLU D 24 -47.38 -49.75 -42.40
N PRO D 25 -47.80 -49.19 -43.54
CA PRO D 25 -48.81 -49.88 -44.36
C PRO D 25 -48.34 -51.23 -44.86
N SER D 26 -47.03 -51.49 -44.92
CA SER D 26 -46.50 -52.79 -45.33
C SER D 26 -46.99 -53.92 -44.44
N ILE D 27 -47.39 -53.61 -43.19
CA ILE D 27 -47.44 -54.61 -42.13
C ILE D 27 -48.45 -55.70 -42.44
N PHE D 28 -49.58 -55.34 -43.07
CA PHE D 28 -50.60 -56.33 -43.37
C PHE D 28 -50.07 -57.37 -44.36
N ASN D 29 -49.33 -56.93 -45.38
CA ASN D 29 -48.71 -57.88 -46.28
C ASN D 29 -47.71 -58.76 -45.55
N THR D 30 -46.88 -58.16 -44.69
CA THR D 30 -45.87 -58.94 -43.98
C THR D 30 -46.51 -59.93 -43.02
N LEU D 31 -47.69 -59.60 -42.48
CA LEU D 31 -48.38 -60.52 -41.59
C LEU D 31 -48.94 -61.72 -42.34
N LYS D 32 -49.57 -61.48 -43.51
CA LYS D 32 -49.95 -62.57 -44.39
C LYS D 32 -48.75 -63.46 -44.74
N ARG D 33 -47.68 -62.86 -45.27
CA ARG D 33 -46.49 -63.63 -45.65
C ARG D 33 -45.96 -64.45 -44.47
N TYR D 34 -46.14 -63.95 -43.26
CA TYR D 34 -45.60 -64.63 -42.08
C TYR D 34 -46.41 -65.87 -41.72
N PHE D 35 -47.73 -65.79 -41.82
CA PHE D 35 -48.58 -66.90 -41.42
C PHE D 35 -48.74 -67.94 -42.52
N GLN D 36 -48.68 -67.54 -43.79
CA GLN D 36 -48.63 -68.53 -44.87
C GLN D 36 -47.35 -69.35 -44.81
N ALA D 37 -46.33 -68.86 -44.12
CA ALA D 37 -45.14 -69.63 -43.80
C ALA D 37 -45.20 -70.21 -42.40
N GLY D 38 -46.41 -70.38 -41.87
CA GLY D 38 -46.60 -70.98 -40.56
C GLY D 38 -45.74 -70.35 -39.49
N GLY D 39 -45.96 -69.08 -39.24
CA GLY D 39 -45.24 -68.38 -38.19
C GLY D 39 -46.05 -68.42 -36.90
N SER D 40 -45.33 -68.58 -35.79
CA SER D 40 -45.96 -68.49 -34.48
C SER D 40 -46.37 -67.04 -34.22
N PRO D 41 -47.56 -66.82 -33.69
CA PRO D 41 -48.05 -65.45 -33.53
C PRO D 41 -47.56 -64.71 -32.30
N GLU D 42 -47.34 -65.42 -31.18
CA GLU D 42 -47.17 -64.73 -29.90
C GLU D 42 -45.99 -63.75 -29.93
N ASN D 43 -44.87 -64.16 -30.51
CA ASN D 43 -43.70 -63.29 -30.50
C ASN D 43 -43.88 -62.07 -31.41
N VAL D 44 -44.83 -62.10 -32.34
CA VAL D 44 -45.10 -60.93 -33.16
C VAL D 44 -45.54 -59.76 -32.29
N ILE D 45 -46.52 -60.00 -31.41
CA ILE D 45 -46.99 -58.91 -30.55
C ILE D 45 -45.86 -58.38 -29.67
N GLN D 46 -44.92 -59.24 -29.29
CA GLN D 46 -43.79 -58.79 -28.51
C GLN D 46 -42.91 -57.84 -29.32
N LEU D 47 -42.52 -58.27 -30.52
CA LEU D 47 -41.65 -57.47 -31.38
C LEU D 47 -42.27 -56.10 -31.68
N LEU D 48 -43.54 -56.08 -32.04
CA LEU D 48 -44.16 -54.82 -32.46
C LEU D 48 -44.25 -53.82 -31.31
N SER D 49 -44.57 -54.27 -30.11
CA SER D 49 -44.78 -53.29 -29.06
C SER D 49 -43.47 -52.84 -28.42
N GLU D 50 -42.45 -53.71 -28.44
CA GLU D 50 -41.16 -53.37 -27.87
C GLU D 50 -40.46 -52.30 -28.69
N ASN D 51 -40.63 -52.33 -30.01
CA ASN D 51 -39.98 -51.38 -30.88
C ASN D 51 -40.89 -50.24 -31.30
N TYR D 52 -42.00 -50.04 -30.58
CA TYR D 52 -42.86 -48.90 -30.83
C TYR D 52 -42.34 -47.68 -30.08
N THR D 53 -42.02 -46.63 -30.81
CA THR D 53 -41.45 -45.41 -30.26
C THR D 53 -42.39 -44.22 -30.36
N ALA D 54 -43.48 -44.35 -31.14
CA ALA D 54 -44.48 -43.32 -31.26
C ALA D 54 -43.91 -42.05 -31.89
N VAL D 55 -43.02 -42.22 -32.87
CA VAL D 55 -42.46 -41.06 -33.57
C VAL D 55 -43.58 -40.15 -34.06
N ALA D 56 -44.55 -40.71 -34.80
CA ALA D 56 -45.62 -39.90 -35.36
C ALA D 56 -46.38 -39.12 -34.28
N GLN D 57 -46.73 -39.76 -33.17
CA GLN D 57 -47.38 -39.00 -32.09
C GLN D 57 -46.43 -37.99 -31.48
N THR D 58 -45.15 -38.25 -31.58
CA THR D 58 -44.16 -37.30 -31.11
C THR D 58 -44.13 -36.05 -31.99
N VAL D 59 -44.47 -36.19 -33.27
CA VAL D 59 -44.63 -35.04 -34.15
C VAL D 59 -45.88 -34.25 -33.78
N ASN D 60 -46.97 -34.96 -33.43
CA ASN D 60 -48.17 -34.25 -32.98
C ASN D 60 -47.87 -33.39 -31.76
N LEU D 61 -47.07 -33.93 -30.83
CA LEU D 61 -46.78 -33.22 -29.59
C LEU D 61 -45.95 -31.97 -29.85
N LEU D 62 -44.87 -32.09 -30.63
CA LEU D 62 -44.10 -30.91 -31.00
C LEU D 62 -44.98 -29.86 -31.66
N ALA D 63 -45.97 -30.29 -32.45
CA ALA D 63 -46.82 -29.32 -33.15
C ALA D 63 -47.72 -28.57 -32.17
N GLU D 64 -48.31 -29.29 -31.20
CA GLU D 64 -49.08 -28.59 -30.17
C GLU D 64 -48.18 -27.62 -29.40
N TRP D 65 -46.98 -28.09 -29.03
CA TRP D 65 -46.11 -27.27 -28.22
C TRP D 65 -45.77 -25.98 -28.96
N LEU D 66 -45.31 -26.10 -30.21
CA LEU D 66 -45.02 -24.92 -31.01
C LEU D 66 -46.23 -24.00 -31.09
N ILE D 67 -47.41 -24.57 -31.32
CA ILE D 67 -48.62 -23.78 -31.39
C ILE D 67 -48.89 -23.09 -30.06
N GLN D 68 -48.67 -23.80 -28.95
CA GLN D 68 -48.92 -23.17 -27.65
C GLN D 68 -47.91 -22.07 -27.35
N THR D 69 -46.71 -22.13 -27.94
CA THR D 69 -45.76 -21.02 -27.80
C THR D 69 -46.03 -19.84 -28.72
N GLY D 70 -47.05 -19.90 -29.58
CA GLY D 70 -47.42 -18.77 -30.39
C GLY D 70 -47.21 -18.93 -31.89
N VAL D 71 -46.64 -20.04 -32.35
CA VAL D 71 -46.58 -20.29 -33.78
C VAL D 71 -47.99 -20.46 -34.34
N GLU D 72 -48.25 -19.81 -35.47
CA GLU D 72 -49.52 -19.95 -36.16
C GLU D 72 -49.72 -21.42 -36.52
N PRO D 73 -50.85 -22.01 -36.17
CA PRO D 73 -51.06 -23.43 -36.51
C PRO D 73 -50.89 -23.74 -37.99
N VAL D 74 -51.44 -22.91 -38.89
CA VAL D 74 -51.29 -23.19 -40.31
C VAL D 74 -49.82 -23.29 -40.73
N GLN D 75 -48.90 -22.60 -40.03
CA GLN D 75 -47.48 -22.66 -40.37
C GLN D 75 -46.88 -24.02 -40.06
N VAL D 76 -47.25 -24.61 -38.91
CA VAL D 76 -46.80 -25.97 -38.62
C VAL D 76 -47.37 -26.94 -39.64
N GLN D 77 -48.65 -26.79 -40.00
CA GLN D 77 -49.25 -27.62 -41.03
C GLN D 77 -48.46 -27.55 -42.33
N GLU D 78 -48.03 -26.34 -42.73
CA GLU D 78 -47.36 -26.17 -44.01
C GLU D 78 -45.95 -26.74 -43.97
N THR D 79 -45.28 -26.67 -42.83
CA THR D 79 -43.99 -27.36 -42.68
C THR D 79 -44.15 -28.86 -42.86
N VAL D 80 -45.15 -29.45 -42.21
CA VAL D 80 -45.34 -30.90 -42.28
C VAL D 80 -45.64 -31.33 -43.70
N GLU D 81 -46.60 -30.66 -44.35
CA GLU D 81 -46.90 -30.95 -45.76
C GLU D 81 -45.65 -30.84 -46.62
N ASN D 82 -44.80 -29.83 -46.37
CA ASN D 82 -43.68 -29.61 -47.28
C ASN D 82 -42.64 -30.69 -47.16
N HIS D 83 -42.58 -31.42 -46.03
CA HIS D 83 -41.71 -32.59 -45.95
C HIS D 83 -42.23 -33.74 -46.77
N LEU D 84 -43.55 -34.00 -46.71
CA LEU D 84 -44.16 -34.98 -47.59
C LEU D 84 -43.89 -34.61 -49.05
N LYS D 85 -44.12 -33.33 -49.38
CA LYS D 85 -43.91 -32.86 -50.74
C LYS D 85 -42.48 -33.09 -51.18
N SER D 86 -41.54 -32.72 -50.33
CA SER D 86 -40.12 -32.89 -50.65
C SER D 86 -39.76 -34.35 -50.92
N LEU D 87 -40.38 -35.29 -50.18
CA LEU D 87 -40.04 -36.71 -50.33
C LEU D 87 -40.60 -37.30 -51.62
N LEU D 88 -41.82 -36.91 -51.99
CA LEU D 88 -42.40 -37.38 -53.24
C LEU D 88 -41.60 -36.91 -54.44
N ILE D 89 -41.08 -35.68 -54.41
CA ILE D 89 -40.29 -35.19 -55.53
C ILE D 89 -38.99 -35.98 -55.65
N LYS D 90 -38.34 -36.27 -54.51
CA LYS D 90 -37.03 -36.89 -54.52
C LYS D 90 -37.10 -38.32 -55.05
N HIS D 91 -38.24 -38.99 -54.86
CA HIS D 91 -38.39 -40.41 -55.21
C HIS D 91 -39.50 -40.63 -56.23
N PHE D 92 -39.86 -39.61 -57.00
CA PHE D 92 -40.91 -39.77 -58.00
C PHE D 92 -40.39 -40.56 -59.18
N ASP D 93 -41.14 -41.57 -59.60
CA ASP D 93 -40.76 -42.36 -60.76
C ASP D 93 -42.00 -42.55 -61.63
N PRO D 94 -41.95 -42.15 -62.92
CA PRO D 94 -43.16 -42.23 -63.75
C PRO D 94 -43.73 -43.63 -63.83
N ARG D 95 -42.85 -44.62 -63.91
CA ARG D 95 -43.28 -46.02 -63.85
C ARG D 95 -44.21 -46.26 -62.67
N LYS D 96 -43.72 -45.96 -61.46
CA LYS D 96 -44.53 -46.13 -60.27
C LYS D 96 -45.84 -45.34 -60.37
N ALA D 97 -45.78 -44.14 -60.95
CA ALA D 97 -46.96 -43.30 -61.02
C ALA D 97 -47.98 -43.82 -62.04
N ASP D 98 -47.53 -44.27 -63.21
CA ASP D 98 -48.47 -44.75 -64.22
C ASP D 98 -49.19 -46.01 -63.77
N SER D 99 -48.59 -46.75 -62.83
CA SER D 99 -49.14 -48.01 -62.37
C SER D 99 -50.50 -47.89 -61.71
N ILE D 100 -50.94 -46.67 -61.37
CA ILE D 100 -52.26 -46.49 -60.74
C ILE D 100 -53.38 -46.52 -61.77
N PHE D 101 -53.05 -46.43 -63.05
CA PHE D 101 -54.03 -46.56 -64.13
C PHE D 101 -54.20 -48.02 -64.52
N THR D 102 -53.18 -48.58 -65.19
CA THR D 102 -53.31 -49.81 -65.97
C THR D 102 -53.79 -51.01 -65.14
N GLU D 103 -53.68 -50.95 -63.81
CA GLU D 103 -54.08 -52.05 -62.94
C GLU D 103 -55.55 -51.97 -62.52
N GLU D 104 -56.20 -50.82 -62.69
CA GLU D 104 -57.62 -50.66 -62.35
C GLU D 104 -58.45 -49.99 -63.42
N GLY D 105 -57.85 -49.34 -64.41
CA GLY D 105 -58.62 -48.66 -65.43
C GLY D 105 -59.10 -47.28 -65.02
N GLU D 106 -59.80 -47.19 -63.89
CA GLU D 106 -60.26 -45.93 -63.32
C GLU D 106 -59.18 -45.34 -62.42
N THR D 107 -59.52 -44.30 -61.66
CA THR D 107 -58.54 -43.61 -60.83
C THR D 107 -58.92 -43.68 -59.35
N PRO D 108 -57.95 -43.83 -58.46
CA PRO D 108 -58.26 -44.01 -57.03
C PRO D 108 -58.84 -42.75 -56.41
N ALA D 109 -59.55 -42.95 -55.30
CA ALA D 109 -60.25 -41.84 -54.67
C ALA D 109 -59.29 -40.77 -54.19
N TRP D 110 -58.08 -41.15 -53.77
CA TRP D 110 -57.21 -40.20 -53.09
C TRP D 110 -56.62 -39.19 -54.06
N LEU D 111 -56.48 -39.55 -55.34
CA LEU D 111 -56.04 -38.58 -56.34
C LEU D 111 -56.98 -37.38 -56.39
N GLU D 112 -58.29 -37.64 -56.41
CA GLU D 112 -59.30 -36.60 -56.48
C GLU D 112 -59.44 -35.85 -55.18
N GLN D 113 -58.89 -36.37 -54.08
CA GLN D 113 -58.90 -35.60 -52.85
C GLN D 113 -57.62 -34.82 -52.62
N MET D 114 -56.49 -35.32 -53.11
CA MET D 114 -55.31 -34.48 -53.16
C MET D 114 -55.59 -33.19 -53.92
N ILE D 115 -56.35 -33.29 -55.01
CA ILE D 115 -56.65 -32.14 -55.85
C ILE D 115 -57.43 -31.09 -55.09
N ALA D 116 -58.18 -31.48 -54.06
CA ALA D 116 -58.88 -30.48 -53.25
C ALA D 116 -57.92 -29.46 -52.62
N HIS D 117 -56.76 -29.91 -52.14
CA HIS D 117 -55.83 -29.02 -51.46
C HIS D 117 -54.91 -28.30 -52.46
N THR D 118 -54.78 -26.98 -52.30
CA THR D 118 -54.02 -26.27 -53.33
C THR D 118 -52.52 -26.53 -53.22
N THR D 119 -52.02 -26.98 -52.06
CA THR D 119 -50.61 -27.35 -51.96
C THR D 119 -50.29 -28.62 -52.76
N TRP D 120 -51.22 -29.58 -52.84
CA TRP D 120 -50.96 -30.76 -53.68
C TRP D 120 -51.14 -30.45 -55.17
N ARG D 121 -52.09 -29.58 -55.52
CA ARG D 121 -52.13 -29.07 -56.88
C ARG D 121 -50.80 -28.44 -57.26
N ASP D 122 -50.25 -27.62 -56.37
CA ASP D 122 -48.94 -27.03 -56.63
C ASP D 122 -47.88 -28.12 -56.79
N LEU D 123 -47.98 -29.20 -56.02
CA LEU D 123 -47.04 -30.31 -56.15
C LEU D 123 -47.14 -30.96 -57.52
N PHE D 124 -48.36 -31.26 -57.96
CA PHE D 124 -48.53 -31.88 -59.27
C PHE D 124 -48.02 -30.97 -60.39
N TYR D 125 -48.38 -29.66 -60.32
CA TYR D 125 -47.88 -28.68 -61.28
C TYR D 125 -46.35 -28.73 -61.39
N LYS D 126 -45.65 -28.70 -60.25
CA LYS D 126 -44.20 -28.80 -60.29
C LYS D 126 -43.76 -30.13 -60.89
N LEU D 127 -44.39 -31.23 -60.47
CA LEU D 127 -44.00 -32.53 -60.99
C LEU D 127 -44.19 -32.61 -62.50
N ALA D 128 -45.24 -31.96 -63.01
CA ALA D 128 -45.48 -31.95 -64.45
C ALA D 128 -44.33 -31.27 -65.20
N GLU D 129 -43.72 -30.24 -64.62
CA GLU D 129 -42.62 -29.57 -65.30
C GLU D 129 -41.39 -30.46 -65.39
N ALA D 130 -41.01 -31.09 -64.29
CA ALA D 130 -39.81 -31.92 -64.32
C ALA D 130 -39.97 -33.14 -65.21
N HIS D 131 -41.19 -33.63 -65.37
CA HIS D 131 -41.47 -34.91 -66.04
C HIS D 131 -42.60 -34.72 -67.03
N PRO D 132 -42.39 -33.90 -68.08
CA PRO D 132 -43.51 -33.50 -68.94
C PRO D 132 -44.10 -34.64 -69.70
N ASP D 133 -43.35 -35.72 -69.88
CA ASP D 133 -43.79 -36.85 -70.67
C ASP D 133 -44.28 -38.01 -69.82
N CYS D 134 -44.50 -37.78 -68.52
CA CYS D 134 -45.16 -38.77 -67.68
C CYS D 134 -46.66 -38.77 -67.94
N LEU D 135 -47.25 -39.95 -68.11
CA LEU D 135 -48.66 -40.02 -68.45
C LEU D 135 -49.54 -39.66 -67.25
N MET D 136 -49.14 -40.10 -66.06
CA MET D 136 -50.02 -39.88 -64.90
C MET D 136 -50.11 -38.42 -64.54
N LEU D 137 -48.98 -37.71 -64.60
CA LEU D 137 -48.98 -36.28 -64.32
C LEU D 137 -49.83 -35.52 -65.33
N ASN D 138 -49.69 -35.84 -66.63
CA ASN D 138 -50.49 -35.18 -67.65
C ASN D 138 -51.97 -35.36 -67.37
N PHE D 139 -52.36 -36.59 -67.02
CA PHE D 139 -53.75 -36.88 -66.68
C PHE D 139 -54.22 -36.05 -65.49
N THR D 140 -53.34 -35.83 -64.50
CA THR D 140 -53.72 -35.16 -63.27
C THR D 140 -53.90 -33.66 -63.49
N VAL D 141 -52.96 -33.05 -64.19
CA VAL D 141 -53.09 -31.64 -64.53
C VAL D 141 -54.33 -31.41 -65.38
N LYS D 142 -54.72 -32.39 -66.21
CA LYS D 142 -55.99 -32.31 -66.91
C LYS D 142 -57.15 -32.38 -65.92
N LEU D 143 -57.12 -33.31 -64.98
CA LEU D 143 -58.21 -33.37 -64.01
C LEU D 143 -58.33 -32.06 -63.26
N ILE D 144 -57.19 -31.47 -62.85
CA ILE D 144 -57.23 -30.18 -62.16
C ILE D 144 -57.84 -29.12 -63.07
N SER D 145 -57.30 -29.01 -64.30
CA SER D 145 -57.82 -28.09 -65.31
C SER D 145 -59.32 -28.26 -65.50
N ASP D 146 -59.78 -29.47 -65.81
CA ASP D 146 -61.20 -29.64 -66.11
C ASP D 146 -62.06 -29.47 -64.87
N ALA D 147 -61.45 -29.17 -63.71
CA ALA D 147 -62.14 -28.75 -62.51
C ALA D 147 -62.23 -27.22 -62.46
N LEU E 2 3.20 19.34 -29.61
CA LEU E 2 2.86 20.72 -29.93
C LEU E 2 1.84 20.79 -31.08
N VAL E 3 1.16 19.69 -31.34
CA VAL E 3 0.42 19.53 -32.60
C VAL E 3 -1.02 19.94 -32.38
N ILE E 4 -1.51 20.85 -33.23
CA ILE E 4 -2.87 21.37 -33.20
C ILE E 4 -3.40 21.32 -34.63
N PRO E 5 -4.64 20.94 -34.86
CA PRO E 5 -5.22 21.06 -36.22
C PRO E 5 -5.38 22.52 -36.61
N PRO E 6 -5.12 22.87 -37.86
CA PRO E 6 -5.13 24.31 -38.23
C PRO E 6 -6.52 24.93 -38.29
N GLY E 7 -7.56 24.14 -38.56
CA GLY E 7 -8.89 24.67 -38.56
C GLY E 7 -9.38 25.00 -37.17
N MET E 8 -10.30 25.96 -37.09
CA MET E 8 -10.83 26.41 -35.81
C MET E 8 -11.94 25.50 -35.33
N SER E 9 -12.02 25.36 -34.01
CA SER E 9 -13.08 24.57 -33.44
C SER E 9 -14.35 25.39 -33.36
N GLU E 10 -15.44 24.72 -33.02
CA GLU E 10 -16.69 25.43 -32.84
C GLU E 10 -16.55 26.52 -31.79
N GLU E 11 -16.02 26.18 -30.62
CA GLU E 11 -15.90 27.14 -29.52
C GLU E 11 -15.01 28.31 -29.92
N GLU E 12 -13.98 28.07 -30.74
CA GLU E 12 -13.15 29.17 -31.22
C GLU E 12 -13.95 30.13 -32.10
N GLU E 13 -14.67 29.61 -33.11
CA GLU E 13 -15.46 30.49 -33.97
C GLU E 13 -16.53 31.24 -33.19
N ALA E 14 -17.15 30.60 -32.19
CA ALA E 14 -18.07 31.32 -31.33
C ALA E 14 -17.33 32.48 -30.61
N LEU E 15 -16.13 32.22 -30.12
CA LEU E 15 -15.35 33.27 -29.47
C LEU E 15 -15.10 34.43 -30.41
N GLN E 16 -14.67 34.13 -31.64
CA GLN E 16 -14.41 35.19 -32.59
C GLN E 16 -15.68 35.94 -32.96
N LYS E 17 -16.83 35.27 -32.93
CA LYS E 17 -18.11 35.97 -33.16
C LYS E 17 -18.46 36.88 -32.00
N LYS E 18 -18.34 36.37 -30.77
CA LYS E 18 -18.54 37.26 -29.63
C LYS E 18 -17.57 38.43 -29.66
N PHE E 19 -16.34 38.21 -30.15
CA PHE E 19 -15.38 39.32 -30.28
C PHE E 19 -15.94 40.43 -31.15
N MET E 20 -16.49 40.06 -32.32
CA MET E 20 -16.96 41.04 -33.28
C MET E 20 -18.26 41.67 -32.80
N LYS E 21 -19.13 40.88 -32.18
CA LYS E 21 -20.33 41.44 -31.59
C LYS E 21 -19.98 42.53 -30.60
N LEU E 22 -18.89 42.36 -29.85
CA LEU E 22 -18.48 43.33 -28.84
C LEU E 22 -17.80 44.54 -29.45
N LYS E 23 -17.12 44.37 -30.59
CA LYS E 23 -16.52 45.51 -31.25
C LYS E 23 -17.60 46.48 -31.71
N LYS E 24 -18.61 45.96 -32.41
CA LYS E 24 -19.74 46.78 -32.86
C LYS E 24 -20.38 47.54 -31.70
N LYS E 25 -20.71 46.83 -30.62
CA LYS E 25 -21.35 47.47 -29.49
C LYS E 25 -20.51 48.62 -28.97
N LYS E 26 -19.18 48.44 -28.91
CA LYS E 26 -18.32 49.46 -28.32
C LYS E 26 -18.16 50.66 -29.25
N LYS E 27 -18.26 50.43 -30.56
CA LYS E 27 -18.27 51.54 -31.51
C LYS E 27 -19.57 52.34 -31.39
N ALA E 28 -20.71 51.64 -31.45
CA ALA E 28 -22.00 52.29 -31.25
C ALA E 28 -22.08 53.03 -29.91
N LEU E 29 -21.48 52.50 -28.87
CA LEU E 29 -21.47 53.19 -27.60
C LEU E 29 -20.67 54.44 -27.74
N MET E 30 -19.61 54.36 -28.50
CA MET E 30 -18.75 55.49 -28.67
C MET E 30 -19.45 56.70 -29.30
N ALA E 31 -20.27 56.48 -30.31
CA ALA E 31 -20.88 57.60 -30.95
C ALA E 31 -22.20 58.00 -30.32
N LEU E 32 -23.18 57.13 -30.46
CA LEU E 32 -24.48 57.36 -29.83
C LEU E 32 -24.50 56.90 -28.38
N LEU F 2 6.13 0.05 15.85
CA LEU F 2 5.94 1.48 15.66
C LEU F 2 6.77 2.26 16.69
N VAL F 3 6.76 1.79 17.94
CA VAL F 3 7.57 2.41 18.99
C VAL F 3 8.94 1.73 18.97
N ILE F 4 9.95 2.46 18.49
CA ILE F 4 11.33 2.00 18.52
C ILE F 4 12.09 2.89 19.49
N PRO F 5 12.96 2.35 20.33
CA PRO F 5 13.83 3.20 21.15
C PRO F 5 14.83 3.93 20.27
N PRO F 6 15.14 5.20 20.57
CA PRO F 6 15.94 6.00 19.62
C PRO F 6 17.40 5.57 19.52
N GLY F 7 18.01 5.06 20.59
CA GLY F 7 19.39 4.66 20.51
C GLY F 7 19.59 3.32 19.81
N MET F 8 20.74 3.19 19.16
CA MET F 8 21.03 2.01 18.36
C MET F 8 21.47 0.81 19.22
N SER F 9 21.02 -0.36 18.82
CA SER F 9 21.41 -1.60 19.46
C SER F 9 22.83 -2.00 19.07
N GLU F 10 23.33 -3.06 19.69
CA GLU F 10 24.66 -3.55 19.37
C GLU F 10 24.72 -4.01 17.92
N GLU F 11 23.71 -4.75 17.47
CA GLU F 11 23.74 -5.26 16.12
C GLU F 11 23.70 -4.13 15.09
N GLU F 12 23.10 -2.98 15.41
CA GLU F 12 23.11 -1.88 14.46
C GLU F 12 24.49 -1.22 14.38
N GLU F 13 25.08 -0.86 15.53
CA GLU F 13 26.44 -0.31 15.53
C GLU F 13 27.41 -1.23 14.80
N ALA F 14 27.28 -2.53 15.00
CA ALA F 14 28.11 -3.49 14.27
C ALA F 14 27.92 -3.31 12.77
N LEU F 15 26.66 -3.23 12.32
CA LEU F 15 26.38 -3.07 10.90
C LEU F 15 27.00 -1.78 10.36
N GLN F 16 26.89 -0.68 11.10
CA GLN F 16 27.46 0.57 10.64
C GLN F 16 28.99 0.49 10.56
N LYS F 17 29.63 -0.15 11.54
CA LYS F 17 31.07 -0.34 11.43
C LYS F 17 31.44 -1.20 10.22
N LYS F 18 30.67 -2.20 9.96
CA LYS F 18 30.86 -3.02 8.81
C LYS F 18 30.67 -2.18 7.57
N PHE F 19 29.75 -1.23 7.60
CA PHE F 19 29.53 -0.31 6.49
C PHE F 19 30.77 0.51 6.21
N MET F 20 31.31 1.17 7.24
CA MET F 20 32.48 2.03 7.05
C MET F 20 33.72 1.22 6.72
N LYS F 21 33.75 -0.05 7.13
CA LYS F 21 34.89 -0.91 6.84
C LYS F 21 34.93 -1.26 5.36
N LEU F 22 33.76 -1.54 4.77
CA LEU F 22 33.72 -1.88 3.35
C LEU F 22 33.85 -0.64 2.46
N LYS F 23 33.55 0.54 3.01
CA LYS F 23 33.90 1.77 2.30
C LYS F 23 35.40 1.88 2.12
N LYS F 24 36.16 1.74 3.22
CA LYS F 24 37.62 1.84 3.17
C LYS F 24 38.20 0.93 2.08
N LYS F 25 37.72 -0.31 2.02
CA LYS F 25 38.25 -1.25 1.03
C LYS F 25 37.81 -0.89 -0.39
N LYS F 26 36.55 -0.48 -0.56
CA LYS F 26 36.05 -0.23 -1.91
C LYS F 26 36.69 0.99 -2.55
N LYS F 27 37.20 1.92 -1.75
CA LYS F 27 37.87 3.10 -2.26
C LYS F 27 39.38 2.94 -2.31
N ALA F 28 39.94 1.89 -1.70
CA ALA F 28 41.31 1.50 -1.99
C ALA F 28 41.38 0.63 -3.24
N LEU F 29 40.30 -0.10 -3.56
CA LEU F 29 40.27 -0.90 -4.78
C LEU F 29 40.37 -0.01 -6.02
N MET F 30 39.46 0.95 -6.16
CA MET F 30 39.49 1.75 -7.38
C MET F 30 40.69 2.68 -7.43
N ALA F 31 41.43 2.82 -6.33
CA ALA F 31 42.69 3.57 -6.37
C ALA F 31 43.82 2.73 -6.98
N LEU F 32 43.79 1.43 -6.79
CA LEU F 32 44.89 0.55 -7.20
C LEU F 32 44.62 -0.07 -8.56
#